data_1EI8
# 
_entry.id   1EI8 
# 
_audit_conform.dict_name       mmcif_pdbx.dic 
_audit_conform.dict_version    5.403 
_audit_conform.dict_location   http://mmcif.pdb.org/dictionaries/ascii/mmcif_pdbx.dic 
# 
loop_
_database_2.database_id 
_database_2.database_code 
_database_2.pdbx_database_accession 
_database_2.pdbx_DOI 
PDB   1EI8         pdb_00001ei8 10.2210/pdb1ei8/pdb 
RCSB  RCSB010600   ?            ?                   
WWPDB D_1000010600 ?            ?                   
# 
loop_
_pdbx_audit_revision_history.ordinal 
_pdbx_audit_revision_history.data_content_type 
_pdbx_audit_revision_history.major_revision 
_pdbx_audit_revision_history.minor_revision 
_pdbx_audit_revision_history.revision_date 
_pdbx_audit_revision_history.part_number 
1 'Structure model' 1 0 2003-09-09 ? 
2 'Structure model' 1 1 2008-04-27 ? 
3 'Structure model' 1 2 2011-07-13 ? 
4 'Structure model' 1 3 2025-03-26 ? 
# 
_pdbx_audit_revision_details.ordinal             1 
_pdbx_audit_revision_details.revision_ordinal    1 
_pdbx_audit_revision_details.data_content_type   'Structure model' 
_pdbx_audit_revision_details.provider            repository 
_pdbx_audit_revision_details.type                'Initial release' 
_pdbx_audit_revision_details.description         ? 
_pdbx_audit_revision_details.details             ? 
# 
loop_
_pdbx_audit_revision_group.ordinal 
_pdbx_audit_revision_group.revision_ordinal 
_pdbx_audit_revision_group.data_content_type 
_pdbx_audit_revision_group.group 
1 2 'Structure model' 'Version format compliance' 
2 3 'Structure model' 'Version format compliance' 
3 4 'Structure model' 'Data collection'           
4 4 'Structure model' 'Database references'       
5 4 'Structure model' 'Derived calculations'      
6 4 'Structure model' 'Structure summary'         
# 
loop_
_pdbx_audit_revision_category.ordinal 
_pdbx_audit_revision_category.revision_ordinal 
_pdbx_audit_revision_category.data_content_type 
_pdbx_audit_revision_category.category 
1 4 'Structure model' chem_comp_atom            
2 4 'Structure model' chem_comp_bond            
3 4 'Structure model' database_2                
4 4 'Structure model' pdbx_entry_details        
5 4 'Structure model' pdbx_modification_feature 
6 4 'Structure model' struct_conn               
# 
loop_
_pdbx_audit_revision_item.ordinal 
_pdbx_audit_revision_item.revision_ordinal 
_pdbx_audit_revision_item.data_content_type 
_pdbx_audit_revision_item.item 
1 4 'Structure model' '_database_2.pdbx_DOI'                
2 4 'Structure model' '_database_2.pdbx_database_accession' 
3 4 'Structure model' '_struct_conn.pdbx_leaving_atom_flag' 
# 
_pdbx_database_status.status_code                     REL 
_pdbx_database_status.entry_id                        1EI8 
_pdbx_database_status.recvd_initial_deposition_date   2000-02-24 
_pdbx_database_status.deposit_site                    RCSB 
_pdbx_database_status.process_site                    RCSB 
_pdbx_database_status.status_code_sf                  REL 
_pdbx_database_status.SG_entry                        . 
_pdbx_database_status.pdb_format_compatible           Y 
_pdbx_database_status.status_code_mr                  ? 
_pdbx_database_status.status_code_cs                  ? 
_pdbx_database_status.status_code_nmr_data            ? 
_pdbx_database_status.methods_development_category    ? 
# 
_pdbx_database_related.db_name        PDB 
_pdbx_database_related.db_id          1QSU 
_pdbx_database_related.details        '(PRO-HYP-GLY)4-GLU-LYS-GLY(PRO-HYP-GLY)5' 
_pdbx_database_related.content_type   unspecified 
# 
loop_
_audit_author.name 
_audit_author.pdbx_ordinal 
'Berman, H.M.' 1 
'Liu, J.'      2 
# 
_citation.id                        primary 
_citation.title                     'Conformational effects of gly-x-gly interruptions in the collagen triple helix.' 
_citation.journal_abbrev            J.Mol.Biol. 
_citation.journal_volume            362 
_citation.page_first                298 
_citation.page_last                 311 
_citation.year                      2006 
_citation.journal_id_ASTM           JMOBAK 
_citation.country                   UK 
_citation.journal_id_ISSN           0022-2836 
_citation.journal_id_CSD            0070 
_citation.book_publisher            ? 
_citation.pdbx_database_id_PubMed   16919298 
_citation.pdbx_database_id_DOI      10.1016/j.jmb.2006.07.014 
# 
loop_
_citation_author.citation_id 
_citation_author.name 
_citation_author.ordinal 
_citation_author.identifier_ORCID 
primary 'Bella, J.'    1 ? 
primary 'Liu, J.'      2 ? 
primary 'Kramer, R.'   3 ? 
primary 'Brodsky, B.'  4 ? 
primary 'Berman, H.M.' 5 ? 
# 
loop_
_entity.id 
_entity.type 
_entity.src_method 
_entity.pdbx_description 
_entity.formula_weight 
_entity.pdbx_number_of_molecules 
_entity.pdbx_ec 
_entity.pdbx_mutation 
_entity.pdbx_fragment 
_entity.details 
1 polymer syn 'COLLAGEN-LIKE PEPTIDE (PRO-HYP-GLY)4-PG-(PRO-HYP-GLY)5' 2577.713 6   ? ? ? ? 
2 water   nat water                                                    18.015   249 ? ? ? ? 
# 
_entity_poly.entity_id                      1 
_entity_poly.type                           'polypeptide(L)' 
_entity_poly.nstd_linkage                   no 
_entity_poly.nstd_monomer                   yes 
_entity_poly.pdbx_seq_one_letter_code       'P(HYP)GP(HYP)GP(HYP)GP(HYP)GPGP(HYP)GP(HYP)GP(HYP)GP(HYP)GP(HYP)G' 
_entity_poly.pdbx_seq_one_letter_code_can   PPGPPGPPGPPGPGPPGPPGPPGPPGPPG 
_entity_poly.pdbx_strand_id                 A,B,C,D,E,F 
_entity_poly.pdbx_target_identifier         ? 
# 
_pdbx_entity_nonpoly.entity_id   2 
_pdbx_entity_nonpoly.name        water 
_pdbx_entity_nonpoly.comp_id     HOH 
# 
loop_
_entity_poly_seq.entity_id 
_entity_poly_seq.num 
_entity_poly_seq.mon_id 
_entity_poly_seq.hetero 
1 1  PRO n 
1 2  HYP n 
1 3  GLY n 
1 4  PRO n 
1 5  HYP n 
1 6  GLY n 
1 7  PRO n 
1 8  HYP n 
1 9  GLY n 
1 10 PRO n 
1 11 HYP n 
1 12 GLY n 
1 13 PRO n 
1 14 GLY n 
1 15 PRO n 
1 16 HYP n 
1 17 GLY n 
1 18 PRO n 
1 19 HYP n 
1 20 GLY n 
1 21 PRO n 
1 22 HYP n 
1 23 GLY n 
1 24 PRO n 
1 25 HYP n 
1 26 GLY n 
1 27 PRO n 
1 28 HYP n 
1 29 GLY n 
# 
_pdbx_entity_src_syn.entity_id              1 
_pdbx_entity_src_syn.pdbx_src_id            1 
_pdbx_entity_src_syn.pdbx_alt_source_flag   sample 
_pdbx_entity_src_syn.pdbx_beg_seq_num       ? 
_pdbx_entity_src_syn.pdbx_end_seq_num       ? 
_pdbx_entity_src_syn.organism_scientific    ? 
_pdbx_entity_src_syn.organism_common_name   ? 
_pdbx_entity_src_syn.ncbi_taxonomy_id       ? 
_pdbx_entity_src_syn.details                'This peptide was chemically synthesized.' 
# 
loop_
_chem_comp.id 
_chem_comp.type 
_chem_comp.mon_nstd_flag 
_chem_comp.name 
_chem_comp.pdbx_synonyms 
_chem_comp.formula 
_chem_comp.formula_weight 
GLY 'peptide linking'   y GLYCINE          ?              'C2 H5 N O2' 75.067  
HOH non-polymer         . WATER            ?              'H2 O'       18.015  
HYP 'L-peptide linking' n 4-HYDROXYPROLINE HYDROXYPROLINE 'C5 H9 N O3' 131.130 
PRO 'L-peptide linking' y PROLINE          ?              'C5 H9 N O2' 115.130 
# 
loop_
_pdbx_poly_seq_scheme.asym_id 
_pdbx_poly_seq_scheme.entity_id 
_pdbx_poly_seq_scheme.seq_id 
_pdbx_poly_seq_scheme.mon_id 
_pdbx_poly_seq_scheme.ndb_seq_num 
_pdbx_poly_seq_scheme.pdb_seq_num 
_pdbx_poly_seq_scheme.auth_seq_num 
_pdbx_poly_seq_scheme.pdb_mon_id 
_pdbx_poly_seq_scheme.auth_mon_id 
_pdbx_poly_seq_scheme.pdb_strand_id 
_pdbx_poly_seq_scheme.pdb_ins_code 
_pdbx_poly_seq_scheme.hetero 
A 1 1  PRO 1  1   1   PRO PRO A . n 
A 1 2  HYP 2  2   2   HYP HYP A . n 
A 1 3  GLY 3  3   3   GLY GLY A . n 
A 1 4  PRO 4  4   4   PRO PRO A . n 
A 1 5  HYP 5  5   5   HYP HYP A . n 
A 1 6  GLY 6  6   6   GLY GLY A . n 
A 1 7  PRO 7  7   7   PRO PRO A . n 
A 1 8  HYP 8  8   8   HYP HYP A . n 
A 1 9  GLY 9  9   9   GLY GLY A . n 
A 1 10 PRO 10 10  10  PRO PRO A . n 
A 1 11 HYP 11 11  11  HYP HYP A . n 
A 1 12 GLY 12 12  12  GLY GLY A . n 
A 1 13 PRO 13 13  13  PRO PRO A . n 
A 1 14 GLY 14 14  14  GLY GLY A . n 
A 1 15 PRO 15 15  15  PRO PRO A . n 
A 1 16 HYP 16 16  16  HYP HYP A . n 
A 1 17 GLY 17 17  17  GLY GLY A . n 
A 1 18 PRO 18 18  18  PRO PRO A . n 
A 1 19 HYP 19 19  19  HYP HYP A . n 
A 1 20 GLY 20 20  20  GLY GLY A . n 
A 1 21 PRO 21 21  21  PRO PRO A . n 
A 1 22 HYP 22 22  22  HYP HYP A . n 
A 1 23 GLY 23 23  23  GLY GLY A . n 
A 1 24 PRO 24 24  24  PRO PRO A . n 
A 1 25 HYP 25 25  25  HYP HYP A . n 
A 1 26 GLY 26 26  26  GLY GLY A . n 
A 1 27 PRO 27 27  27  PRO PRO A . n 
A 1 28 HYP 28 28  28  HYP HYP A . n 
A 1 29 GLY 29 29  29  GLY GLY A . n 
B 1 1  PRO 1  31  31  PRO PRO B . n 
B 1 2  HYP 2  32  32  HYP HYP B . n 
B 1 3  GLY 3  33  33  GLY GLY B . n 
B 1 4  PRO 4  34  34  PRO PRO B . n 
B 1 5  HYP 5  35  35  HYP HYP B . n 
B 1 6  GLY 6  36  36  GLY GLY B . n 
B 1 7  PRO 7  37  37  PRO PRO B . n 
B 1 8  HYP 8  38  38  HYP HYP B . n 
B 1 9  GLY 9  39  39  GLY GLY B . n 
B 1 10 PRO 10 40  40  PRO PRO B . n 
B 1 11 HYP 11 41  41  HYP HYP B . n 
B 1 12 GLY 12 42  42  GLY GLY B . n 
B 1 13 PRO 13 43  43  PRO PRO B . n 
B 1 14 GLY 14 44  44  GLY GLY B . n 
B 1 15 PRO 15 45  45  PRO PRO B . n 
B 1 16 HYP 16 46  46  HYP HYP B . n 
B 1 17 GLY 17 47  47  GLY GLY B . n 
B 1 18 PRO 18 48  48  PRO PRO B . n 
B 1 19 HYP 19 49  49  HYP HYP B . n 
B 1 20 GLY 20 50  50  GLY GLY B . n 
B 1 21 PRO 21 51  51  PRO PRO B . n 
B 1 22 HYP 22 52  52  HYP HYP B . n 
B 1 23 GLY 23 53  53  GLY GLY B . n 
B 1 24 PRO 24 54  54  PRO PRO B . n 
B 1 25 HYP 25 55  55  HYP HYP B . n 
B 1 26 GLY 26 56  56  GLY GLY B . n 
B 1 27 PRO 27 57  57  PRO PRO B . n 
B 1 28 HYP 28 58  58  HYP HYP B . n 
B 1 29 GLY 29 59  59  GLY GLY B . n 
C 1 1  PRO 1  61  61  PRO PRO C . n 
C 1 2  HYP 2  62  62  HYP HYP C . n 
C 1 3  GLY 3  63  63  GLY GLY C . n 
C 1 4  PRO 4  64  64  PRO PRO C . n 
C 1 5  HYP 5  65  65  HYP HYP C . n 
C 1 6  GLY 6  66  66  GLY GLY C . n 
C 1 7  PRO 7  67  67  PRO PRO C . n 
C 1 8  HYP 8  68  68  HYP HYP C . n 
C 1 9  GLY 9  69  69  GLY GLY C . n 
C 1 10 PRO 10 70  70  PRO PRO C . n 
C 1 11 HYP 11 71  71  HYP HYP C . n 
C 1 12 GLY 12 72  72  GLY GLY C . n 
C 1 13 PRO 13 73  73  PRO PRO C . n 
C 1 14 GLY 14 74  74  GLY GLY C . n 
C 1 15 PRO 15 75  75  PRO PRO C . n 
C 1 16 HYP 16 76  76  HYP HYP C . n 
C 1 17 GLY 17 77  77  GLY GLY C . n 
C 1 18 PRO 18 78  78  PRO PRO C . n 
C 1 19 HYP 19 79  79  HYP HYP C . n 
C 1 20 GLY 20 80  80  GLY GLY C . n 
C 1 21 PRO 21 81  81  PRO PRO C . n 
C 1 22 HYP 22 82  82  HYP HYP C . n 
C 1 23 GLY 23 83  83  GLY GLY C . n 
C 1 24 PRO 24 84  84  PRO PRO C . n 
C 1 25 HYP 25 85  85  HYP HYP C . n 
C 1 26 GLY 26 86  86  GLY GLY C . n 
C 1 27 PRO 27 87  ?   ?   ?   C . n 
C 1 28 HYP 28 88  ?   ?   ?   C . n 
C 1 29 GLY 29 89  ?   ?   ?   C . n 
D 1 1  PRO 1  91  91  PRO PRO D . n 
D 1 2  HYP 2  92  92  HYP HYP D . n 
D 1 3  GLY 3  93  93  GLY GLY D . n 
D 1 4  PRO 4  94  94  PRO PRO D . n 
D 1 5  HYP 5  95  95  HYP HYP D . n 
D 1 6  GLY 6  96  96  GLY GLY D . n 
D 1 7  PRO 7  97  97  PRO PRO D . n 
D 1 8  HYP 8  98  98  HYP HYP D . n 
D 1 9  GLY 9  99  99  GLY GLY D . n 
D 1 10 PRO 10 100 100 PRO PRO D . n 
D 1 11 HYP 11 101 101 HYP HYP D . n 
D 1 12 GLY 12 102 102 GLY GLY D . n 
D 1 13 PRO 13 103 103 PRO PRO D . n 
D 1 14 GLY 14 104 104 GLY GLY D . n 
D 1 15 PRO 15 105 105 PRO PRO D . n 
D 1 16 HYP 16 106 106 HYP HYP D . n 
D 1 17 GLY 17 107 107 GLY GLY D . n 
D 1 18 PRO 18 108 108 PRO PRO D . n 
D 1 19 HYP 19 109 109 HYP HYP D . n 
D 1 20 GLY 20 110 110 GLY GLY D . n 
D 1 21 PRO 21 111 111 PRO PRO D . n 
D 1 22 HYP 22 112 112 HYP HYP D . n 
D 1 23 GLY 23 113 113 GLY GLY D . n 
D 1 24 PRO 24 114 114 PRO PRO D . n 
D 1 25 HYP 25 115 115 HYP HYP D . n 
D 1 26 GLY 26 116 116 GLY GLY D . n 
D 1 27 PRO 27 117 117 PRO PRO D . n 
D 1 28 HYP 28 118 118 HYP HYP D . n 
D 1 29 GLY 29 119 119 GLY GLY D . n 
E 1 1  PRO 1  121 121 PRO PRO E . n 
E 1 2  HYP 2  122 122 HYP HYP E . n 
E 1 3  GLY 3  123 123 GLY GLY E . n 
E 1 4  PRO 4  124 124 PRO PRO E . n 
E 1 5  HYP 5  125 125 HYP HYP E . n 
E 1 6  GLY 6  126 126 GLY GLY E . n 
E 1 7  PRO 7  127 127 PRO PRO E . n 
E 1 8  HYP 8  128 128 HYP HYP E . n 
E 1 9  GLY 9  129 129 GLY GLY E . n 
E 1 10 PRO 10 130 130 PRO PRO E . n 
E 1 11 HYP 11 131 131 HYP HYP E . n 
E 1 12 GLY 12 132 132 GLY GLY E . n 
E 1 13 PRO 13 133 133 PRO PRO E . n 
E 1 14 GLY 14 134 134 GLY GLY E . n 
E 1 15 PRO 15 135 135 PRO PRO E . n 
E 1 16 HYP 16 136 136 HYP HYP E . n 
E 1 17 GLY 17 137 137 GLY GLY E . n 
E 1 18 PRO 18 138 138 PRO PRO E . n 
E 1 19 HYP 19 139 139 HYP HYP E . n 
E 1 20 GLY 20 140 140 GLY GLY E . n 
E 1 21 PRO 21 141 141 PRO PRO E . n 
E 1 22 HYP 22 142 142 HYP HYP E . n 
E 1 23 GLY 23 143 143 GLY GLY E . n 
E 1 24 PRO 24 144 144 PRO PRO E . n 
E 1 25 HYP 25 145 145 HYP HYP E . n 
E 1 26 GLY 26 146 146 GLY GLY E . n 
E 1 27 PRO 27 147 147 PRO PRO E . n 
E 1 28 HYP 28 148 148 HYP HYP E . n 
E 1 29 GLY 29 149 149 GLY GLY E . n 
F 1 1  PRO 1  151 151 PRO PRO F . n 
F 1 2  HYP 2  152 152 HYP HYP F . n 
F 1 3  GLY 3  153 153 GLY GLY F . n 
F 1 4  PRO 4  154 154 PRO PRO F . n 
F 1 5  HYP 5  155 155 HYP HYP F . n 
F 1 6  GLY 6  156 156 GLY GLY F . n 
F 1 7  PRO 7  157 157 PRO PRO F . n 
F 1 8  HYP 8  158 158 HYP HYP F . n 
F 1 9  GLY 9  159 159 GLY GLY F . n 
F 1 10 PRO 10 160 160 PRO PRO F . n 
F 1 11 HYP 11 161 161 HYP HYP F . n 
F 1 12 GLY 12 162 162 GLY GLY F . n 
F 1 13 PRO 13 163 163 PRO PRO F . n 
F 1 14 GLY 14 164 164 GLY GLY F . n 
F 1 15 PRO 15 165 165 PRO PRO F . n 
F 1 16 HYP 16 166 166 HYP HYP F . n 
F 1 17 GLY 17 167 167 GLY GLY F . n 
F 1 18 PRO 18 168 168 PRO PRO F . n 
F 1 19 HYP 19 169 169 HYP HYP F . n 
F 1 20 GLY 20 170 170 GLY GLY F . n 
F 1 21 PRO 21 171 171 PRO PRO F . n 
F 1 22 HYP 22 172 172 HYP HYP F . n 
F 1 23 GLY 23 173 173 GLY GLY F . n 
F 1 24 PRO 24 174 174 PRO PRO F . n 
F 1 25 HYP 25 175 175 HYP HYP F . n 
F 1 26 GLY 26 176 176 GLY GLY F . n 
F 1 27 PRO 27 177 177 PRO PRO F . n 
F 1 28 HYP 28 178 178 HYP HYP F . n 
F 1 29 GLY 29 179 179 GLY GLY F . n 
# 
loop_
_pdbx_nonpoly_scheme.asym_id 
_pdbx_nonpoly_scheme.entity_id 
_pdbx_nonpoly_scheme.mon_id 
_pdbx_nonpoly_scheme.ndb_seq_num 
_pdbx_nonpoly_scheme.pdb_seq_num 
_pdbx_nonpoly_scheme.auth_seq_num 
_pdbx_nonpoly_scheme.pdb_mon_id 
_pdbx_nonpoly_scheme.auth_mon_id 
_pdbx_nonpoly_scheme.pdb_strand_id 
_pdbx_nonpoly_scheme.pdb_ins_code 
G 2 HOH 1  1009 1009 HOH WAT A . 
G 2 HOH 2  1011 1011 HOH WAT A . 
G 2 HOH 3  1023 1023 HOH WAT A . 
G 2 HOH 4  1032 1032 HOH WAT A . 
G 2 HOH 5  1036 1036 HOH WAT A . 
G 2 HOH 6  1039 1039 HOH WAT A . 
G 2 HOH 7  1045 1045 HOH WAT A . 
G 2 HOH 8  1074 1074 HOH WAT A . 
G 2 HOH 9  1078 1078 HOH WAT A . 
G 2 HOH 10 1080 1080 HOH WAT A . 
G 2 HOH 11 1105 1105 HOH WAT A . 
G 2 HOH 12 1134 1134 HOH WAT A . 
G 2 HOH 13 1135 1135 HOH WAT A . 
G 2 HOH 14 1143 1143 HOH WAT A . 
G 2 HOH 15 1145 1145 HOH WAT A . 
G 2 HOH 16 1162 1162 HOH WAT A . 
G 2 HOH 17 1164 1164 HOH WAT A . 
G 2 HOH 18 1174 1174 HOH WAT A . 
G 2 HOH 19 1185 1185 HOH WAT A . 
G 2 HOH 20 1190 1190 HOH WAT A . 
G 2 HOH 21 1208 1208 HOH WAT A . 
G 2 HOH 22 1222 1222 HOH WAT A . 
G 2 HOH 23 1241 1241 HOH WAT A . 
G 2 HOH 24 1250 1250 HOH WAT A . 
G 2 HOH 25 1269 1269 HOH WAT A . 
G 2 HOH 26 1286 1286 HOH WAT A . 
G 2 HOH 27 1308 1308 HOH WAT A . 
G 2 HOH 28 1310 1310 HOH WAT A . 
G 2 HOH 29 1311 1311 HOH WAT A . 
G 2 HOH 30 1315 1315 HOH WAT A . 
G 2 HOH 31 1318 1318 HOH WAT A . 
G 2 HOH 32 1324 1324 HOH WAT A . 
G 2 HOH 33 1326 1326 HOH WAT A . 
G 2 HOH 34 1334 1334 HOH WAT A . 
G 2 HOH 35 1360 1360 HOH WAT A . 
G 2 HOH 36 1369 1369 HOH WAT A . 
G 2 HOH 37 1390 1390 HOH WAT A . 
G 2 HOH 38 1391 1391 HOH WAT A . 
G 2 HOH 39 1394 1394 HOH WAT A . 
H 2 HOH 1  1006 1006 HOH WAT B . 
H 2 HOH 2  1015 1015 HOH WAT B . 
H 2 HOH 3  1016 1016 HOH WAT B . 
H 2 HOH 4  1025 1025 HOH WAT B . 
H 2 HOH 5  1028 1028 HOH WAT B . 
H 2 HOH 6  1030 1030 HOH WAT B . 
H 2 HOH 7  1042 1042 HOH WAT B . 
H 2 HOH 8  1047 1047 HOH WAT B . 
H 2 HOH 9  1048 1048 HOH WAT B . 
H 2 HOH 10 1052 1052 HOH WAT B . 
H 2 HOH 11 1054 1054 HOH WAT B . 
H 2 HOH 12 1059 1059 HOH WAT B . 
H 2 HOH 13 1082 1082 HOH WAT B . 
H 2 HOH 14 1092 1092 HOH WAT B . 
H 2 HOH 15 1097 1097 HOH WAT B . 
H 2 HOH 16 1099 1099 HOH WAT B . 
H 2 HOH 17 1114 1114 HOH WAT B . 
H 2 HOH 18 1119 1119 HOH WAT B . 
H 2 HOH 19 1120 1120 HOH WAT B . 
H 2 HOH 20 1138 1138 HOH WAT B . 
H 2 HOH 21 1155 1155 HOH WAT B . 
H 2 HOH 22 1189 1189 HOH WAT B . 
H 2 HOH 23 1195 1195 HOH WAT B . 
H 2 HOH 24 1202 1202 HOH WAT B . 
H 2 HOH 25 1204 1204 HOH WAT B . 
H 2 HOH 26 1206 1206 HOH WAT B . 
H 2 HOH 27 1229 1229 HOH WAT B . 
H 2 HOH 28 1243 1243 HOH WAT B . 
H 2 HOH 29 1254 1254 HOH WAT B . 
H 2 HOH 30 1258 1258 HOH WAT B . 
H 2 HOH 31 1267 1267 HOH WAT B . 
H 2 HOH 32 1290 1290 HOH WAT B . 
H 2 HOH 33 1294 1294 HOH WAT B . 
H 2 HOH 34 1297 1297 HOH WAT B . 
H 2 HOH 35 1299 1299 HOH WAT B . 
H 2 HOH 36 1314 1314 HOH WAT B . 
H 2 HOH 37 1361 1361 HOH WAT B . 
H 2 HOH 38 1379 1379 HOH WAT B . 
H 2 HOH 39 1385 1385 HOH WAT B . 
H 2 HOH 40 1406 1406 HOH WAT B . 
I 2 HOH 1  1001 1001 HOH WAT C . 
I 2 HOH 2  1020 1020 HOH WAT C . 
I 2 HOH 3  1026 1026 HOH WAT C . 
I 2 HOH 4  1033 1033 HOH WAT C . 
I 2 HOH 5  1040 1040 HOH WAT C . 
I 2 HOH 6  1051 1051 HOH WAT C . 
I 2 HOH 7  1062 1062 HOH WAT C . 
I 2 HOH 8  1063 1063 HOH WAT C . 
I 2 HOH 9  1064 1064 HOH WAT C . 
I 2 HOH 10 1065 1065 HOH WAT C . 
I 2 HOH 11 1067 1067 HOH WAT C . 
I 2 HOH 12 1070 1070 HOH WAT C . 
I 2 HOH 13 1076 1076 HOH WAT C . 
I 2 HOH 14 1085 1085 HOH WAT C . 
I 2 HOH 15 1090 1090 HOH WAT C . 
I 2 HOH 16 1102 1102 HOH WAT C . 
I 2 HOH 17 1103 1103 HOH WAT C . 
I 2 HOH 18 1107 1107 HOH WAT C . 
I 2 HOH 19 1122 1122 HOH WAT C . 
I 2 HOH 20 1125 1125 HOH WAT C . 
I 2 HOH 21 1136 1136 HOH WAT C . 
I 2 HOH 22 1139 1139 HOH WAT C . 
I 2 HOH 23 1154 1154 HOH WAT C . 
I 2 HOH 24 1163 1163 HOH WAT C . 
I 2 HOH 25 1182 1182 HOH WAT C . 
I 2 HOH 26 1196 1196 HOH WAT C . 
I 2 HOH 27 1201 1201 HOH WAT C . 
I 2 HOH 28 1207 1207 HOH WAT C . 
I 2 HOH 29 1214 1214 HOH WAT C . 
I 2 HOH 30 1216 1216 HOH WAT C . 
I 2 HOH 31 1223 1223 HOH WAT C . 
I 2 HOH 32 1239 1239 HOH WAT C . 
I 2 HOH 33 1271 1271 HOH WAT C . 
I 2 HOH 34 1272 1272 HOH WAT C . 
I 2 HOH 35 1274 1274 HOH WAT C . 
I 2 HOH 36 1275 1275 HOH WAT C . 
I 2 HOH 37 1280 1280 HOH WAT C . 
I 2 HOH 38 1283 1283 HOH WAT C . 
I 2 HOH 39 1289 1289 HOH WAT C . 
I 2 HOH 40 1296 1296 HOH WAT C . 
I 2 HOH 41 1298 1298 HOH WAT C . 
I 2 HOH 42 1307 1307 HOH WAT C . 
I 2 HOH 43 1323 1323 HOH WAT C . 
I 2 HOH 44 1352 1352 HOH WAT C . 
I 2 HOH 45 1395 1395 HOH WAT C . 
J 2 HOH 1  1004 1004 HOH WAT D . 
J 2 HOH 2  1007 1007 HOH WAT D . 
J 2 HOH 3  1013 1013 HOH WAT D . 
J 2 HOH 4  1019 1019 HOH WAT D . 
J 2 HOH 5  1024 1024 HOH WAT D . 
J 2 HOH 6  1035 1035 HOH WAT D . 
J 2 HOH 7  1038 1038 HOH WAT D . 
J 2 HOH 8  1041 1041 HOH WAT D . 
J 2 HOH 9  1068 1068 HOH WAT D . 
J 2 HOH 10 1075 1075 HOH WAT D . 
J 2 HOH 11 1083 1083 HOH WAT D . 
J 2 HOH 12 1084 1084 HOH WAT D . 
J 2 HOH 13 1086 1086 HOH WAT D . 
J 2 HOH 14 1100 1100 HOH WAT D . 
J 2 HOH 15 1101 1101 HOH WAT D . 
J 2 HOH 16 1106 1106 HOH WAT D . 
J 2 HOH 17 1110 1110 HOH WAT D . 
J 2 HOH 18 1115 1115 HOH WAT D . 
J 2 HOH 19 1117 1117 HOH WAT D . 
J 2 HOH 20 1124 1124 HOH WAT D . 
J 2 HOH 21 1131 1131 HOH WAT D . 
J 2 HOH 22 1141 1141 HOH WAT D . 
J 2 HOH 23 1147 1147 HOH WAT D . 
J 2 HOH 24 1149 1149 HOH WAT D . 
J 2 HOH 25 1152 1152 HOH WAT D . 
J 2 HOH 26 1157 1157 HOH WAT D . 
J 2 HOH 27 1158 1158 HOH WAT D . 
J 2 HOH 28 1160 1160 HOH WAT D . 
J 2 HOH 29 1167 1167 HOH WAT D . 
J 2 HOH 30 1186 1186 HOH WAT D . 
J 2 HOH 31 1197 1197 HOH WAT D . 
J 2 HOH 32 1217 1217 HOH WAT D . 
J 2 HOH 33 1231 1231 HOH WAT D . 
J 2 HOH 34 1237 1237 HOH WAT D . 
J 2 HOH 35 1247 1247 HOH WAT D . 
J 2 HOH 36 1260 1260 HOH WAT D . 
J 2 HOH 37 1266 1266 HOH WAT D . 
J 2 HOH 38 1276 1276 HOH WAT D . 
J 2 HOH 39 1277 1277 HOH WAT D . 
J 2 HOH 40 1281 1281 HOH WAT D . 
J 2 HOH 41 1292 1292 HOH WAT D . 
J 2 HOH 42 1301 1301 HOH WAT D . 
J 2 HOH 43 1304 1304 HOH WAT D . 
J 2 HOH 44 1322 1322 HOH WAT D . 
J 2 HOH 45 1333 1333 HOH WAT D . 
J 2 HOH 46 1338 1338 HOH WAT D . 
J 2 HOH 47 1343 1343 HOH WAT D . 
J 2 HOH 48 1349 1349 HOH WAT D . 
J 2 HOH 49 1365 1365 HOH WAT D . 
J 2 HOH 50 1378 1378 HOH WAT D . 
J 2 HOH 51 1382 1382 HOH WAT D . 
J 2 HOH 52 1407 1407 HOH WAT D . 
K 2 HOH 1  1003 1003 HOH WAT E . 
K 2 HOH 2  1008 1008 HOH WAT E . 
K 2 HOH 3  1010 1010 HOH WAT E . 
K 2 HOH 4  1014 1014 HOH WAT E . 
K 2 HOH 5  1017 1017 HOH WAT E . 
K 2 HOH 6  1022 1022 HOH WAT E . 
K 2 HOH 7  1029 1029 HOH WAT E . 
K 2 HOH 8  1034 1034 HOH WAT E . 
K 2 HOH 9  1046 1046 HOH WAT E . 
K 2 HOH 10 1057 1057 HOH WAT E . 
K 2 HOH 11 1069 1069 HOH WAT E . 
K 2 HOH 12 1071 1071 HOH WAT E . 
K 2 HOH 13 1089 1089 HOH WAT E . 
K 2 HOH 14 1127 1127 HOH WAT E . 
K 2 HOH 15 1140 1140 HOH WAT E . 
K 2 HOH 16 1144 1144 HOH WAT E . 
K 2 HOH 17 1148 1148 HOH WAT E . 
K 2 HOH 18 1169 1169 HOH WAT E . 
K 2 HOH 19 1181 1181 HOH WAT E . 
K 2 HOH 20 1183 1183 HOH WAT E . 
K 2 HOH 21 1200 1200 HOH WAT E . 
K 2 HOH 22 1270 1270 HOH WAT E . 
K 2 HOH 23 1284 1284 HOH WAT E . 
K 2 HOH 24 1306 1306 HOH WAT E . 
K 2 HOH 25 1328 1328 HOH WAT E . 
K 2 HOH 26 1329 1329 HOH WAT E . 
K 2 HOH 27 1331 1331 HOH WAT E . 
K 2 HOH 28 1355 1355 HOH WAT E . 
K 2 HOH 29 1371 1371 HOH WAT E . 
K 2 HOH 30 1372 1372 HOH WAT E . 
L 2 HOH 1  1002 1002 HOH WAT F . 
L 2 HOH 2  1012 1012 HOH WAT F . 
L 2 HOH 3  1018 1018 HOH WAT F . 
L 2 HOH 4  1021 1021 HOH WAT F . 
L 2 HOH 5  1027 1027 HOH WAT F . 
L 2 HOH 6  1031 1031 HOH WAT F . 
L 2 HOH 7  1044 1044 HOH WAT F . 
L 2 HOH 8  1049 1049 HOH WAT F . 
L 2 HOH 9  1055 1055 HOH WAT F . 
L 2 HOH 10 1058 1058 HOH WAT F . 
L 2 HOH 11 1072 1072 HOH WAT F . 
L 2 HOH 12 1077 1077 HOH WAT F . 
L 2 HOH 13 1095 1095 HOH WAT F . 
L 2 HOH 14 1096 1096 HOH WAT F . 
L 2 HOH 15 1104 1104 HOH WAT F . 
L 2 HOH 16 1112 1112 HOH WAT F . 
L 2 HOH 17 1116 1116 HOH WAT F . 
L 2 HOH 18 1128 1128 HOH WAT F . 
L 2 HOH 19 1133 1133 HOH WAT F . 
L 2 HOH 20 1166 1166 HOH WAT F . 
L 2 HOH 21 1168 1168 HOH WAT F . 
L 2 HOH 22 1172 1172 HOH WAT F . 
L 2 HOH 23 1177 1177 HOH WAT F . 
L 2 HOH 24 1188 1188 HOH WAT F . 
L 2 HOH 25 1192 1192 HOH WAT F . 
L 2 HOH 26 1199 1199 HOH WAT F . 
L 2 HOH 27 1209 1209 HOH WAT F . 
L 2 HOH 28 1226 1226 HOH WAT F . 
L 2 HOH 29 1228 1228 HOH WAT F . 
L 2 HOH 30 1232 1232 HOH WAT F . 
L 2 HOH 31 1233 1233 HOH WAT F . 
L 2 HOH 32 1234 1234 HOH WAT F . 
L 2 HOH 33 1278 1278 HOH WAT F . 
L 2 HOH 34 1288 1288 HOH WAT F . 
L 2 HOH 35 1293 1293 HOH WAT F . 
L 2 HOH 36 1302 1302 HOH WAT F . 
L 2 HOH 37 1319 1319 HOH WAT F . 
L 2 HOH 38 1321 1321 HOH WAT F . 
L 2 HOH 39 1351 1351 HOH WAT F . 
L 2 HOH 40 1356 1356 HOH WAT F . 
L 2 HOH 41 1374 1374 HOH WAT F . 
L 2 HOH 42 1388 1388 HOH WAT F . 
L 2 HOH 43 1389 1389 HOH WAT F . 
# 
loop_
_software.name 
_software.classification 
_software.version 
_software.citation_id 
_software.pdbx_ordinal 
DENZO     'data reduction' . ? 1 
SCALEPACK 'data scaling'   . ? 2 
AMoRE     phasing          . ? 3 
CNS       refinement       . ? 4 
# 
_cell.entry_id           1EI8 
_cell.length_a           14.150 
_cell.length_b           23.770 
_cell.length_c           82.210 
_cell.angle_alpha        85.86 
_cell.angle_beta         85.54 
_cell.angle_gamma        84.34 
_cell.Z_PDB              6 
_cell.pdbx_unique_axis   ? 
# 
_symmetry.entry_id                         1EI8 
_symmetry.space_group_name_H-M             'P 1' 
_symmetry.pdbx_full_space_group_name_H-M   ? 
_symmetry.cell_setting                     ? 
_symmetry.Int_Tables_number                1 
# 
_exptl.entry_id          1EI8 
_exptl.method            'X-RAY DIFFRACTION' 
_exptl.crystals_number   1 
# 
_exptl_crystal.id                    1 
_exptl_crystal.density_meas          ? 
_exptl_crystal.density_Matthews      1.77 
_exptl_crystal.density_percent_sol   30.51 
_exptl_crystal.description           ? 
# 
_exptl_crystal_grow.crystal_id      1 
_exptl_crystal_grow.method          'VAPOR DIFFUSION, HANGING DROP' 
_exptl_crystal_grow.temp            277 
_exptl_crystal_grow.temp_details    ? 
_exptl_crystal_grow.pH              ? 
_exptl_crystal_grow.pdbx_details    '10% acetic acid, 15% PEG400, pH N/A, VAPOR DIFFUSION, HANGING DROP, temperature 277K' 
_exptl_crystal_grow.pdbx_pH_range   . 
# 
_diffrn.id                     1 
_diffrn.ambient_temp           123 
_diffrn.ambient_temp_details   ? 
_diffrn.crystal_id             1 
# 
_diffrn_detector.diffrn_id              1 
_diffrn_detector.detector               'IMAGE PLATE' 
_diffrn_detector.type                   'RIGAKU RAXIS II' 
_diffrn_detector.pdbx_collection_date   1995-10-07 
_diffrn_detector.details                ? 
# 
_diffrn_radiation.diffrn_id                        1 
_diffrn_radiation.wavelength_id                    1 
_diffrn_radiation.pdbx_monochromatic_or_laue_m_l   M 
_diffrn_radiation.monochromator                    ? 
_diffrn_radiation.pdbx_diffrn_protocol             'SINGLE WAVELENGTH' 
_diffrn_radiation.pdbx_scattering_type             x-ray 
# 
_diffrn_radiation_wavelength.id           1 
_diffrn_radiation_wavelength.wavelength   1.5418 
_diffrn_radiation_wavelength.wt           1.0 
# 
_diffrn_source.diffrn_id                   1 
_diffrn_source.source                      'ROTATING ANODE' 
_diffrn_source.type                        'RIGAKU RU200' 
_diffrn_source.pdbx_synchrotron_site       ? 
_diffrn_source.pdbx_synchrotron_beamline   ? 
_diffrn_source.pdbx_wavelength             1.5418 
_diffrn_source.pdbx_wavelength_list        ? 
# 
_reflns.entry_id                     1EI8 
_reflns.observed_criterion_sigma_I   0 
_reflns.observed_criterion_sigma_F   0 
_reflns.d_resolution_low             27 
_reflns.d_resolution_high            2.0 
_reflns.number_obs                   5124 
_reflns.number_all                   7146 
_reflns.percent_possible_obs         71.7 
_reflns.pdbx_Rmerge_I_obs            0.066 
_reflns.pdbx_Rsym_value              ? 
_reflns.pdbx_netI_over_sigmaI        14 
_reflns.B_iso_Wilson_estimate        23 
_reflns.pdbx_redundancy              3.4 
_reflns.R_free_details               ? 
_reflns.limit_h_max                  ? 
_reflns.limit_h_min                  ? 
_reflns.limit_k_max                  ? 
_reflns.limit_k_min                  ? 
_reflns.limit_l_max                  ? 
_reflns.limit_l_min                  ? 
_reflns.observed_criterion_F_max     ? 
_reflns.observed_criterion_F_min     ? 
_reflns.pdbx_diffrn_id               1 
_reflns.pdbx_ordinal                 1 
# 
_reflns_shell.d_res_high             2.0 
_reflns_shell.d_res_low              2.03 
_reflns_shell.percent_possible_all   66 
_reflns_shell.Rmerge_I_obs           0.3 
_reflns_shell.pdbx_Rsym_value        ? 
_reflns_shell.meanI_over_sigI_obs    ? 
_reflns_shell.pdbx_redundancy        1 
_reflns_shell.percent_possible_obs   ? 
_reflns_shell.number_unique_all      198 
_reflns_shell.pdbx_diffrn_id         ? 
_reflns_shell.pdbx_ordinal           1 
# 
_refine.entry_id                                 1EI8 
_refine.ls_number_reflns_obs                     5124 
_refine.ls_number_reflns_all                     7148 
_refine.pdbx_ls_sigma_I                          0 
_refine.pdbx_ls_sigma_F                          0 
_refine.pdbx_data_cutoff_high_absF               ? 
_refine.pdbx_data_cutoff_low_absF                ? 
_refine.ls_d_res_low                             500 
_refine.ls_d_res_high                            2.0 
_refine.ls_percent_reflns_obs                    71.7 
_refine.ls_R_factor_obs                          0.251 
_refine.ls_R_factor_all                          0.251 
_refine.ls_R_factor_R_work                       0.217 
_refine.ls_R_factor_R_free                       0.289 
_refine.ls_R_factor_R_free_error                 ? 
_refine.ls_R_factor_R_free_error_details         ? 
_refine.ls_percent_reflns_R_free                 ? 
_refine.ls_number_reflns_R_free                  533 
_refine.ls_number_parameters                     ? 
_refine.ls_number_restraints                     ? 
_refine.occupancy_min                            ? 
_refine.occupancy_max                            ? 
_refine.B_iso_mean                               ? 
_refine.aniso_B[1][1]                            ? 
_refine.aniso_B[2][2]                            ? 
_refine.aniso_B[3][3]                            ? 
_refine.aniso_B[1][2]                            ? 
_refine.aniso_B[1][3]                            ? 
_refine.aniso_B[2][3]                            ? 
_refine.solvent_model_details                    ? 
_refine.solvent_model_param_ksol                 ? 
_refine.solvent_model_param_bsol                 ? 
_refine.pdbx_ls_cross_valid_method               ? 
_refine.details                                  ? 
_refine.pdbx_starting_model                      ? 
_refine.pdbx_method_to_determine_struct          ? 
_refine.pdbx_isotropic_thermal_model             ? 
_refine.pdbx_stereochemistry_target_values       'Engh & Huber' 
_refine.pdbx_stereochem_target_val_spec_case     ? 
_refine.pdbx_R_Free_selection_details            random 
_refine.pdbx_overall_ESU_R_Free                  ? 
_refine.overall_SU_B                             ? 
_refine.ls_redundancy_reflns_obs                 ? 
_refine.B_iso_min                                ? 
_refine.B_iso_max                                ? 
_refine.overall_SU_ML                            ? 
_refine.pdbx_overall_ESU_R                       ? 
_refine.pdbx_data_cutoff_high_rms_absF           ? 
_refine.correlation_coeff_Fo_to_Fc               ? 
_refine.correlation_coeff_Fo_to_Fc_free          ? 
_refine.pdbx_solvent_vdw_probe_radii             ? 
_refine.pdbx_solvent_ion_probe_radii             ? 
_refine.pdbx_solvent_shrinkage_radii             ? 
_refine.overall_SU_R_Cruickshank_DPI             ? 
_refine.overall_SU_R_free                        ? 
_refine.pdbx_refine_id                           'X-RAY DIFFRACTION' 
_refine.pdbx_diffrn_id                           1 
_refine.pdbx_TLS_residual_ADP_flag               ? 
_refine.pdbx_overall_phase_error                 ? 
_refine.pdbx_overall_SU_R_free_Cruickshank_DPI   ? 
_refine.pdbx_overall_SU_R_Blow_DPI               ? 
_refine.pdbx_overall_SU_R_free_Blow_DPI          ? 
# 
_refine_hist.pdbx_refine_id                   'X-RAY DIFFRACTION' 
_refine_hist.cycle_id                         LAST 
_refine_hist.pdbx_number_atoms_protein        1078 
_refine_hist.pdbx_number_atoms_nucleic_acid   0 
_refine_hist.pdbx_number_atoms_ligand         0 
_refine_hist.number_atoms_solvent             249 
_refine_hist.number_atoms_total               1327 
_refine_hist.d_res_high                       2.0 
_refine_hist.d_res_low                        500 
# 
loop_
_refine_ls_restr.type 
_refine_ls_restr.dev_ideal 
_refine_ls_restr.dev_ideal_target 
_refine_ls_restr.weight 
_refine_ls_restr.number 
_refine_ls_restr.pdbx_refine_id 
_refine_ls_restr.pdbx_restraint_function 
c_angle_deg        1.669 ? ? ? 'X-RAY DIFFRACTION' ? 
c_bond_d           0.008 ? ? ? 'X-RAY DIFFRACTION' ? 
c_torsion_deg      26.01 ? ? ? 'X-RAY DIFFRACTION' ? 
c_torsion_impr_deg 2.357 ? ? ? 'X-RAY DIFFRACTION' ? 
# 
_struct.entry_id                  1EI8 
_struct.title                     
'STRUCTURAL CONSEQUENCES OF A DISCONTINUITY IN THE REPEATING TRIPEPTIDE SEQUENCE OF A COLLAGEN-LIKE TRIPLE-HELICAL PEPTIDE' 
_struct.pdbx_model_details        ? 
_struct.pdbx_CASP_flag            ? 
_struct.pdbx_model_type_details   ? 
# 
_struct_keywords.entry_id        1EI8 
_struct_keywords.pdbx_keywords   'CONTRACTILE PROTEIN' 
_struct_keywords.text            'collagen-like peptide, TRIPLE HELIX, CONTRACTILE PROTEIN' 
# 
loop_
_struct_asym.id 
_struct_asym.pdbx_blank_PDB_chainid_flag 
_struct_asym.pdbx_modified 
_struct_asym.entity_id 
_struct_asym.details 
A N N 1 ? 
B N N 1 ? 
C N N 1 ? 
D N N 1 ? 
E N N 1 ? 
F N N 1 ? 
G N N 2 ? 
H N N 2 ? 
I N N 2 ? 
J N N 2 ? 
K N N 2 ? 
L N N 2 ? 
# 
_struct_ref.id                         1 
_struct_ref.entity_id                  1 
_struct_ref.db_name                    PDB 
_struct_ref.db_code                    1EI8 
_struct_ref.pdbx_db_accession          1EI8 
_struct_ref.pdbx_db_isoform            ? 
_struct_ref.pdbx_seq_one_letter_code   ? 
_struct_ref.pdbx_align_begin           ? 
# 
loop_
_struct_ref_seq.align_id 
_struct_ref_seq.ref_id 
_struct_ref_seq.pdbx_PDB_id_code 
_struct_ref_seq.pdbx_strand_id 
_struct_ref_seq.seq_align_beg 
_struct_ref_seq.pdbx_seq_align_beg_ins_code 
_struct_ref_seq.seq_align_end 
_struct_ref_seq.pdbx_seq_align_end_ins_code 
_struct_ref_seq.pdbx_db_accession 
_struct_ref_seq.db_align_beg 
_struct_ref_seq.pdbx_db_align_beg_ins_code 
_struct_ref_seq.db_align_end 
_struct_ref_seq.pdbx_db_align_end_ins_code 
_struct_ref_seq.pdbx_auth_seq_align_beg 
_struct_ref_seq.pdbx_auth_seq_align_end 
1 1 1EI8 A 1 ? 29 ? 1EI8 1   ? 29  ? 1   29  
2 1 1EI8 B 1 ? 29 ? 1EI8 31  ? 59  ? 31  59  
3 1 1EI8 C 1 ? 29 ? 1EI8 61  ? 89  ? 61  89  
4 1 1EI8 D 1 ? 29 ? 1EI8 91  ? 119 ? 91  119 
5 1 1EI8 E 1 ? 29 ? 1EI8 121 ? 149 ? 121 149 
6 1 1EI8 F 1 ? 29 ? 1EI8 151 ? 179 ? 151 179 
# 
loop_
_pdbx_struct_assembly.id 
_pdbx_struct_assembly.details 
_pdbx_struct_assembly.method_details 
_pdbx_struct_assembly.oligomeric_details 
_pdbx_struct_assembly.oligomeric_count 
1 author_and_software_defined_assembly PISA trimeric  3 
2 author_and_software_defined_assembly PISA trimeric  3 
3 software_defined_assembly            PISA hexameric 6 
# 
loop_
_pdbx_struct_assembly_prop.biol_id 
_pdbx_struct_assembly_prop.type 
_pdbx_struct_assembly_prop.value 
_pdbx_struct_assembly_prop.details 
1 'ABSA (A^2)' 4820  ? 
1 MORE         -25   ? 
1 'SSA (A^2)'  4660  ? 
2 'ABSA (A^2)' 5000  ? 
2 MORE         -26   ? 
2 'SSA (A^2)'  4810  ? 
3 'ABSA (A^2)' 11820 ? 
3 MORE         -74   ? 
3 'SSA (A^2)'  7470  ? 
# 
loop_
_pdbx_struct_assembly_gen.assembly_id 
_pdbx_struct_assembly_gen.oper_expression 
_pdbx_struct_assembly_gen.asym_id_list 
1 1 A,B,C,G,H,I             
2 1 D,E,F,J,K,L             
3 1 A,B,C,D,E,F,G,H,I,J,K,L 
# 
_pdbx_struct_oper_list.id                   1 
_pdbx_struct_oper_list.type                 'identity operation' 
_pdbx_struct_oper_list.name                 1_555 
_pdbx_struct_oper_list.symmetry_operation   x,y,z 
_pdbx_struct_oper_list.matrix[1][1]         1.0000000000 
_pdbx_struct_oper_list.matrix[1][2]         0.0000000000 
_pdbx_struct_oper_list.matrix[1][3]         0.0000000000 
_pdbx_struct_oper_list.vector[1]            0.0000000000 
_pdbx_struct_oper_list.matrix[2][1]         0.0000000000 
_pdbx_struct_oper_list.matrix[2][2]         1.0000000000 
_pdbx_struct_oper_list.matrix[2][3]         0.0000000000 
_pdbx_struct_oper_list.vector[2]            0.0000000000 
_pdbx_struct_oper_list.matrix[3][1]         0.0000000000 
_pdbx_struct_oper_list.matrix[3][2]         0.0000000000 
_pdbx_struct_oper_list.matrix[3][3]         1.0000000000 
_pdbx_struct_oper_list.vector[3]            0.0000000000 
# 
loop_
_struct_conn.id 
_struct_conn.conn_type_id 
_struct_conn.pdbx_leaving_atom_flag 
_struct_conn.pdbx_PDB_id 
_struct_conn.ptnr1_label_asym_id 
_struct_conn.ptnr1_label_comp_id 
_struct_conn.ptnr1_label_seq_id 
_struct_conn.ptnr1_label_atom_id 
_struct_conn.pdbx_ptnr1_label_alt_id 
_struct_conn.pdbx_ptnr1_PDB_ins_code 
_struct_conn.pdbx_ptnr1_standard_comp_id 
_struct_conn.ptnr1_symmetry 
_struct_conn.ptnr2_label_asym_id 
_struct_conn.ptnr2_label_comp_id 
_struct_conn.ptnr2_label_seq_id 
_struct_conn.ptnr2_label_atom_id 
_struct_conn.pdbx_ptnr2_label_alt_id 
_struct_conn.pdbx_ptnr2_PDB_ins_code 
_struct_conn.ptnr1_auth_asym_id 
_struct_conn.ptnr1_auth_comp_id 
_struct_conn.ptnr1_auth_seq_id 
_struct_conn.ptnr2_auth_asym_id 
_struct_conn.ptnr2_auth_comp_id 
_struct_conn.ptnr2_auth_seq_id 
_struct_conn.ptnr2_symmetry 
_struct_conn.pdbx_ptnr3_label_atom_id 
_struct_conn.pdbx_ptnr3_label_seq_id 
_struct_conn.pdbx_ptnr3_label_comp_id 
_struct_conn.pdbx_ptnr3_label_asym_id 
_struct_conn.pdbx_ptnr3_label_alt_id 
_struct_conn.pdbx_ptnr3_PDB_ins_code 
_struct_conn.details 
_struct_conn.pdbx_dist_value 
_struct_conn.pdbx_value_order 
_struct_conn.pdbx_role 
covale1   covale both ? A PRO 1  C ? ? ? 1_555 A HYP 2  N ? ? A PRO 1   A HYP 2   1_555 ? ? ? ? ? ? ? 1.344 ? ? 
covale2   covale both ? A HYP 2  C ? ? ? 1_555 A GLY 3  N ? ? A HYP 2   A GLY 3   1_555 ? ? ? ? ? ? ? 1.331 ? ? 
covale3   covale both ? A PRO 4  C ? ? ? 1_555 A HYP 5  N ? ? A PRO 4   A HYP 5   1_555 ? ? ? ? ? ? ? 1.347 ? ? 
covale4   covale both ? A HYP 5  C ? ? ? 1_555 A GLY 6  N ? ? A HYP 5   A GLY 6   1_555 ? ? ? ? ? ? ? 1.327 ? ? 
covale5   covale both ? A PRO 7  C ? ? ? 1_555 A HYP 8  N ? ? A PRO 7   A HYP 8   1_555 ? ? ? ? ? ? ? 1.341 ? ? 
covale6   covale both ? A HYP 8  C ? ? ? 1_555 A GLY 9  N ? ? A HYP 8   A GLY 9   1_555 ? ? ? ? ? ? ? 1.325 ? ? 
covale7   covale both ? A PRO 10 C ? ? ? 1_555 A HYP 11 N ? ? A PRO 10  A HYP 11  1_555 ? ? ? ? ? ? ? 1.341 ? ? 
covale8   covale both ? A HYP 11 C ? ? ? 1_555 A GLY 12 N ? ? A HYP 11  A GLY 12  1_555 ? ? ? ? ? ? ? 1.330 ? ? 
covale9   covale both ? A PRO 15 C ? ? ? 1_555 A HYP 16 N ? ? A PRO 15  A HYP 16  1_555 ? ? ? ? ? ? ? 1.346 ? ? 
covale10  covale both ? A HYP 16 C ? ? ? 1_555 A GLY 17 N ? ? A HYP 16  A GLY 17  1_555 ? ? ? ? ? ? ? 1.330 ? ? 
covale11  covale both ? A PRO 18 C ? ? ? 1_555 A HYP 19 N ? ? A PRO 18  A HYP 19  1_555 ? ? ? ? ? ? ? 1.343 ? ? 
covale12  covale both ? A HYP 19 C ? ? ? 1_555 A GLY 20 N ? ? A HYP 19  A GLY 20  1_555 ? ? ? ? ? ? ? 1.327 ? ? 
covale13  covale both ? A PRO 21 C ? ? ? 1_555 A HYP 22 N ? ? A PRO 21  A HYP 22  1_555 ? ? ? ? ? ? ? 1.337 ? ? 
covale14  covale both ? A HYP 22 C ? ? ? 1_555 A GLY 23 N ? ? A HYP 22  A GLY 23  1_555 ? ? ? ? ? ? ? 1.333 ? ? 
covale15  covale both ? A PRO 24 C ? ? ? 1_555 A HYP 25 N ? ? A PRO 24  A HYP 25  1_555 ? ? ? ? ? ? ? 1.344 ? ? 
covale16  covale both ? A HYP 25 C ? ? ? 1_555 A GLY 26 N ? ? A HYP 25  A GLY 26  1_555 ? ? ? ? ? ? ? 1.326 ? ? 
covale17  covale both ? A PRO 27 C ? ? ? 1_555 A HYP 28 N ? ? A PRO 27  A HYP 28  1_555 ? ? ? ? ? ? ? 1.339 ? ? 
covale18  covale both ? A HYP 28 C ? ? ? 1_555 A GLY 29 N ? ? A HYP 28  A GLY 29  1_555 ? ? ? ? ? ? ? 1.328 ? ? 
covale19  covale both ? B PRO 1  C ? ? ? 1_555 B HYP 2  N ? ? B PRO 31  B HYP 32  1_555 ? ? ? ? ? ? ? 1.343 ? ? 
covale20  covale both ? B HYP 2  C ? ? ? 1_555 B GLY 3  N ? ? B HYP 32  B GLY 33  1_555 ? ? ? ? ? ? ? 1.333 ? ? 
covale21  covale both ? B PRO 4  C ? ? ? 1_555 B HYP 5  N ? ? B PRO 34  B HYP 35  1_555 ? ? ? ? ? ? ? 1.347 ? ? 
covale22  covale both ? B HYP 5  C ? ? ? 1_555 B GLY 6  N ? ? B HYP 35  B GLY 36  1_555 ? ? ? ? ? ? ? 1.327 ? ? 
covale23  covale both ? B PRO 7  C ? ? ? 1_555 B HYP 8  N ? ? B PRO 37  B HYP 38  1_555 ? ? ? ? ? ? ? 1.339 ? ? 
covale24  covale both ? B HYP 8  C ? ? ? 1_555 B GLY 9  N ? ? B HYP 38  B GLY 39  1_555 ? ? ? ? ? ? ? 1.330 ? ? 
covale25  covale both ? B PRO 10 C ? ? ? 1_555 B HYP 11 N ? ? B PRO 40  B HYP 41  1_555 ? ? ? ? ? ? ? 1.347 ? ? 
covale26  covale both ? B HYP 11 C ? ? ? 1_555 B GLY 12 N ? ? B HYP 41  B GLY 42  1_555 ? ? ? ? ? ? ? 1.329 ? ? 
covale27  covale both ? B PRO 15 C ? ? ? 1_555 B HYP 16 N ? ? B PRO 45  B HYP 46  1_555 ? ? ? ? ? ? ? 1.340 ? ? 
covale28  covale both ? B HYP 16 C ? ? ? 1_555 B GLY 17 N ? ? B HYP 46  B GLY 47  1_555 ? ? ? ? ? ? ? 1.330 ? ? 
covale29  covale both ? B PRO 18 C ? ? ? 1_555 B HYP 19 N ? ? B PRO 48  B HYP 49  1_555 ? ? ? ? ? ? ? 1.347 ? ? 
covale30  covale both ? B HYP 19 C ? ? ? 1_555 B GLY 20 N ? ? B HYP 49  B GLY 50  1_555 ? ? ? ? ? ? ? 1.327 ? ? 
covale31  covale both ? B PRO 21 C ? ? ? 1_555 B HYP 22 N ? ? B PRO 51  B HYP 52  1_555 ? ? ? ? ? ? ? 1.347 ? ? 
covale32  covale both ? B HYP 22 C ? ? ? 1_555 B GLY 23 N ? ? B HYP 52  B GLY 53  1_555 ? ? ? ? ? ? ? 1.330 ? ? 
covale33  covale both ? B PRO 24 C ? ? ? 1_555 B HYP 25 N ? ? B PRO 54  B HYP 55  1_555 ? ? ? ? ? ? ? 1.339 ? ? 
covale34  covale both ? B HYP 25 C ? ? ? 1_555 B GLY 26 N ? ? B HYP 55  B GLY 56  1_555 ? ? ? ? ? ? ? 1.328 ? ? 
covale35  covale both ? B PRO 27 C ? ? ? 1_555 B HYP 28 N ? ? B PRO 57  B HYP 58  1_555 ? ? ? ? ? ? ? 1.345 ? ? 
covale36  covale both ? B HYP 28 C ? ? ? 1_555 B GLY 29 N ? ? B HYP 58  B GLY 59  1_555 ? ? ? ? ? ? ? 1.329 ? ? 
covale37  covale both ? C PRO 1  C ? ? ? 1_555 C HYP 2  N ? ? C PRO 61  C HYP 62  1_555 ? ? ? ? ? ? ? 1.343 ? ? 
covale38  covale both ? C HYP 2  C ? ? ? 1_555 C GLY 3  N ? ? C HYP 62  C GLY 63  1_555 ? ? ? ? ? ? ? 1.330 ? ? 
covale39  covale both ? C PRO 4  C ? ? ? 1_555 C HYP 5  N ? ? C PRO 64  C HYP 65  1_555 ? ? ? ? ? ? ? 1.351 ? ? 
covale40  covale both ? C HYP 5  C ? ? ? 1_555 C GLY 6  N ? ? C HYP 65  C GLY 66  1_555 ? ? ? ? ? ? ? 1.329 ? ? 
covale41  covale both ? C PRO 7  C ? ? ? 1_555 C HYP 8  N ? ? C PRO 67  C HYP 68  1_555 ? ? ? ? ? ? ? 1.349 ? ? 
covale42  covale both ? C HYP 8  C ? ? ? 1_555 C GLY 9  N ? ? C HYP 68  C GLY 69  1_555 ? ? ? ? ? ? ? 1.328 ? ? 
covale43  covale both ? C PRO 10 C ? ? ? 1_555 C HYP 11 N ? ? C PRO 70  C HYP 71  1_555 ? ? ? ? ? ? ? 1.342 ? ? 
covale44  covale both ? C HYP 11 C ? ? ? 1_555 C GLY 12 N ? ? C HYP 71  C GLY 72  1_555 ? ? ? ? ? ? ? 1.330 ? ? 
covale45  covale both ? C PRO 15 C ? ? ? 1_555 C HYP 16 N ? ? C PRO 75  C HYP 76  1_555 ? ? ? ? ? ? ? 1.345 ? ? 
covale46  covale both ? C HYP 16 C ? ? ? 1_555 C GLY 17 N ? ? C HYP 76  C GLY 77  1_555 ? ? ? ? ? ? ? 1.327 ? ? 
covale47  covale both ? C PRO 18 C ? ? ? 1_555 C HYP 19 N ? ? C PRO 78  C HYP 79  1_555 ? ? ? ? ? ? ? 1.346 ? ? 
covale48  covale both ? C HYP 19 C ? ? ? 1_555 C GLY 20 N ? ? C HYP 79  C GLY 80  1_555 ? ? ? ? ? ? ? 1.328 ? ? 
covale49  covale both ? C PRO 21 C ? ? ? 1_555 C HYP 22 N ? ? C PRO 81  C HYP 82  1_555 ? ? ? ? ? ? ? 1.343 ? ? 
covale50  covale both ? C HYP 22 C ? ? ? 1_555 C GLY 23 N ? ? C HYP 82  C GLY 83  1_555 ? ? ? ? ? ? ? 1.329 ? ? 
covale51  covale both ? C PRO 24 C ? ? ? 1_555 C HYP 25 N ? ? C PRO 84  C HYP 85  1_555 ? ? ? ? ? ? ? 1.346 ? ? 
covale52  covale both ? C HYP 25 C ? ? ? 1_555 C GLY 26 N ? ? C HYP 85  C GLY 86  1_555 ? ? ? ? ? ? ? 1.331 ? ? 
covale53  covale both ? D PRO 1  C ? ? ? 1_555 D HYP 2  N ? ? D PRO 91  D HYP 92  1_555 ? ? ? ? ? ? ? 1.346 ? ? 
covale54  covale both ? D HYP 2  C ? ? ? 1_555 D GLY 3  N ? ? D HYP 92  D GLY 93  1_555 ? ? ? ? ? ? ? 1.330 ? ? 
covale55  covale both ? D PRO 4  C ? ? ? 1_555 D HYP 5  N ? ? D PRO 94  D HYP 95  1_555 ? ? ? ? ? ? ? 1.344 ? ? 
covale56  covale both ? D HYP 5  C ? ? ? 1_555 D GLY 6  N ? ? D HYP 95  D GLY 96  1_555 ? ? ? ? ? ? ? 1.327 ? ? 
covale57  covale both ? D PRO 7  C ? ? ? 1_555 D HYP 8  N ? ? D PRO 97  D HYP 98  1_555 ? ? ? ? ? ? ? 1.350 ? ? 
covale58  covale both ? D HYP 8  C ? ? ? 1_555 D GLY 9  N ? ? D HYP 98  D GLY 99  1_555 ? ? ? ? ? ? ? 1.329 ? ? 
covale59  covale both ? D PRO 10 C ? ? ? 1_555 D HYP 11 N ? ? D PRO 100 D HYP 101 1_555 ? ? ? ? ? ? ? 1.344 ? ? 
covale60  covale both ? D HYP 11 C ? ? ? 1_555 D GLY 12 N ? ? D HYP 101 D GLY 102 1_555 ? ? ? ? ? ? ? 1.330 ? ? 
covale61  covale both ? D PRO 15 C ? ? ? 1_555 D HYP 16 N ? ? D PRO 105 D HYP 106 1_555 ? ? ? ? ? ? ? 1.344 ? ? 
covale62  covale both ? D HYP 16 C ? ? ? 1_555 D GLY 17 N ? ? D HYP 106 D GLY 107 1_555 ? ? ? ? ? ? ? 1.327 ? ? 
covale63  covale both ? D PRO 18 C ? ? ? 1_555 D HYP 19 N ? ? D PRO 108 D HYP 109 1_555 ? ? ? ? ? ? ? 1.343 ? ? 
covale64  covale both ? D HYP 19 C ? ? ? 1_555 D GLY 20 N ? ? D HYP 109 D GLY 110 1_555 ? ? ? ? ? ? ? 1.330 ? ? 
covale65  covale both ? D PRO 21 C ? ? ? 1_555 D HYP 22 N ? ? D PRO 111 D HYP 112 1_555 ? ? ? ? ? ? ? 1.339 ? ? 
covale66  covale both ? D HYP 22 C ? ? ? 1_555 D GLY 23 N ? ? D HYP 112 D GLY 113 1_555 ? ? ? ? ? ? ? 1.327 ? ? 
covale67  covale both ? D PRO 24 C ? ? ? 1_555 D HYP 25 N ? ? D PRO 114 D HYP 115 1_555 ? ? ? ? ? ? ? 1.342 ? ? 
covale68  covale both ? D HYP 25 C ? ? ? 1_555 D GLY 26 N ? ? D HYP 115 D GLY 116 1_555 ? ? ? ? ? ? ? 1.328 ? ? 
covale69  covale both ? D PRO 27 C ? ? ? 1_555 D HYP 28 N ? ? D PRO 117 D HYP 118 1_555 ? ? ? ? ? ? ? 1.344 ? ? 
covale70  covale both ? D HYP 28 C ? ? ? 1_555 D GLY 29 N ? ? D HYP 118 D GLY 119 1_555 ? ? ? ? ? ? ? 1.326 ? ? 
covale71  covale both ? E PRO 1  C ? ? ? 1_555 E HYP 2  N ? ? E PRO 121 E HYP 122 1_555 ? ? ? ? ? ? ? 1.346 ? ? 
covale72  covale both ? E HYP 2  C ? ? ? 1_555 E GLY 3  N ? ? E HYP 122 E GLY 123 1_555 ? ? ? ? ? ? ? 1.329 ? ? 
covale73  covale both ? E PRO 4  C ? ? ? 1_555 E HYP 5  N ? ? E PRO 124 E HYP 125 1_555 ? ? ? ? ? ? ? 1.347 ? ? 
covale74  covale both ? E HYP 5  C ? ? ? 1_555 E GLY 6  N ? ? E HYP 125 E GLY 126 1_555 ? ? ? ? ? ? ? 1.326 ? ? 
covale75  covale both ? E PRO 7  C ? ? ? 1_555 E HYP 8  N ? ? E PRO 127 E HYP 128 1_555 ? ? ? ? ? ? ? 1.345 ? ? 
covale76  covale both ? E HYP 8  C ? ? ? 1_555 E GLY 9  N ? ? E HYP 128 E GLY 129 1_555 ? ? ? ? ? ? ? 1.328 ? ? 
covale77  covale both ? E PRO 10 C ? ? ? 1_555 E HYP 11 N ? ? E PRO 130 E HYP 131 1_555 ? ? ? ? ? ? ? 1.344 ? ? 
covale78  covale both ? E HYP 11 C ? ? ? 1_555 E GLY 12 N ? ? E HYP 131 E GLY 132 1_555 ? ? ? ? ? ? ? 1.325 ? ? 
covale79  covale both ? E PRO 15 C ? ? ? 1_555 E HYP 16 N ? ? E PRO 135 E HYP 136 1_555 ? ? ? ? ? ? ? 1.345 ? ? 
covale80  covale both ? E HYP 16 C ? ? ? 1_555 E GLY 17 N ? ? E HYP 136 E GLY 137 1_555 ? ? ? ? ? ? ? 1.328 ? ? 
covale81  covale both ? E PRO 18 C ? ? ? 1_555 E HYP 19 N ? ? E PRO 138 E HYP 139 1_555 ? ? ? ? ? ? ? 1.343 ? ? 
covale82  covale both ? E HYP 19 C ? ? ? 1_555 E GLY 20 N ? ? E HYP 139 E GLY 140 1_555 ? ? ? ? ? ? ? 1.330 ? ? 
covale83  covale both ? E PRO 21 C ? ? ? 1_555 E HYP 22 N ? ? E PRO 141 E HYP 142 1_555 ? ? ? ? ? ? ? 1.341 ? ? 
covale84  covale both ? E HYP 22 C ? ? ? 1_555 E GLY 23 N ? ? E HYP 142 E GLY 143 1_555 ? ? ? ? ? ? ? 1.330 ? ? 
covale85  covale both ? E PRO 24 C ? ? ? 1_555 E HYP 25 N ? ? E PRO 144 E HYP 145 1_555 ? ? ? ? ? ? ? 1.344 ? ? 
covale86  covale both ? E HYP 25 C ? ? ? 1_555 E GLY 26 N ? ? E HYP 145 E GLY 146 1_555 ? ? ? ? ? ? ? 1.330 ? ? 
covale87  covale both ? E PRO 27 C ? ? ? 1_555 E HYP 28 N ? ? E PRO 147 E HYP 148 1_555 ? ? ? ? ? ? ? 1.343 ? ? 
covale88  covale both ? E HYP 28 C ? ? ? 1_555 E GLY 29 N ? ? E HYP 148 E GLY 149 1_555 ? ? ? ? ? ? ? 1.329 ? ? 
covale89  covale both ? F PRO 1  C ? ? ? 1_555 F HYP 2  N ? ? F PRO 151 F HYP 152 1_555 ? ? ? ? ? ? ? 1.340 ? ? 
covale90  covale both ? F HYP 2  C ? ? ? 1_555 F GLY 3  N ? ? F HYP 152 F GLY 153 1_555 ? ? ? ? ? ? ? 1.327 ? ? 
covale91  covale both ? F PRO 4  C ? ? ? 1_555 F HYP 5  N ? ? F PRO 154 F HYP 155 1_555 ? ? ? ? ? ? ? 1.346 ? ? 
covale92  covale both ? F HYP 5  C ? ? ? 1_555 F GLY 6  N ? ? F HYP 155 F GLY 156 1_555 ? ? ? ? ? ? ? 1.326 ? ? 
covale93  covale both ? F PRO 7  C ? ? ? 1_555 F HYP 8  N ? ? F PRO 157 F HYP 158 1_555 ? ? ? ? ? ? ? 1.342 ? ? 
covale94  covale both ? F HYP 8  C ? ? ? 1_555 F GLY 9  N ? ? F HYP 158 F GLY 159 1_555 ? ? ? ? ? ? ? 1.329 ? ? 
covale95  covale both ? F PRO 10 C ? ? ? 1_555 F HYP 11 N ? ? F PRO 160 F HYP 161 1_555 ? ? ? ? ? ? ? 1.344 ? ? 
covale96  covale both ? F HYP 11 C ? ? ? 1_555 F GLY 12 N ? ? F HYP 161 F GLY 162 1_555 ? ? ? ? ? ? ? 1.326 ? ? 
covale97  covale both ? F PRO 15 C ? ? ? 1_555 F HYP 16 N ? ? F PRO 165 F HYP 166 1_555 ? ? ? ? ? ? ? 1.348 ? ? 
covale98  covale both ? F HYP 16 C ? ? ? 1_555 F GLY 17 N ? ? F HYP 166 F GLY 167 1_555 ? ? ? ? ? ? ? 1.331 ? ? 
covale99  covale both ? F PRO 18 C ? ? ? 1_555 F HYP 19 N ? ? F PRO 168 F HYP 169 1_555 ? ? ? ? ? ? ? 1.342 ? ? 
covale100 covale both ? F HYP 19 C ? ? ? 1_555 F GLY 20 N ? ? F HYP 169 F GLY 170 1_555 ? ? ? ? ? ? ? 1.327 ? ? 
covale101 covale both ? F PRO 21 C ? ? ? 1_555 F HYP 22 N ? ? F PRO 171 F HYP 172 1_555 ? ? ? ? ? ? ? 1.342 ? ? 
covale102 covale both ? F HYP 22 C ? ? ? 1_555 F GLY 23 N ? ? F HYP 172 F GLY 173 1_555 ? ? ? ? ? ? ? 1.331 ? ? 
covale103 covale both ? F PRO 24 C ? ? ? 1_555 F HYP 25 N ? ? F PRO 174 F HYP 175 1_555 ? ? ? ? ? ? ? 1.342 ? ? 
covale104 covale both ? F HYP 25 C ? ? ? 1_555 F GLY 26 N ? ? F HYP 175 F GLY 176 1_555 ? ? ? ? ? ? ? 1.330 ? ? 
covale105 covale both ? F PRO 27 C ? ? ? 1_555 F HYP 28 N ? ? F PRO 177 F HYP 178 1_555 ? ? ? ? ? ? ? 1.338 ? ? 
covale106 covale both ? F HYP 28 C ? ? ? 1_555 F GLY 29 N ? ? F HYP 178 F GLY 179 1_555 ? ? ? ? ? ? ? 1.332 ? ? 
# 
_struct_conn_type.id          covale 
_struct_conn_type.criteria    ? 
_struct_conn_type.reference   ? 
# 
loop_
_pdbx_modification_feature.ordinal 
_pdbx_modification_feature.label_comp_id 
_pdbx_modification_feature.label_asym_id 
_pdbx_modification_feature.label_seq_id 
_pdbx_modification_feature.label_alt_id 
_pdbx_modification_feature.modified_residue_label_comp_id 
_pdbx_modification_feature.modified_residue_label_asym_id 
_pdbx_modification_feature.modified_residue_label_seq_id 
_pdbx_modification_feature.modified_residue_label_alt_id 
_pdbx_modification_feature.auth_comp_id 
_pdbx_modification_feature.auth_asym_id 
_pdbx_modification_feature.auth_seq_id 
_pdbx_modification_feature.PDB_ins_code 
_pdbx_modification_feature.symmetry 
_pdbx_modification_feature.modified_residue_auth_comp_id 
_pdbx_modification_feature.modified_residue_auth_asym_id 
_pdbx_modification_feature.modified_residue_auth_seq_id 
_pdbx_modification_feature.modified_residue_PDB_ins_code 
_pdbx_modification_feature.modified_residue_symmetry 
_pdbx_modification_feature.comp_id_linking_atom 
_pdbx_modification_feature.modified_residue_id_linking_atom 
_pdbx_modification_feature.modified_residue_id 
_pdbx_modification_feature.ref_pcm_id 
_pdbx_modification_feature.ref_comp_id 
_pdbx_modification_feature.type 
_pdbx_modification_feature.category 
1  HYP A 2  ? . . . . HYP A 2   ? 1_555 . . . . . . . PRO 1 HYP Hydroxylation 'Named protein modification' 
2  HYP A 5  ? . . . . HYP A 5   ? 1_555 . . . . . . . PRO 1 HYP Hydroxylation 'Named protein modification' 
3  HYP A 8  ? . . . . HYP A 8   ? 1_555 . . . . . . . PRO 1 HYP Hydroxylation 'Named protein modification' 
4  HYP A 11 ? . . . . HYP A 11  ? 1_555 . . . . . . . PRO 1 HYP Hydroxylation 'Named protein modification' 
5  HYP A 16 ? . . . . HYP A 16  ? 1_555 . . . . . . . PRO 1 HYP Hydroxylation 'Named protein modification' 
6  HYP A 19 ? . . . . HYP A 19  ? 1_555 . . . . . . . PRO 1 HYP Hydroxylation 'Named protein modification' 
7  HYP A 22 ? . . . . HYP A 22  ? 1_555 . . . . . . . PRO 1 HYP Hydroxylation 'Named protein modification' 
8  HYP A 25 ? . . . . HYP A 25  ? 1_555 . . . . . . . PRO 1 HYP Hydroxylation 'Named protein modification' 
9  HYP A 28 ? . . . . HYP A 28  ? 1_555 . . . . . . . PRO 1 HYP Hydroxylation 'Named protein modification' 
10 HYP B 2  ? . . . . HYP B 32  ? 1_555 . . . . . . . PRO 1 HYP Hydroxylation 'Named protein modification' 
11 HYP B 5  ? . . . . HYP B 35  ? 1_555 . . . . . . . PRO 1 HYP Hydroxylation 'Named protein modification' 
12 HYP B 8  ? . . . . HYP B 38  ? 1_555 . . . . . . . PRO 1 HYP Hydroxylation 'Named protein modification' 
13 HYP B 11 ? . . . . HYP B 41  ? 1_555 . . . . . . . PRO 1 HYP Hydroxylation 'Named protein modification' 
14 HYP B 16 ? . . . . HYP B 46  ? 1_555 . . . . . . . PRO 1 HYP Hydroxylation 'Named protein modification' 
15 HYP B 19 ? . . . . HYP B 49  ? 1_555 . . . . . . . PRO 1 HYP Hydroxylation 'Named protein modification' 
16 HYP B 22 ? . . . . HYP B 52  ? 1_555 . . . . . . . PRO 1 HYP Hydroxylation 'Named protein modification' 
17 HYP B 25 ? . . . . HYP B 55  ? 1_555 . . . . . . . PRO 1 HYP Hydroxylation 'Named protein modification' 
18 HYP B 28 ? . . . . HYP B 58  ? 1_555 . . . . . . . PRO 1 HYP Hydroxylation 'Named protein modification' 
19 HYP C 2  ? . . . . HYP C 62  ? 1_555 . . . . . . . PRO 1 HYP Hydroxylation 'Named protein modification' 
20 HYP C 5  ? . . . . HYP C 65  ? 1_555 . . . . . . . PRO 1 HYP Hydroxylation 'Named protein modification' 
21 HYP C 8  ? . . . . HYP C 68  ? 1_555 . . . . . . . PRO 1 HYP Hydroxylation 'Named protein modification' 
22 HYP C 11 ? . . . . HYP C 71  ? 1_555 . . . . . . . PRO 1 HYP Hydroxylation 'Named protein modification' 
23 HYP C 16 ? . . . . HYP C 76  ? 1_555 . . . . . . . PRO 1 HYP Hydroxylation 'Named protein modification' 
24 HYP C 19 ? . . . . HYP C 79  ? 1_555 . . . . . . . PRO 1 HYP Hydroxylation 'Named protein modification' 
25 HYP C 22 ? . . . . HYP C 82  ? 1_555 . . . . . . . PRO 1 HYP Hydroxylation 'Named protein modification' 
26 HYP C 25 ? . . . . HYP C 85  ? 1_555 . . . . . . . PRO 1 HYP Hydroxylation 'Named protein modification' 
27 HYP D 2  ? . . . . HYP D 92  ? 1_555 . . . . . . . PRO 1 HYP Hydroxylation 'Named protein modification' 
28 HYP D 5  ? . . . . HYP D 95  ? 1_555 . . . . . . . PRO 1 HYP Hydroxylation 'Named protein modification' 
29 HYP D 8  ? . . . . HYP D 98  ? 1_555 . . . . . . . PRO 1 HYP Hydroxylation 'Named protein modification' 
30 HYP D 11 ? . . . . HYP D 101 ? 1_555 . . . . . . . PRO 1 HYP Hydroxylation 'Named protein modification' 
31 HYP D 16 ? . . . . HYP D 106 ? 1_555 . . . . . . . PRO 1 HYP Hydroxylation 'Named protein modification' 
32 HYP D 19 ? . . . . HYP D 109 ? 1_555 . . . . . . . PRO 1 HYP Hydroxylation 'Named protein modification' 
33 HYP D 22 ? . . . . HYP D 112 ? 1_555 . . . . . . . PRO 1 HYP Hydroxylation 'Named protein modification' 
34 HYP D 25 ? . . . . HYP D 115 ? 1_555 . . . . . . . PRO 1 HYP Hydroxylation 'Named protein modification' 
35 HYP D 28 ? . . . . HYP D 118 ? 1_555 . . . . . . . PRO 1 HYP Hydroxylation 'Named protein modification' 
36 HYP E 2  ? . . . . HYP E 122 ? 1_555 . . . . . . . PRO 1 HYP Hydroxylation 'Named protein modification' 
37 HYP E 5  ? . . . . HYP E 125 ? 1_555 . . . . . . . PRO 1 HYP Hydroxylation 'Named protein modification' 
38 HYP E 8  ? . . . . HYP E 128 ? 1_555 . . . . . . . PRO 1 HYP Hydroxylation 'Named protein modification' 
39 HYP E 11 ? . . . . HYP E 131 ? 1_555 . . . . . . . PRO 1 HYP Hydroxylation 'Named protein modification' 
40 HYP E 16 ? . . . . HYP E 136 ? 1_555 . . . . . . . PRO 1 HYP Hydroxylation 'Named protein modification' 
41 HYP E 19 ? . . . . HYP E 139 ? 1_555 . . . . . . . PRO 1 HYP Hydroxylation 'Named protein modification' 
42 HYP E 22 ? . . . . HYP E 142 ? 1_555 . . . . . . . PRO 1 HYP Hydroxylation 'Named protein modification' 
43 HYP E 25 ? . . . . HYP E 145 ? 1_555 . . . . . . . PRO 1 HYP Hydroxylation 'Named protein modification' 
44 HYP E 28 ? . . . . HYP E 148 ? 1_555 . . . . . . . PRO 1 HYP Hydroxylation 'Named protein modification' 
45 HYP F 2  ? . . . . HYP F 152 ? 1_555 . . . . . . . PRO 1 HYP Hydroxylation 'Named protein modification' 
46 HYP F 5  ? . . . . HYP F 155 ? 1_555 . . . . . . . PRO 1 HYP Hydroxylation 'Named protein modification' 
47 HYP F 8  ? . . . . HYP F 158 ? 1_555 . . . . . . . PRO 1 HYP Hydroxylation 'Named protein modification' 
48 HYP F 11 ? . . . . HYP F 161 ? 1_555 . . . . . . . PRO 1 HYP Hydroxylation 'Named protein modification' 
49 HYP F 16 ? . . . . HYP F 166 ? 1_555 . . . . . . . PRO 1 HYP Hydroxylation 'Named protein modification' 
50 HYP F 19 ? . . . . HYP F 169 ? 1_555 . . . . . . . PRO 1 HYP Hydroxylation 'Named protein modification' 
51 HYP F 22 ? . . . . HYP F 172 ? 1_555 . . . . . . . PRO 1 HYP Hydroxylation 'Named protein modification' 
52 HYP F 25 ? . . . . HYP F 175 ? 1_555 . . . . . . . PRO 1 HYP Hydroxylation 'Named protein modification' 
53 HYP F 28 ? . . . . HYP F 178 ? 1_555 . . . . . . . PRO 1 HYP Hydroxylation 'Named protein modification' 
# 
_pdbx_entry_details.entry_id                   1EI8 
_pdbx_entry_details.compound_details           ? 
_pdbx_entry_details.source_details             ? 
_pdbx_entry_details.nonpolymer_details         ? 
_pdbx_entry_details.sequence_details           ? 
_pdbx_entry_details.has_ligand_of_interest     ? 
_pdbx_entry_details.has_protein_modification   Y 
# 
loop_
_pdbx_validate_torsion.id 
_pdbx_validate_torsion.PDB_model_num 
_pdbx_validate_torsion.auth_comp_id 
_pdbx_validate_torsion.auth_asym_id 
_pdbx_validate_torsion.auth_seq_id 
_pdbx_validate_torsion.PDB_ins_code 
_pdbx_validate_torsion.label_alt_id 
_pdbx_validate_torsion.phi 
_pdbx_validate_torsion.psi 
1 1 PRO A 13  ? ? -57.99  -88.97  
2 1 HYP A 28  ? ? -64.12  -155.39 
3 1 HYP C 71  ? ? -106.90 74.32   
4 1 HYP C 85  ? ? -46.63  155.33  
5 1 PRO F 163 ? ? -38.69  136.24  
# 
loop_
_pdbx_struct_mod_residue.id 
_pdbx_struct_mod_residue.label_asym_id 
_pdbx_struct_mod_residue.label_comp_id 
_pdbx_struct_mod_residue.label_seq_id 
_pdbx_struct_mod_residue.auth_asym_id 
_pdbx_struct_mod_residue.auth_comp_id 
_pdbx_struct_mod_residue.auth_seq_id 
_pdbx_struct_mod_residue.PDB_ins_code 
_pdbx_struct_mod_residue.parent_comp_id 
_pdbx_struct_mod_residue.details 
1  A HYP 2  A HYP 2   ? PRO 4-HYDROXYPROLINE 
2  A HYP 5  A HYP 5   ? PRO 4-HYDROXYPROLINE 
3  A HYP 8  A HYP 8   ? PRO 4-HYDROXYPROLINE 
4  A HYP 11 A HYP 11  ? PRO 4-HYDROXYPROLINE 
5  A HYP 16 A HYP 16  ? PRO 4-HYDROXYPROLINE 
6  A HYP 19 A HYP 19  ? PRO 4-HYDROXYPROLINE 
7  A HYP 22 A HYP 22  ? PRO 4-HYDROXYPROLINE 
8  A HYP 25 A HYP 25  ? PRO 4-HYDROXYPROLINE 
9  A HYP 28 A HYP 28  ? PRO 4-HYDROXYPROLINE 
10 B HYP 2  B HYP 32  ? PRO 4-HYDROXYPROLINE 
11 B HYP 5  B HYP 35  ? PRO 4-HYDROXYPROLINE 
12 B HYP 8  B HYP 38  ? PRO 4-HYDROXYPROLINE 
13 B HYP 11 B HYP 41  ? PRO 4-HYDROXYPROLINE 
14 B HYP 16 B HYP 46  ? PRO 4-HYDROXYPROLINE 
15 B HYP 19 B HYP 49  ? PRO 4-HYDROXYPROLINE 
16 B HYP 22 B HYP 52  ? PRO 4-HYDROXYPROLINE 
17 B HYP 25 B HYP 55  ? PRO 4-HYDROXYPROLINE 
18 B HYP 28 B HYP 58  ? PRO 4-HYDROXYPROLINE 
19 C HYP 2  C HYP 62  ? PRO 4-HYDROXYPROLINE 
20 C HYP 5  C HYP 65  ? PRO 4-HYDROXYPROLINE 
21 C HYP 8  C HYP 68  ? PRO 4-HYDROXYPROLINE 
22 C HYP 11 C HYP 71  ? PRO 4-HYDROXYPROLINE 
23 C HYP 16 C HYP 76  ? PRO 4-HYDROXYPROLINE 
24 C HYP 19 C HYP 79  ? PRO 4-HYDROXYPROLINE 
25 C HYP 22 C HYP 82  ? PRO 4-HYDROXYPROLINE 
26 C HYP 25 C HYP 85  ? PRO 4-HYDROXYPROLINE 
27 D HYP 2  D HYP 92  ? PRO 4-HYDROXYPROLINE 
28 D HYP 5  D HYP 95  ? PRO 4-HYDROXYPROLINE 
29 D HYP 8  D HYP 98  ? PRO 4-HYDROXYPROLINE 
30 D HYP 11 D HYP 101 ? PRO 4-HYDROXYPROLINE 
31 D HYP 16 D HYP 106 ? PRO 4-HYDROXYPROLINE 
32 D HYP 19 D HYP 109 ? PRO 4-HYDROXYPROLINE 
33 D HYP 22 D HYP 112 ? PRO 4-HYDROXYPROLINE 
34 D HYP 25 D HYP 115 ? PRO 4-HYDROXYPROLINE 
35 D HYP 28 D HYP 118 ? PRO 4-HYDROXYPROLINE 
36 E HYP 2  E HYP 122 ? PRO 4-HYDROXYPROLINE 
37 E HYP 5  E HYP 125 ? PRO 4-HYDROXYPROLINE 
38 E HYP 8  E HYP 128 ? PRO 4-HYDROXYPROLINE 
39 E HYP 11 E HYP 131 ? PRO 4-HYDROXYPROLINE 
40 E HYP 16 E HYP 136 ? PRO 4-HYDROXYPROLINE 
41 E HYP 19 E HYP 139 ? PRO 4-HYDROXYPROLINE 
42 E HYP 22 E HYP 142 ? PRO 4-HYDROXYPROLINE 
43 E HYP 25 E HYP 145 ? PRO 4-HYDROXYPROLINE 
44 E HYP 28 E HYP 148 ? PRO 4-HYDROXYPROLINE 
45 F HYP 2  F HYP 152 ? PRO 4-HYDROXYPROLINE 
46 F HYP 5  F HYP 155 ? PRO 4-HYDROXYPROLINE 
47 F HYP 8  F HYP 158 ? PRO 4-HYDROXYPROLINE 
48 F HYP 11 F HYP 161 ? PRO 4-HYDROXYPROLINE 
49 F HYP 16 F HYP 166 ? PRO 4-HYDROXYPROLINE 
50 F HYP 19 F HYP 169 ? PRO 4-HYDROXYPROLINE 
51 F HYP 22 F HYP 172 ? PRO 4-HYDROXYPROLINE 
52 F HYP 25 F HYP 175 ? PRO 4-HYDROXYPROLINE 
53 F HYP 28 F HYP 178 ? PRO 4-HYDROXYPROLINE 
# 
loop_
_pdbx_unobs_or_zero_occ_residues.id 
_pdbx_unobs_or_zero_occ_residues.PDB_model_num 
_pdbx_unobs_or_zero_occ_residues.polymer_flag 
_pdbx_unobs_or_zero_occ_residues.occupancy_flag 
_pdbx_unobs_or_zero_occ_residues.auth_asym_id 
_pdbx_unobs_or_zero_occ_residues.auth_comp_id 
_pdbx_unobs_or_zero_occ_residues.auth_seq_id 
_pdbx_unobs_or_zero_occ_residues.PDB_ins_code 
_pdbx_unobs_or_zero_occ_residues.label_asym_id 
_pdbx_unobs_or_zero_occ_residues.label_comp_id 
_pdbx_unobs_or_zero_occ_residues.label_seq_id 
1 1 Y 1 C PRO 87 ? C PRO 27 
2 1 Y 1 C HYP 88 ? C HYP 28 
3 1 Y 1 C GLY 89 ? C GLY 29 
# 
loop_
_chem_comp_atom.comp_id 
_chem_comp_atom.atom_id 
_chem_comp_atom.type_symbol 
_chem_comp_atom.pdbx_aromatic_flag 
_chem_comp_atom.pdbx_stereo_config 
_chem_comp_atom.pdbx_ordinal 
GLY N    N N N 1  
GLY CA   C N N 2  
GLY C    C N N 3  
GLY O    O N N 4  
GLY OXT  O N N 5  
GLY H    H N N 6  
GLY H2   H N N 7  
GLY HA2  H N N 8  
GLY HA3  H N N 9  
GLY HXT  H N N 10 
HOH O    O N N 11 
HOH H1   H N N 12 
HOH H2   H N N 13 
HYP N    N N N 14 
HYP CA   C N S 15 
HYP C    C N N 16 
HYP O    O N N 17 
HYP CB   C N N 18 
HYP CG   C N R 19 
HYP CD   C N N 20 
HYP OD1  O N N 21 
HYP OXT  O N N 22 
HYP H    H N N 23 
HYP HA   H N N 24 
HYP HB2  H N N 25 
HYP HB3  H N N 26 
HYP HG   H N N 27 
HYP HD22 H N N 28 
HYP HD23 H N N 29 
HYP HD1  H N N 30 
HYP HXT  H N N 31 
PRO N    N N N 32 
PRO CA   C N S 33 
PRO C    C N N 34 
PRO O    O N N 35 
PRO CB   C N N 36 
PRO CG   C N N 37 
PRO CD   C N N 38 
PRO OXT  O N N 39 
PRO H    H N N 40 
PRO HA   H N N 41 
PRO HB2  H N N 42 
PRO HB3  H N N 43 
PRO HG2  H N N 44 
PRO HG3  H N N 45 
PRO HD2  H N N 46 
PRO HD3  H N N 47 
PRO HXT  H N N 48 
# 
loop_
_chem_comp_bond.comp_id 
_chem_comp_bond.atom_id_1 
_chem_comp_bond.atom_id_2 
_chem_comp_bond.value_order 
_chem_comp_bond.pdbx_aromatic_flag 
_chem_comp_bond.pdbx_stereo_config 
_chem_comp_bond.pdbx_ordinal 
GLY N   CA   sing N N 1  
GLY N   H    sing N N 2  
GLY N   H2   sing N N 3  
GLY CA  C    sing N N 4  
GLY CA  HA2  sing N N 5  
GLY CA  HA3  sing N N 6  
GLY C   O    doub N N 7  
GLY C   OXT  sing N N 8  
GLY OXT HXT  sing N N 9  
HOH O   H1   sing N N 10 
HOH O   H2   sing N N 11 
HYP N   CA   sing N N 12 
HYP N   CD   sing N N 13 
HYP N   H    sing N N 14 
HYP CA  C    sing N N 15 
HYP CA  CB   sing N N 16 
HYP CA  HA   sing N N 17 
HYP C   O    doub N N 18 
HYP C   OXT  sing N N 19 
HYP CB  CG   sing N N 20 
HYP CB  HB2  sing N N 21 
HYP CB  HB3  sing N N 22 
HYP CG  CD   sing N N 23 
HYP CG  OD1  sing N N 24 
HYP CG  HG   sing N N 25 
HYP CD  HD22 sing N N 26 
HYP CD  HD23 sing N N 27 
HYP OD1 HD1  sing N N 28 
HYP OXT HXT  sing N N 29 
PRO N   CA   sing N N 30 
PRO N   CD   sing N N 31 
PRO N   H    sing N N 32 
PRO CA  C    sing N N 33 
PRO CA  CB   sing N N 34 
PRO CA  HA   sing N N 35 
PRO C   O    doub N N 36 
PRO C   OXT  sing N N 37 
PRO CB  CG   sing N N 38 
PRO CB  HB2  sing N N 39 
PRO CB  HB3  sing N N 40 
PRO CG  CD   sing N N 41 
PRO CG  HG2  sing N N 42 
PRO CG  HG3  sing N N 43 
PRO CD  HD2  sing N N 44 
PRO CD  HD3  sing N N 45 
PRO OXT HXT  sing N N 46 
# 
_atom_sites.entry_id                    1EI8 
_atom_sites.fract_transf_matrix[1][1]   0.01717461 
_atom_sites.fract_transf_matrix[1][2]   0.06788148 
_atom_sites.fract_transf_matrix[1][3]   0.01289451 
_atom_sites.fract_transf_matrix[2][1]   -0.04046882 
_atom_sites.fract_transf_matrix[2][2]   0.00792712 
_atom_sites.fract_transf_matrix[2][3]   -0.00971009 
_atom_sites.fract_transf_matrix[3][1]   -0.00246910 
_atom_sites.fract_transf_matrix[3][2]   -0.00251228 
_atom_sites.fract_transf_matrix[3][3]   0.01170861 
_atom_sites.fract_transf_vector[1]      0.246047 
_atom_sites.fract_transf_vector[2]      -0.196246 
_atom_sites.fract_transf_vector[3]      -0.003443 
# 
loop_
_atom_type.symbol 
C 
N 
O 
# 
loop_
_atom_site.group_PDB 
_atom_site.id 
_atom_site.type_symbol 
_atom_site.label_atom_id 
_atom_site.label_alt_id 
_atom_site.label_comp_id 
_atom_site.label_asym_id 
_atom_site.label_entity_id 
_atom_site.label_seq_id 
_atom_site.pdbx_PDB_ins_code 
_atom_site.Cartn_x 
_atom_site.Cartn_y 
_atom_site.Cartn_z 
_atom_site.occupancy 
_atom_site.B_iso_or_equiv 
_atom_site.pdbx_formal_charge 
_atom_site.auth_seq_id 
_atom_site.auth_comp_id 
_atom_site.auth_asym_id 
_atom_site.auth_atom_id 
_atom_site.pdbx_PDB_model_num 
ATOM   1    N N   . PRO A 1 1  ? -4.709  12.078  -40.235 1.00 26.09 ? 1    PRO A N   1 
ATOM   2    C CA  . PRO A 1 1  ? -4.358  12.588  -38.885 1.00 25.10 ? 1    PRO A CA  1 
ATOM   3    C C   . PRO A 1 1  ? -4.638  11.568  -37.779 1.00 23.94 ? 1    PRO A C   1 
ATOM   4    O O   . PRO A 1 1  ? -5.532  10.732  -37.907 1.00 23.87 ? 1    PRO A O   1 
ATOM   5    C CB  . PRO A 1 1  ? -5.189  13.842  -38.666 1.00 25.94 ? 1    PRO A CB  1 
ATOM   6    C CG  . PRO A 1 1  ? -6.415  13.536  -39.527 1.00 25.48 ? 1    PRO A CG  1 
ATOM   7    C CD  . PRO A 1 1  ? -5.839  12.852  -40.783 1.00 25.59 ? 1    PRO A CD  1 
HETATM 8    N N   . HYP A 1 2  ? -3.860  11.616  -36.683 1.00 22.65 ? 2    HYP A N   1 
HETATM 9    C CA  . HYP A 1 2  ? -4.066  10.682  -35.572 1.00 21.09 ? 2    HYP A CA  1 
HETATM 10   C C   . HYP A 1 2  ? -5.394  10.967  -34.867 1.00 20.53 ? 2    HYP A C   1 
HETATM 11   O O   . HYP A 1 2  ? -5.699  12.122  -34.543 1.00 20.32 ? 2    HYP A O   1 
HETATM 12   C CB  . HYP A 1 2  ? -2.884  10.966  -34.646 1.00 20.83 ? 2    HYP A CB  1 
HETATM 13   C CG  . HYP A 1 2  ? -1.830  11.453  -35.558 1.00 21.35 ? 2    HYP A CG  1 
HETATM 14   C CD  . HYP A 1 2  ? -2.588  12.342  -36.526 1.00 22.23 ? 2    HYP A CD  1 
HETATM 15   O OD1 . HYP A 1 2  ? -1.243  10.349  -36.254 1.00 21.46 ? 2    HYP A OD1 1 
ATOM   16   N N   . GLY A 1 3  ? -6.173  9.915   -34.627 1.00 17.79 ? 3    GLY A N   1 
ATOM   17   C CA  . GLY A 1 3  ? -7.440  10.078  -33.941 1.00 14.73 ? 3    GLY A CA  1 
ATOM   18   C C   . GLY A 1 3  ? -7.190  10.654  -32.561 1.00 12.71 ? 3    GLY A C   1 
ATOM   19   O O   . GLY A 1 3  ? -6.052  10.943  -32.211 1.00 11.57 ? 3    GLY A O   1 
ATOM   20   N N   . PRO A 1 4  ? -8.231  10.825  -31.745 1.00 12.89 ? 4    PRO A N   1 
ATOM   21   C CA  . PRO A 1 4  ? -8.075  11.382  -30.396 1.00 11.79 ? 4    PRO A CA  1 
ATOM   22   C C   . PRO A 1 4  ? -7.527  10.365  -29.391 1.00 11.11 ? 4    PRO A C   1 
ATOM   23   O O   . PRO A 1 4  ? -7.539  9.169   -29.653 1.00 12.18 ? 4    PRO A O   1 
ATOM   24   C CB  . PRO A 1 4  ? -9.497  11.816  -30.032 1.00 11.60 ? 4    PRO A CB  1 
ATOM   25   C CG  . PRO A 1 4  ? -10.261 11.801  -31.347 1.00 12.91 ? 4    PRO A CG  1 
ATOM   26   C CD  . PRO A 1 4  ? -9.651  10.647  -32.076 1.00 12.53 ? 4    PRO A CD  1 
HETATM 27   N N   . HYP A 1 5  ? -7.020  10.832  -28.232 1.00 11.46 ? 5    HYP A N   1 
HETATM 28   C CA  . HYP A 1 5  ? -6.493  9.905   -27.223 1.00 10.01 ? 5    HYP A CA  1 
HETATM 29   C C   . HYP A 1 5  ? -7.645  9.034   -26.764 1.00 9.98  ? 5    HYP A C   1 
HETATM 30   O O   . HYP A 1 5  ? -8.794  9.450   -26.836 1.00 7.19  ? 5    HYP A O   1 
HETATM 31   C CB  . HYP A 1 5  ? -6.034  10.832  -26.105 1.00 10.13 ? 5    HYP A CB  1 
HETATM 32   C CG  . HYP A 1 5  ? -5.621  12.040  -26.827 1.00 10.12 ? 5    HYP A CG  1 
HETATM 33   C CD  . HYP A 1 5  ? -6.714  12.222  -27.863 1.00 11.65 ? 5    HYP A CD  1 
HETATM 34   O OD1 . HYP A 1 5  ? -4.383  11.806  -27.467 1.00 9.31  ? 5    HYP A OD1 1 
ATOM   35   N N   . GLY A 1 6  ? -7.348  7.833   -26.284 1.00 9.16  ? 6    GLY A N   1 
ATOM   36   C CA  . GLY A 1 6  ? -8.421  6.966   -25.834 1.00 9.25  ? 6    GLY A CA  1 
ATOM   37   C C   . GLY A 1 6  ? -8.843  7.338   -24.430 1.00 9.42  ? 6    GLY A C   1 
ATOM   38   O O   . GLY A 1 6  ? -8.196  8.165   -23.800 1.00 10.64 ? 6    GLY A O   1 
ATOM   39   N N   . PRO A 1 7  ? -9.927  6.750   -23.909 1.00 10.59 ? 7    PRO A N   1 
ATOM   40   C CA  . PRO A 1 7  ? -10.382 7.068   -22.552 1.00 10.71 ? 7    PRO A CA  1 
ATOM   41   C C   . PRO A 1 7  ? -9.476  6.523   -21.442 1.00 11.07 ? 7    PRO A C   1 
ATOM   42   O O   . PRO A 1 7  ? -8.604  5.688   -21.683 1.00 11.65 ? 7    PRO A O   1 
ATOM   43   C CB  . PRO A 1 7  ? -11.781 6.456   -22.509 1.00 11.84 ? 7    PRO A CB  1 
ATOM   44   C CG  . PRO A 1 7  ? -11.659 5.277   -23.415 1.00 10.79 ? 7    PRO A CG  1 
ATOM   45   C CD  . PRO A 1 7  ? -10.865 5.832   -24.579 1.00 10.27 ? 7    PRO A CD  1 
HETATM 46   N N   . HYP A 1 8  ? -9.672  7.006   -20.206 1.00 10.69 ? 8    HYP A N   1 
HETATM 47   C CA  . HYP A 1 8  ? -8.900  6.592   -19.028 1.00 10.02 ? 8    HYP A CA  1 
HETATM 48   C C   . HYP A 1 8  ? -9.078  5.094   -18.791 1.00 6.97  ? 8    HYP A C   1 
HETATM 49   O O   . HYP A 1 8  ? -10.172 4.564   -18.960 1.00 7.12  ? 8    HYP A O   1 
HETATM 50   C CB  . HYP A 1 8  ? -9.522  7.416   -17.897 1.00 9.95  ? 8    HYP A CB  1 
HETATM 51   C CG  . HYP A 1 8  ? -10.071 8.626   -18.594 1.00 12.56 ? 8    HYP A CG  1 
HETATM 52   C CD  . HYP A 1 8  ? -10.659 8.040   -19.846 1.00 14.19 ? 8    HYP A CD  1 
HETATM 53   O OD1 . HYP A 1 8  ? -9.017  9.532   -18.941 1.00 16.75 ? 8    HYP A OD1 1 
ATOM   54   N N   . GLY A 1 9  ? -8.007  4.416   -18.402 1.00 7.36  ? 9    GLY A N   1 
ATOM   55   C CA  . GLY A 1 9  ? -8.092  2.987   -18.158 1.00 6.62  ? 9    GLY A CA  1 
ATOM   56   C C   . GLY A 1 9  ? -8.953  2.622   -16.961 1.00 6.83  ? 9    GLY A C   1 
ATOM   57   O O   . GLY A 1 9  ? -9.578  3.491   -16.367 1.00 5.73  ? 9    GLY A O   1 
ATOM   58   N N   . PRO A 1 10 ? -9.023  1.327   -16.592 1.00 8.56  ? 10   PRO A N   1 
ATOM   59   C CA  . PRO A 1 10 ? -9.831  0.897   -15.446 1.00 8.19  ? 10   PRO A CA  1 
ATOM   60   C C   . PRO A 1 10 ? -9.186  1.170   -14.093 1.00 9.43  ? 10   PRO A C   1 
ATOM   61   O O   . PRO A 1 10 ? -7.971  1.369   -13.993 1.00 6.31  ? 10   PRO A O   1 
ATOM   62   C CB  . PRO A 1 10 ? -10.011 -0.596  -15.690 1.00 9.64  ? 10   PRO A CB  1 
ATOM   63   C CG  . PRO A 1 10 ? -8.712  -0.973  -16.351 1.00 9.97  ? 10   PRO A CG  1 
ATOM   64   C CD  . PRO A 1 10 ? -8.536  0.159   -17.351 1.00 6.48  ? 10   PRO A CD  1 
HETATM 65   N N   . HYP A 1 11 ? -10.008 1.215   -13.034 1.00 10.72 ? 11   HYP A N   1 
HETATM 66   C CA  . HYP A 1 11 ? -9.469  1.462   -11.699 1.00 12.08 ? 11   HYP A CA  1 
HETATM 67   C C   . HYP A 1 11 ? -8.376  0.434   -11.453 1.00 12.85 ? 11   HYP A C   1 
HETATM 68   O O   . HYP A 1 11 ? -8.494  -0.709  -11.893 1.00 11.87 ? 11   HYP A O   1 
HETATM 69   C CB  . HYP A 1 11 ? -10.685 1.257   -10.798 1.00 13.71 ? 11   HYP A CB  1 
HETATM 70   C CG  . HYP A 1 11 ? -11.798 1.808   -11.651 1.00 11.36 ? 11   HYP A CG  1 
HETATM 71   C CD  . HYP A 1 11 ? -11.483 1.208   -13.017 1.00 11.22 ? 11   HYP A CD  1 
HETATM 72   O OD1 . HYP A 1 11 ? -11.700 3.233   -11.708 1.00 10.89 ? 11   HYP A OD1 1 
ATOM   73   N N   . GLY A 1 12 ? -7.318  0.854   -10.765 1.00 12.13 ? 12   GLY A N   1 
ATOM   74   C CA  . GLY A 1 12 ? -6.202  -0.022  -10.490 1.00 11.44 ? 12   GLY A CA  1 
ATOM   75   C C   . GLY A 1 12 ? -6.507  -1.196  -9.590  1.00 13.34 ? 12   GLY A C   1 
ATOM   76   O O   . GLY A 1 12 ? -7.531  -1.226  -8.898  1.00 13.60 ? 12   GLY A O   1 
ATOM   77   N N   . PRO A 1 13 ? -5.624  -2.203  -9.583  1.00 14.20 ? 13   PRO A N   1 
ATOM   78   C CA  . PRO A 1 13 ? -5.877  -3.356  -8.726  1.00 15.69 ? 13   PRO A CA  1 
ATOM   79   C C   . PRO A 1 13 ? -6.006  -2.911  -7.262  1.00 16.66 ? 13   PRO A C   1 
ATOM   80   O O   . PRO A 1 13 ? -7.109  -2.599  -6.810  1.00 20.29 ? 13   PRO A O   1 
ATOM   81   C CB  . PRO A 1 13 ? -4.673  -4.254  -9.003  1.00 14.50 ? 13   PRO A CB  1 
ATOM   82   C CG  . PRO A 1 13 ? -3.603  -3.308  -9.419  1.00 15.21 ? 13   PRO A CG  1 
ATOM   83   C CD  . PRO A 1 13 ? -4.335  -2.328  -10.283 1.00 14.37 ? 13   PRO A CD  1 
ATOM   84   N N   . GLY A 1 14 ? -4.896  -2.857  -6.533  1.00 15.35 ? 14   GLY A N   1 
ATOM   85   C CA  . GLY A 1 14 ? -4.957  -2.431  -5.143  1.00 11.89 ? 14   GLY A CA  1 
ATOM   86   C C   . GLY A 1 14 ? -5.029  -3.612  -4.200  1.00 10.39 ? 14   GLY A C   1 
ATOM   87   O O   . GLY A 1 14 ? -6.075  -4.246  -4.091  1.00 9.81  ? 14   GLY A O   1 
ATOM   88   N N   . PRO A 1 15 ? -3.936  -3.921  -3.489  1.00 9.69  ? 15   PRO A N   1 
ATOM   89   C CA  . PRO A 1 15 ? -3.855  -5.039  -2.546  1.00 9.39  ? 15   PRO A CA  1 
ATOM   90   C C   . PRO A 1 15 ? -4.501  -4.729  -1.200  1.00 10.24 ? 15   PRO A C   1 
ATOM   91   O O   . PRO A 1 15 ? -4.856  -3.577  -0.923  1.00 7.59  ? 15   PRO A O   1 
ATOM   92   C CB  . PRO A 1 15 ? -2.344  -5.264  -2.387  1.00 9.26  ? 15   PRO A CB  1 
ATOM   93   C CG  . PRO A 1 15 ? -1.681  -4.287  -3.352  1.00 9.78  ? 15   PRO A CG  1 
ATOM   94   C CD  . PRO A 1 15 ? -2.672  -3.177  -3.496  1.00 10.26 ? 15   PRO A CD  1 
HETATM 95   N N   . HYP A 1 16 ? -4.662  -5.761  -0.351  1.00 9.27  ? 16   HYP A N   1 
HETATM 96   C CA  . HYP A 1 16 ? -5.257  -5.605  0.982   1.00 10.84 ? 16   HYP A CA  1 
HETATM 97   C C   . HYP A 1 16 ? -4.384  -4.654  1.801   1.00 11.72 ? 16   HYP A C   1 
HETATM 98   O O   . HYP A 1 16 ? -3.177  -4.553  1.562   1.00 11.67 ? 16   HYP A O   1 
HETATM 99   C CB  . HYP A 1 16 ? -5.217  -7.025  1.558   1.00 11.30 ? 16   HYP A CB  1 
HETATM 100  C CG  . HYP A 1 16 ? -5.239  -7.922  0.337   1.00 10.13 ? 16   HYP A CG  1 
HETATM 101  C CD  . HYP A 1 16 ? -4.355  -7.177  -0.642  1.00 10.28 ? 16   HYP A CD  1 
HETATM 102  O OD1 . HYP A 1 16 ? -6.577  -8.027  -0.178  1.00 8.32  ? 16   HYP A OD1 1 
ATOM   103  N N   . GLY A 1 17 ? -4.984  -3.962  2.765   1.00 13.11 ? 17   GLY A N   1 
ATOM   104  C CA  . GLY A 1 17 ? -4.211  -3.050  3.590   1.00 11.52 ? 17   GLY A CA  1 
ATOM   105  C C   . GLY A 1 17 ? -3.408  -3.837  4.609   1.00 10.72 ? 17   GLY A C   1 
ATOM   106  O O   . GLY A 1 17 ? -3.470  -5.057  4.610   1.00 10.23 ? 17   GLY A O   1 
ATOM   107  N N   . PRO A 1 18 ? -2.643  -3.171  5.489   1.00 9.79  ? 18   PRO A N   1 
ATOM   108  C CA  . PRO A 1 18 ? -1.854  -3.893  6.490   1.00 6.87  ? 18   PRO A CA  1 
ATOM   109  C C   . PRO A 1 18 ? -2.737  -4.484  7.584   1.00 6.24  ? 18   PRO A C   1 
ATOM   110  O O   . PRO A 1 18 ? -3.886  -4.087  7.738   1.00 7.12  ? 18   PRO A O   1 
ATOM   111  C CB  . PRO A 1 18 ? -0.892  -2.830  7.012   1.00 6.93  ? 18   PRO A CB  1 
ATOM   112  C CG  . PRO A 1 18 ? -1.703  -1.560  6.887   1.00 5.58  ? 18   PRO A CG  1 
ATOM   113  C CD  . PRO A 1 18 ? -2.369  -1.724  5.532   1.00 6.03  ? 18   PRO A CD  1 
HETATM 114  N N   . HYP A 1 19 ? -2.209  -5.459  8.342   1.00 4.78  ? 19   HYP A N   1 
HETATM 115  C CA  . HYP A 1 19 ? -2.954  -6.110  9.424   1.00 6.24  ? 19   HYP A CA  1 
HETATM 116  C C   . HYP A 1 19 ? -3.410  -5.091  10.470  1.00 6.45  ? 19   HYP A C   1 
HETATM 117  O O   . HYP A 1 19 ? -2.808  -4.025  10.611  1.00 4.82  ? 19   HYP A O   1 
HETATM 118  C CB  . HYP A 1 19 ? -1.936  -7.098  10.007  1.00 6.60  ? 19   HYP A CB  1 
HETATM 119  C CG  . HYP A 1 19 ? -1.075  -7.424  8.851   1.00 5.24  ? 19   HYP A CG  1 
HETATM 120  C CD  . HYP A 1 19 ? -0.876  -6.068  8.191   1.00 6.18  ? 19   HYP A CD  1 
HETATM 121  O OD1 . HYP A 1 19 ? -1.779  -8.294  7.970   1.00 9.53  ? 19   HYP A OD1 1 
ATOM   122  N N   . GLY A 1 20 ? -4.464  -5.433  11.201  1.00 6.13  ? 20   GLY A N   1 
ATOM   123  C CA  . GLY A 1 20 ? -4.969  -4.535  12.217  1.00 6.42  ? 20   GLY A CA  1 
ATOM   124  C C   . GLY A 1 20 ? -4.022  -4.482  13.396  1.00 7.19  ? 20   GLY A C   1 
ATOM   125  O O   . GLY A 1 20 ? -3.033  -5.230  13.437  1.00 8.52  ? 20   GLY A O   1 
ATOM   126  N N   . PRO A 1 21 ? -4.287  -3.611  14.374  1.00 6.40  ? 21   PRO A N   1 
ATOM   127  C CA  . PRO A 1 21 ? -3.398  -3.526  15.533  1.00 7.29  ? 21   PRO A CA  1 
ATOM   128  C C   . PRO A 1 21 ? -3.697  -4.650  16.516  1.00 4.72  ? 21   PRO A C   1 
ATOM   129  O O   . PRO A 1 21 ? -4.699  -5.350  16.385  1.00 3.69  ? 21   PRO A O   1 
ATOM   130  C CB  . PRO A 1 21 ? -3.754  -2.171  16.130  1.00 6.04  ? 21   PRO A CB  1 
ATOM   131  C CG  . PRO A 1 21 ? -5.226  -2.137  15.924  1.00 6.44  ? 21   PRO A CG  1 
ATOM   132  C CD  . PRO A 1 21 ? -5.363  -2.605  14.472  1.00 6.26  ? 21   PRO A CD  1 
HETATM 133  N N   . HYP A 1 22 ? -2.812  -4.849  17.497  1.00 6.14  ? 22   HYP A N   1 
HETATM 134  C CA  . HYP A 1 22 ? -3.057  -5.904  18.482  1.00 5.89  ? 22   HYP A CA  1 
HETATM 135  C C   . HYP A 1 22 ? -4.340  -5.573  19.239  1.00 8.15  ? 22   HYP A C   1 
HETATM 136  O O   . HYP A 1 22 ? -4.682  -4.403  19.392  1.00 8.19  ? 22   HYP A O   1 
HETATM 137  C CB  . HYP A 1 22 ? -1.837  -5.817  19.377  1.00 7.10  ? 22   HYP A CB  1 
HETATM 138  C CG  . HYP A 1 22 ? -0.759  -5.447  18.433  1.00 6.16  ? 22   HYP A CG  1 
HETATM 139  C CD  . HYP A 1 22 ? -1.412  -4.387  17.558  1.00 4.77  ? 22   HYP A CD  1 
HETATM 140  O OD1 . HYP A 1 22 ? -0.392  -6.586  17.653  1.00 8.86  ? 22   HYP A OD1 1 
ATOM   141  N N   . GLY A 1 23 ? -5.051  -6.594  19.717  1.00 8.62  ? 23   GLY A N   1 
ATOM   142  C CA  . GLY A 1 23 ? -6.289  -6.342  20.439  1.00 7.51  ? 23   GLY A CA  1 
ATOM   143  C C   . GLY A 1 23 ? -6.094  -5.838  21.859  1.00 6.80  ? 23   GLY A C   1 
ATOM   144  O O   . GLY A 1 23 ? -4.972  -5.547  22.275  1.00 4.62  ? 23   GLY A O   1 
ATOM   145  N N   . PRO A 1 24 ? -7.180  -5.718  22.633  1.00 7.12  ? 24   PRO A N   1 
ATOM   146  C CA  . PRO A 1 24 ? -7.095  -5.239  24.019  1.00 9.78  ? 24   PRO A CA  1 
ATOM   147  C C   . PRO A 1 24 ? -6.485  -6.280  24.956  1.00 11.25 ? 24   PRO A C   1 
ATOM   148  O O   . PRO A 1 24 ? -6.477  -7.472  24.646  1.00 11.27 ? 24   PRO A O   1 
ATOM   149  C CB  . PRO A 1 24 ? -8.556  -4.955  24.390  1.00 9.11  ? 24   PRO A CB  1 
ATOM   150  C CG  . PRO A 1 24 ? -9.270  -4.845  23.070  1.00 10.12 ? 24   PRO A CG  1 
ATOM   151  C CD  . PRO A 1 24 ? -8.580  -5.894  22.227  1.00 6.52  ? 24   PRO A CD  1 
HETATM 152  N N   . HYP A 1 25 ? -5.947  -5.835  26.105  1.00 13.32 ? 25   HYP A N   1 
HETATM 153  C CA  . HYP A 1 25 ? -5.351  -6.759  27.071  1.00 15.36 ? 25   HYP A CA  1 
HETATM 154  C C   . HYP A 1 25 ? -6.394  -7.810  27.446  1.00 16.60 ? 25   HYP A C   1 
HETATM 155  O O   . HYP A 1 25 ? -7.593  -7.534  27.421  1.00 17.03 ? 25   HYP A O   1 
HETATM 156  C CB  . HYP A 1 25 ? -5.008  -5.848  28.250  1.00 14.52 ? 25   HYP A CB  1 
HETATM 157  C CG  . HYP A 1 25 ? -4.671  -4.568  27.598  1.00 12.50 ? 25   HYP A CG  1 
HETATM 158  C CD  . HYP A 1 25 ? -5.718  -4.435  26.509  1.00 14.98 ? 25   HYP A CD  1 
HETATM 159  O OD1 . HYP A 1 25 ? -3.379  -4.643  27.017  1.00 11.76 ? 25   HYP A OD1 1 
ATOM   160  N N   . GLY A 1 26 ? -5.941  -9.009  27.787  1.00 18.02 ? 26   GLY A N   1 
ATOM   161  C CA  . GLY A 1 26 ? -6.872  -10.058 28.160  1.00 21.83 ? 26   GLY A CA  1 
ATOM   162  C C   . GLY A 1 26 ? -7.540  -9.766  29.494  1.00 24.89 ? 26   GLY A C   1 
ATOM   163  O O   . GLY A 1 26 ? -7.228  -8.761  30.136  1.00 24.80 ? 26   GLY A O   1 
ATOM   164  N N   . PRO A 1 27 ? -8.480  -10.619 29.932  1.00 27.08 ? 27   PRO A N   1 
ATOM   165  C CA  . PRO A 1 27 ? -9.169  -10.409 31.211  1.00 28.64 ? 27   PRO A CA  1 
ATOM   166  C C   . PRO A 1 27 ? -8.258  -10.699 32.396  1.00 30.43 ? 27   PRO A C   1 
ATOM   167  O O   . PRO A 1 27 ? -7.263  -11.412 32.264  1.00 31.39 ? 27   PRO A O   1 
ATOM   168  C CB  . PRO A 1 27 ? -10.336 -11.391 31.141  1.00 28.00 ? 27   PRO A CB  1 
ATOM   169  C CG  . PRO A 1 27 ? -10.590 -11.519 29.685  1.00 27.62 ? 27   PRO A CG  1 
ATOM   170  C CD  . PRO A 1 27 ? -9.191  -11.623 29.126  1.00 27.23 ? 27   PRO A CD  1 
HETATM 171  N N   . HYP A 1 28 ? -8.591  -10.151 33.571  1.00 31.91 ? 28   HYP A N   1 
HETATM 172  C CA  . HYP A 1 28 ? -7.792  -10.359 34.783  1.00 33.50 ? 28   HYP A CA  1 
HETATM 173  C C   . HYP A 1 28 ? -7.782  -11.828 35.224  1.00 34.35 ? 28   HYP A C   1 
HETATM 174  O O   . HYP A 1 28 ? -7.984  -12.736 34.416  1.00 34.19 ? 28   HYP A O   1 
HETATM 175  C CB  . HYP A 1 28 ? -8.474  -9.452  35.812  1.00 33.99 ? 28   HYP A CB  1 
HETATM 176  C CG  . HYP A 1 28 ? -9.147  -8.389  34.964  1.00 34.53 ? 28   HYP A CG  1 
HETATM 177  C CD  . HYP A 1 28 ? -9.685  -9.197  33.817  1.00 32.80 ? 28   HYP A CD  1 
HETATM 178  O OD1 . HYP A 1 28 ? -8.180  -7.443  34.479  1.00 36.17 ? 28   HYP A OD1 1 
ATOM   179  N N   . GLY A 1 29 ? -7.547  -12.052 36.511  1.00 35.68 ? 29   GLY A N   1 
ATOM   180  C CA  . GLY A 1 29 ? -7.520  -13.406 37.034  1.00 36.38 ? 29   GLY A CA  1 
ATOM   181  C C   . GLY A 1 29 ? -8.569  -13.631 38.108  1.00 37.07 ? 29   GLY A C   1 
ATOM   182  O O   . GLY A 1 29 ? -9.460  -14.484 37.903  1.00 37.89 ? 29   GLY A O   1 
ATOM   183  O OXT . GLY A 1 29 ? -8.508  -12.956 39.158  1.00 37.09 ? 29   GLY A OXT 1 
ATOM   184  N N   . PRO B 1 1  ? -5.456  6.714   -38.906 1.00 17.83 ? 31   PRO B N   1 
ATOM   185  C CA  . PRO B 1 1  ? -4.700  5.995   -37.852 1.00 17.33 ? 31   PRO B CA  1 
ATOM   186  C C   . PRO B 1 1  ? -5.268  6.318   -36.463 1.00 16.45 ? 31   PRO B C   1 
ATOM   187  O O   . PRO B 1 1  ? -5.590  7.469   -36.165 1.00 15.64 ? 31   PRO B O   1 
ATOM   188  C CB  . PRO B 1 1  ? -3.250  6.444   -37.968 1.00 17.17 ? 31   PRO B CB  1 
ATOM   189  C CG  . PRO B 1 1  ? -3.427  7.852   -38.507 1.00 18.05 ? 31   PRO B CG  1 
ATOM   190  C CD  . PRO B 1 1  ? -4.611  7.765   -39.502 1.00 18.51 ? 31   PRO B CD  1 
HETATM 191  N N   . HYP B 1 2  ? -5.402  5.298   -35.599 1.00 15.23 ? 32   HYP B N   1 
HETATM 192  C CA  . HYP B 1 2  ? -5.936  5.491   -34.243 1.00 14.55 ? 32   HYP B CA  1 
HETATM 193  C C   . HYP B 1 2  ? -5.103  6.481   -33.428 1.00 14.00 ? 32   HYP B C   1 
HETATM 194  O O   . HYP B 1 2  ? -3.916  6.676   -33.701 1.00 14.21 ? 32   HYP B O   1 
HETATM 195  C CB  . HYP B 1 2  ? -5.876  4.086   -33.634 1.00 15.43 ? 32   HYP B CB  1 
HETATM 196  C CG  . HYP B 1 2  ? -5.908  3.163   -34.831 1.00 14.45 ? 32   HYP B CG  1 
HETATM 197  C CD  . HYP B 1 2  ? -5.052  3.887   -35.839 1.00 15.91 ? 32   HYP B CD  1 
HETATM 198  O OD1 . HYP B 1 2  ? -7.245  3.039   -35.328 1.00 14.03 ? 32   HYP B OD1 1 
ATOM   199  N N   . GLY B 1 3  ? -5.731  7.104   -32.431 1.00 13.35 ? 33   GLY B N   1 
ATOM   200  C CA  . GLY B 1 3  ? -5.019  8.045   -31.580 1.00 11.57 ? 33   GLY B CA  1 
ATOM   201  C C   . GLY B 1 3  ? -4.219  7.279   -30.545 1.00 10.18 ? 33   GLY B C   1 
ATOM   202  O O   . GLY B 1 3  ? -4.316  6.065   -30.506 1.00 9.01  ? 33   GLY B O   1 
ATOM   203  N N   . PRO B 1 4  ? -3.430  7.949   -29.691 1.00 10.44 ? 34   PRO B N   1 
ATOM   204  C CA  . PRO B 1 4  ? -2.615  7.298   -28.655 1.00 8.68  ? 34   PRO B CA  1 
ATOM   205  C C   . PRO B 1 4  ? -3.445  6.620   -27.569 1.00 7.62  ? 34   PRO B C   1 
ATOM   206  O O   . PRO B 1 4  ? -4.632  6.903   -27.434 1.00 8.66  ? 34   PRO B O   1 
ATOM   207  C CB  . PRO B 1 4  ? -1.794  8.452   -28.087 1.00 7.61  ? 34   PRO B CB  1 
ATOM   208  C CG  . PRO B 1 4  ? -1.706  9.413   -29.247 1.00 9.77  ? 34   PRO B CG  1 
ATOM   209  C CD  . PRO B 1 4  ? -3.111  9.383   -29.778 1.00 7.99  ? 34   PRO B CD  1 
HETATM 210  N N   . HYP B 1 5  ? -2.833  5.703   -26.795 1.00 5.99  ? 35   HYP B N   1 
HETATM 211  C CA  . HYP B 1 5  ? -3.554  5.011   -25.720 1.00 7.73  ? 35   HYP B CA  1 
HETATM 212  C C   . HYP B 1 5  ? -4.018  6.042   -24.691 1.00 8.77  ? 35   HYP B C   1 
HETATM 213  O O   . HYP B 1 5  ? -3.454  7.129   -24.611 1.00 6.18  ? 35   HYP B O   1 
HETATM 214  C CB  . HYP B 1 5  ? -2.486  4.089   -25.120 1.00 8.48  ? 35   HYP B CB  1 
HETATM 215  C CG  . HYP B 1 5  ? -1.647  3.750   -26.266 1.00 6.70  ? 35   HYP B CG  1 
HETATM 216  C CD  . HYP B 1 5  ? -1.508  5.091   -26.999 1.00 7.61  ? 35   HYP B CD  1 
HETATM 217  O OD1 . HYP B 1 5  ? -2.338  2.798   -27.075 1.00 9.74  ? 35   HYP B OD1 1 
ATOM   218  N N   . GLY B 1 6  ? -5.019  5.690   -23.895 1.00 9.09  ? 36   GLY B N   1 
ATOM   219  C CA  . GLY B 1 6  ? -5.510  6.613   -22.886 1.00 10.18 ? 36   GLY B CA  1 
ATOM   220  C C   . GLY B 1 6  ? -4.571  6.731   -21.699 1.00 10.99 ? 36   GLY B C   1 
ATOM   221  O O   . GLY B 1 6  ? -3.557  6.027   -21.629 1.00 12.56 ? 36   GLY B O   1 
ATOM   222  N N   . PRO B 1 7  ? -4.877  7.612   -20.735 1.00 11.32 ? 37   PRO B N   1 
ATOM   223  C CA  . PRO B 1 7  ? -3.994  7.752   -19.577 1.00 9.75  ? 37   PRO B CA  1 
ATOM   224  C C   . PRO B 1 7  ? -4.289  6.626   -18.601 1.00 7.28  ? 37   PRO B C   1 
ATOM   225  O O   . PRO B 1 7  ? -5.288  5.936   -18.747 1.00 5.96  ? 37   PRO B O   1 
ATOM   226  C CB  . PRO B 1 7  ? -4.405  9.097   -19.013 1.00 9.15  ? 37   PRO B CB  1 
ATOM   227  C CG  . PRO B 1 7  ? -5.895  9.025   -19.177 1.00 11.86 ? 37   PRO B CG  1 
ATOM   228  C CD  . PRO B 1 7  ? -6.037  8.515   -20.612 1.00 11.09 ? 37   PRO B CD  1 
HETATM 229  N N   . HYP B 1 8  ? -3.404  6.406   -17.619 1.00 7.59  ? 38   HYP B N   1 
HETATM 230  C CA  . HYP B 1 8  ? -3.628  5.349   -16.631 1.00 6.62  ? 38   HYP B CA  1 
HETATM 231  C C   . HYP B 1 8  ? -4.943  5.642   -15.918 1.00 6.72  ? 38   HYP B C   1 
HETATM 232  O O   . HYP B 1 8  ? -5.380  6.801   -15.860 1.00 4.92  ? 38   HYP B O   1 
HETATM 233  C CB  . HYP B 1 8  ? -2.436  5.497   -15.710 1.00 6.43  ? 38   HYP B CB  1 
HETATM 234  C CG  . HYP B 1 8  ? -1.361  5.889   -16.627 1.00 6.29  ? 38   HYP B CG  1 
HETATM 235  C CD  . HYP B 1 8  ? -2.033  6.938   -17.500 1.00 8.98  ? 38   HYP B CD  1 
HETATM 236  O OD1 . HYP B 1 8  ? -0.957  4.758   -17.414 1.00 8.44  ? 38   HYP B OD1 1 
ATOM   237  N N   . GLY B 1 9  ? -5.578  4.601   -15.385 1.00 6.46  ? 39   GLY B N   1 
ATOM   238  C CA  . GLY B 1 9  ? -6.851  4.787   -14.705 1.00 4.35  ? 39   GLY B CA  1 
ATOM   239  C C   . GLY B 1 9  ? -6.733  5.339   -13.296 1.00 4.95  ? 39   GLY B C   1 
ATOM   240  O O   . GLY B 1 9  ? -5.635  5.614   -12.834 1.00 2.39  ? 39   GLY B O   1 
ATOM   241  N N   . PRO B 1 10 ? -7.856  5.520   -12.592 1.00 3.33  ? 40   PRO B N   1 
ATOM   242  C CA  . PRO B 1 10 ? -7.860  6.045   -11.225 1.00 6.49  ? 40   PRO B CA  1 
ATOM   243  C C   . PRO B 1 10 ? -7.323  5.014   -10.245 1.00 8.57  ? 40   PRO B C   1 
ATOM   244  O O   . PRO B 1 10 ? -7.434  3.815   -10.491 1.00 6.75  ? 40   PRO B O   1 
ATOM   245  C CB  . PRO B 1 10 ? -9.337  6.331   -10.966 1.00 4.90  ? 40   PRO B CB  1 
ATOM   246  C CG  . PRO B 1 10 ? -9.894  6.557   -12.301 1.00 6.02  ? 40   PRO B CG  1 
ATOM   247  C CD  . PRO B 1 10 ? -9.224  5.474   -13.119 1.00 4.20  ? 40   PRO B CD  1 
HETATM 248  N N   . HYP B 1 11 ? -6.735  5.471   -9.123  1.00 10.40 ? 41   HYP B N   1 
HETATM 249  C CA  . HYP B 1 11 ? -6.204  4.536   -8.133  1.00 11.42 ? 41   HYP B CA  1 
HETATM 250  C C   . HYP B 1 11 ? -7.303  3.564   -7.747  1.00 11.78 ? 41   HYP B C   1 
HETATM 251  O O   . HYP B 1 11 ? -8.477  3.934   -7.729  1.00 10.19 ? 41   HYP B O   1 
HETATM 252  C CB  . HYP B 1 11 ? -5.813  5.448   -6.968  1.00 11.83 ? 41   HYP B CB  1 
HETATM 253  C CG  . HYP B 1 11 ? -5.397  6.701   -7.653  1.00 9.85  ? 41   HYP B CG  1 
HETATM 254  C CD  . HYP B 1 11 ? -6.425  6.864   -8.753  1.00 11.56 ? 41   HYP B CD  1 
HETATM 255  O OD1 . HYP B 1 11 ? -4.101  6.536   -8.211  1.00 10.67 ? 41   HYP B OD1 1 
ATOM   256  N N   . GLY B 1 12 ? -6.919  2.323   -7.466  1.00 12.32 ? 42   GLY B N   1 
ATOM   257  C CA  . GLY B 1 12 ? -7.884  1.312   -7.066  1.00 14.52 ? 42   GLY B CA  1 
ATOM   258  C C   . GLY B 1 12 ? -7.624  0.845   -5.638  1.00 15.85 ? 42   GLY B C   1 
ATOM   259  O O   . GLY B 1 12 ? -7.046  -0.220  -5.432  1.00 17.61 ? 42   GLY B O   1 
ATOM   260  N N   . PRO B 1 13 ? -8.038  1.617   -4.621  1.00 16.16 ? 43   PRO B N   1 
ATOM   261  C CA  . PRO B 1 13 ? -7.784  1.174   -3.245  1.00 15.24 ? 43   PRO B CA  1 
ATOM   262  C C   . PRO B 1 13 ? -8.288  -0.238  -2.958  1.00 14.85 ? 43   PRO B C   1 
ATOM   263  O O   . PRO B 1 13 ? -9.416  -0.597  -3.306  1.00 15.68 ? 43   PRO B O   1 
ATOM   264  C CB  . PRO B 1 13 ? -8.482  2.239   -2.402  1.00 14.99 ? 43   PRO B CB  1 
ATOM   265  C CG  . PRO B 1 13 ? -9.588  2.697   -3.271  1.00 17.00 ? 43   PRO B CG  1 
ATOM   266  C CD  . PRO B 1 13 ? -8.953  2.769   -4.647  1.00 16.03 ? 43   PRO B CD  1 
ATOM   267  N N   . GLY B 1 14 ? -7.439  -1.038  -2.323  1.00 15.54 ? 44   GLY B N   1 
ATOM   268  C CA  . GLY B 1 14 ? -7.796  -2.410  -2.009  1.00 13.79 ? 44   GLY B CA  1 
ATOM   269  C C   . GLY B 1 14 ? -8.762  -2.563  -0.855  1.00 14.17 ? 44   GLY B C   1 
ATOM   270  O O   . GLY B 1 14 ? -9.336  -1.580  -0.377  1.00 13.83 ? 44   GLY B O   1 
ATOM   271  N N   . PRO B 1 15 ? -8.976  -3.806  -0.386  1.00 14.29 ? 45   PRO B N   1 
ATOM   272  C CA  . PRO B 1 15 ? -9.890  -4.054  0.727   1.00 14.28 ? 45   PRO B CA  1 
ATOM   273  C C   . PRO B 1 15 ? -9.166  -3.937  2.055   1.00 13.02 ? 45   PRO B C   1 
ATOM   274  O O   . PRO B 1 15 ? -7.933  -3.857  2.099   1.00 12.27 ? 45   PRO B O   1 
ATOM   275  C CB  . PRO B 1 15 ? -10.348 -5.478  0.473   1.00 13.86 ? 45   PRO B CB  1 
ATOM   276  C CG  . PRO B 1 15 ? -9.079  -6.107  0.004   1.00 14.50 ? 45   PRO B CG  1 
ATOM   277  C CD  . PRO B 1 15 ? -8.554  -5.081  -0.994  1.00 13.83 ? 45   PRO B CD  1 
HETATM 278  N N   . HYP B 1 16 ? -9.928  -3.926  3.157   1.00 12.26 ? 46   HYP B N   1 
HETATM 279  C CA  . HYP B 1 16 ? -9.334  -3.827  4.492   1.00 12.00 ? 46   HYP B CA  1 
HETATM 280  C C   . HYP B 1 16 ? -8.426  -5.034  4.701   1.00 11.83 ? 46   HYP B C   1 
HETATM 281  O O   . HYP B 1 16 ? -8.739  -6.131  4.236   1.00 12.49 ? 46   HYP B O   1 
HETATM 282  C CB  . HYP B 1 16 ? -10.555 -3.860  5.413   1.00 12.34 ? 46   HYP B CB  1 
HETATM 283  C CG  . HYP B 1 16 ? -11.627 -3.258  4.578   1.00 10.64 ? 46   HYP B CG  1 
HETATM 284  C CD  . HYP B 1 16 ? -11.398 -3.905  3.236   1.00 12.42 ? 46   HYP B CD  1 
HETATM 285  O OD1 . HYP B 1 16 ? -11.431 -1.840  4.472   1.00 13.92 ? 46   HYP B OD1 1 
ATOM   286  N N   . GLY B 1 17 ? -7.300  -4.830  5.381   1.00 9.26  ? 47   GLY B N   1 
ATOM   287  C CA  . GLY B 1 17 ? -6.378  -5.922  5.631   1.00 6.86  ? 47   GLY B CA  1 
ATOM   288  C C   . GLY B 1 17 ? -6.892  -6.869  6.712   1.00 6.39  ? 47   GLY B C   1 
ATOM   289  O O   . GLY B 1 17 ? -8.013  -6.709  7.197   1.00 4.00  ? 47   GLY B O   1 
ATOM   290  N N   . PRO B 1 18 ? -6.089  -7.870  7.108   1.00 6.40  ? 48   PRO B N   1 
ATOM   291  C CA  . PRO B 1 18 ? -6.429  -8.865  8.129   1.00 6.56  ? 48   PRO B CA  1 
ATOM   292  C C   . PRO B 1 18 ? -6.571  -8.286  9.539   1.00 8.44  ? 48   PRO B C   1 
ATOM   293  O O   . PRO B 1 18 ? -5.878  -7.336  9.893   1.00 8.89  ? 48   PRO B O   1 
ATOM   294  C CB  . PRO B 1 18 ? -5.255  -9.832  8.070   1.00 7.19  ? 48   PRO B CB  1 
ATOM   295  C CG  . PRO B 1 18 ? -4.716  -9.671  6.679   1.00 8.16  ? 48   PRO B CG  1 
ATOM   296  C CD  . PRO B 1 18 ? -4.789  -8.182  6.493   1.00 6.41  ? 48   PRO B CD  1 
HETATM 297  N N   . HYP B 1 19 ? -7.457  -8.873  10.367  1.00 8.65  ? 49   HYP B N   1 
HETATM 298  C CA  . HYP B 1 19 ? -7.656  -8.402  11.742  1.00 8.13  ? 49   HYP B CA  1 
HETATM 299  C C   . HYP B 1 19 ? -6.297  -8.402  12.432  1.00 8.60  ? 49   HYP B C   1 
HETATM 300  O O   . HYP B 1 19 ? -5.404  -9.161  12.045  1.00 9.82  ? 49   HYP B O   1 
HETATM 301  C CB  . HYP B 1 19 ? -8.580  -9.459  12.341  1.00 7.38  ? 49   HYP B CB  1 
HETATM 302  C CG  . HYP B 1 19 ? -9.388  -9.909  11.176  1.00 7.55  ? 49   HYP B CG  1 
HETATM 303  C CD  . HYP B 1 19 ? -8.372  -9.986  10.053  1.00 9.67  ? 49   HYP B CD  1 
HETATM 304  O OD1 . HYP B 1 19 ? -10.389 -8.941  10.861  1.00 7.29  ? 49   HYP B OD1 1 
ATOM   305  N N   . GLY B 1 20 ? -6.133  -7.566  13.448  1.00 6.79  ? 50   GLY B N   1 
ATOM   306  C CA  . GLY B 1 20 ? -4.868  -7.536  14.153  1.00 7.17  ? 50   GLY B CA  1 
ATOM   307  C C   . GLY B 1 20 ? -4.716  -8.800  14.987  1.00 7.48  ? 50   GLY B C   1 
ATOM   308  O O   . GLY B 1 20 ? -5.679  -9.548  15.153  1.00 7.91  ? 50   GLY B O   1 
ATOM   309  N N   . PRO B 1 21 ? -3.513  -9.077  15.510  1.00 7.70  ? 51   PRO B N   1 
ATOM   310  C CA  . PRO B 1 21 ? -3.252  -10.264 16.332  1.00 8.15  ? 51   PRO B CA  1 
ATOM   311  C C   . PRO B 1 21 ? -3.955  -10.117 17.679  1.00 9.16  ? 51   PRO B C   1 
ATOM   312  O O   . PRO B 1 21 ? -4.513  -9.060  17.970  1.00 8.76  ? 51   PRO B O   1 
ATOM   313  C CB  . PRO B 1 21 ? -1.734  -10.235 16.504  1.00 9.32  ? 51   PRO B CB  1 
ATOM   314  C CG  . PRO B 1 21 ? -1.257  -9.510  15.305  1.00 9.16  ? 51   PRO B CG  1 
ATOM   315  C CD  . PRO B 1 21 ? -2.255  -8.387  15.195  1.00 9.17  ? 51   PRO B CD  1 
HETATM 316  N N   . HYP B 1 22 ? -3.966  -11.184 18.501  1.00 7.57  ? 52   HYP B N   1 
HETATM 317  C CA  . HYP B 1 22 ? -4.613  -11.098 19.815  1.00 8.85  ? 52   HYP B CA  1 
HETATM 318  C C   . HYP B 1 22 ? -3.857  -10.070 20.660  1.00 7.89  ? 52   HYP B C   1 
HETATM 319  O O   . HYP B 1 22 ? -2.645  -9.922  20.514  1.00 7.41  ? 52   HYP B O   1 
HETATM 320  C CB  . HYP B 1 22 ? -4.444  -12.511 20.393  1.00 8.57  ? 52   HYP B CB  1 
HETATM 321  C CG  . HYP B 1 22 ? -4.351  -13.392 19.194  1.00 9.87  ? 52   HYP B CG  1 
HETATM 322  C CD  . HYP B 1 22 ? -3.577  -12.570 18.179  1.00 10.11 ? 52   HYP B CD  1 
HETATM 323  O OD1 . HYP B 1 22 ? -5.658  -13.690 18.698  1.00 10.94 ? 52   HYP B OD1 1 
ATOM   324  N N   . GLY B 1 23 ? -4.561  -9.369  21.543  1.00 10.54 ? 53   GLY B N   1 
ATOM   325  C CA  . GLY B 1 23 ? -3.897  -8.387  22.388  1.00 9.44  ? 53   GLY B CA  1 
ATOM   326  C C   . GLY B 1 23 ? -3.063  -9.061  23.463  1.00 11.95 ? 53   GLY B C   1 
ATOM   327  O O   . GLY B 1 23 ? -2.981  -10.285 23.502  1.00 10.98 ? 53   GLY B O   1 
ATOM   328  N N   . PRO B 1 24 ? -2.423  -8.288  24.356  1.00 12.65 ? 54   PRO B N   1 
ATOM   329  C CA  . PRO B 1 24 ? -1.601  -8.858  25.424  1.00 12.18 ? 54   PRO B CA  1 
ATOM   330  C C   . PRO B 1 24 ? -2.466  -9.613  26.439  1.00 11.16 ? 54   PRO B C   1 
ATOM   331  O O   . PRO B 1 24 ? -3.660  -9.348  26.563  1.00 10.90 ? 54   PRO B O   1 
ATOM   332  C CB  . PRO B 1 24 ? -0.939  -7.628  26.041  1.00 12.18 ? 54   PRO B CB  1 
ATOM   333  C CG  . PRO B 1 24 ? -0.926  -6.638  24.912  1.00 12.56 ? 54   PRO B CG  1 
ATOM   334  C CD  . PRO B 1 24 ? -2.288  -6.825  24.318  1.00 12.93 ? 54   PRO B CD  1 
HETATM 335  N N   . HYP B 1 25 ? -1.872  -10.566 27.169  1.00 11.38 ? 55   HYP B N   1 
HETATM 336  C CA  . HYP B 1 25 ? -2.617  -11.342 28.169  1.00 13.06 ? 55   HYP B CA  1 
HETATM 337  C C   . HYP B 1 25 ? -2.879  -10.556 29.455  1.00 13.69 ? 55   HYP B C   1 
HETATM 338  O O   . HYP B 1 25 ? -2.012  -9.831  29.931  1.00 12.24 ? 55   HYP B O   1 
HETATM 339  C CB  . HYP B 1 25 ? -1.732  -12.561 28.391  1.00 13.76 ? 55   HYP B CB  1 
HETATM 340  C CG  . HYP B 1 25 ? -0.375  -12.050 28.149  1.00 13.59 ? 55   HYP B CG  1 
HETATM 341  C CD  . HYP B 1 25 ? -0.515  -11.102 26.985  1.00 13.45 ? 55   HYP B CD  1 
HETATM 342  O OD1 . HYP B 1 25 ? 0.470   -13.123 27.771  1.00 13.72 ? 55   HYP B OD1 1 
ATOM   343  N N   . GLY B 1 26 ? -4.079  -10.716 30.002  1.00 14.30 ? 56   GLY B N   1 
ATOM   344  C CA  . GLY B 1 26 ? -4.470  -10.001 31.204  1.00 18.58 ? 56   GLY B CA  1 
ATOM   345  C C   . GLY B 1 26 ? -3.467  -9.928  32.342  1.00 20.67 ? 56   GLY B C   1 
ATOM   346  O O   . GLY B 1 26 ? -2.415  -10.561 32.299  1.00 21.11 ? 56   GLY B O   1 
ATOM   347  N N   . PRO B 1 27 ? -3.776  -9.141  33.386  1.00 24.07 ? 57   PRO B N   1 
ATOM   348  C CA  . PRO B 1 27 ? -2.909  -8.976  34.556  1.00 25.69 ? 57   PRO B CA  1 
ATOM   349  C C   . PRO B 1 27 ? -3.105  -10.149 35.515  1.00 27.18 ? 57   PRO B C   1 
ATOM   350  O O   . PRO B 1 27 ? -4.172  -10.754 35.540  1.00 27.17 ? 57   PRO B O   1 
ATOM   351  C CB  . PRO B 1 27 ? -3.400  -7.667  35.151  1.00 25.83 ? 57   PRO B CB  1 
ATOM   352  C CG  . PRO B 1 27 ? -4.880  -7.765  34.921  1.00 24.96 ? 57   PRO B CG  1 
ATOM   353  C CD  . PRO B 1 27 ? -4.956  -8.260  33.485  1.00 24.60 ? 57   PRO B CD  1 
HETATM 354  N N   . HYP B 1 28 ? -2.076  -10.482 36.314  1.00 29.03 ? 58   HYP B N   1 
HETATM 355  C CA  . HYP B 1 28 ? -2.152  -11.588 37.274  1.00 30.41 ? 58   HYP B CA  1 
HETATM 356  C C   . HYP B 1 28 ? -3.270  -11.345 38.277  1.00 32.65 ? 58   HYP B C   1 
HETATM 357  O O   . HYP B 1 28 ? -3.980  -12.269 38.680  1.00 33.93 ? 58   HYP B O   1 
HETATM 358  C CB  . HYP B 1 28 ? -0.777  -11.561 37.936  1.00 30.29 ? 58   HYP B CB  1 
HETATM 359  C CG  . HYP B 1 28 ? 0.104   -10.989 36.868  1.00 28.85 ? 58   HYP B CG  1 
HETATM 360  C CD  . HYP B 1 28 ? -0.742  -9.864  36.346  1.00 29.27 ? 58   HYP B CD  1 
HETATM 361  O OD1 . HYP B 1 28 ? 0.310   -11.951 35.834  1.00 30.29 ? 58   HYP B OD1 1 
ATOM   362  N N   . GLY B 1 29 ? -3.409  -10.087 38.683  1.00 34.88 ? 59   GLY B N   1 
ATOM   363  C CA  . GLY B 1 29 ? -4.451  -9.713  39.619  1.00 36.32 ? 59   GLY B CA  1 
ATOM   364  C C   . GLY B 1 29 ? -5.788  -9.717  38.908  1.00 37.10 ? 59   GLY B C   1 
ATOM   365  O O   . GLY B 1 29 ? -6.281  -8.625  38.544  1.00 37.03 ? 59   GLY B O   1 
ATOM   366  O OXT . GLY B 1 29 ? -6.332  -10.822 38.684  1.00 38.22 ? 59   GLY B OXT 1 
ATOM   367  N N   . PRO C 1 1  ? -9.541  7.309   -35.558 1.00 19.02 ? 61   PRO C N   1 
ATOM   368  C CA  . PRO C 1 1  ? -10.478 6.858   -34.501 1.00 17.79 ? 61   PRO C CA  1 
ATOM   369  C C   . PRO C 1 1  ? -9.792  6.900   -33.143 1.00 16.83 ? 61   PRO C C   1 
ATOM   370  O O   . PRO C 1 1  ? -8.566  6.837   -33.061 1.00 15.20 ? 61   PRO C O   1 
ATOM   371  C CB  . PRO C 1 1  ? -10.863 5.437   -34.849 1.00 18.21 ? 61   PRO C CB  1 
ATOM   372  C CG  . PRO C 1 1  ? -9.577  4.964   -35.519 1.00 17.96 ? 61   PRO C CG  1 
ATOM   373  C CD  . PRO C 1 1  ? -9.133  6.156   -36.378 1.00 18.34 ? 61   PRO C CD  1 
HETATM 374  N N   . HYP C 1 2  ? -10.577 7.012   -32.060 1.00 16.32 ? 62   HYP C N   1 
HETATM 375  C CA  . HYP C 1 2  ? -10.004 7.055   -30.713 1.00 16.12 ? 62   HYP C CA  1 
HETATM 376  C C   . HYP C 1 2  ? -9.066  5.880   -30.481 1.00 15.56 ? 62   HYP C C   1 
HETATM 377  O O   . HYP C 1 2  ? -9.347  4.767   -30.920 1.00 15.23 ? 62   HYP C O   1 
HETATM 378  C CB  . HYP C 1 2  ? -11.236 6.979   -29.812 1.00 16.45 ? 62   HYP C CB  1 
HETATM 379  C CG  . HYP C 1 2  ? -12.261 7.706   -30.599 1.00 15.18 ? 62   HYP C CG  1 
HETATM 380  C CD  . HYP C 1 2  ? -12.043 7.156   -32.005 1.00 16.16 ? 62   HYP C CD  1 
HETATM 381  O OD1 . HYP C 1 2  ? -11.986 9.112   -30.576 1.00 14.33 ? 62   HYP C OD1 1 
ATOM   382  N N   . GLY C 1 3  ? -7.954  6.141   -29.799 1.00 13.08 ? 63   GLY C N   1 
ATOM   383  C CA  . GLY C 1 3  ? -6.999  5.089   -29.500 1.00 11.31 ? 63   GLY C CA  1 
ATOM   384  C C   . GLY C 1 3  ? -7.515  4.169   -28.405 1.00 9.33  ? 63   GLY C C   1 
ATOM   385  O O   . GLY C 1 3  ? -8.615  4.370   -27.904 1.00 8.69  ? 63   GLY C O   1 
ATOM   386  N N   . PRO C 1 4  ? -6.743  3.143   -28.014 1.00 7.92  ? 64   PRO C N   1 
ATOM   387  C CA  . PRO C 1 4  ? -7.122  2.182   -26.974 1.00 7.85  ? 64   PRO C CA  1 
ATOM   388  C C   . PRO C 1 4  ? -7.232  2.817   -25.581 1.00 8.42  ? 64   PRO C C   1 
ATOM   389  O O   . PRO C 1 4  ? -6.558  3.800   -25.301 1.00 9.87  ? 64   PRO C O   1 
ATOM   390  C CB  . PRO C 1 4  ? -5.978  1.165   -27.004 1.00 7.93  ? 64   PRO C CB  1 
ATOM   391  C CG  . PRO C 1 4  ? -5.380  1.312   -28.369 1.00 9.02  ? 64   PRO C CG  1 
ATOM   392  C CD  . PRO C 1 4  ? -5.441  2.794   -28.604 1.00 7.97  ? 64   PRO C CD  1 
HETATM 393  N N   . HYP C 1 5  ? -8.081  2.248   -24.699 1.00 9.61  ? 65   HYP C N   1 
HETATM 394  C CA  . HYP C 1 5  ? -8.256  2.757   -23.333 1.00 8.15  ? 65   HYP C CA  1 
HETATM 395  C C   . HYP C 1 5  ? -6.892  2.739   -22.641 1.00 9.54  ? 65   HYP C C   1 
HETATM 396  O O   . HYP C 1 5  ? -6.010  1.964   -23.019 1.00 10.05 ? 65   HYP C O   1 
HETATM 397  C CB  . HYP C 1 5  ? -9.201  1.749   -22.698 1.00 5.95  ? 65   HYP C CB  1 
HETATM 398  C CG  . HYP C 1 5  ? -10.017 1.248   -23.844 1.00 8.07  ? 65   HYP C CG  1 
HETATM 399  C CD  . HYP C 1 5  ? -9.065  1.191   -25.007 1.00 8.07  ? 65   HYP C CD  1 
HETATM 400  O OD1 . HYP C 1 5  ? -11.088 2.146   -24.134 1.00 9.62  ? 65   HYP C OD1 1 
ATOM   401  N N   . GLY C 1 6  ? -6.716  3.584   -21.631 1.00 8.74  ? 66   GLY C N   1 
ATOM   402  C CA  . GLY C 1 6  ? -5.452  3.603   -20.921 1.00 8.18  ? 66   GLY C CA  1 
ATOM   403  C C   . GLY C 1 6  ? -5.313  2.330   -20.108 1.00 9.04  ? 66   GLY C C   1 
ATOM   404  O O   . GLY C 1 6  ? -6.279  1.579   -19.990 1.00 9.82  ? 66   GLY C O   1 
ATOM   405  N N   . PRO C 1 7  ? -4.127  2.045   -19.550 1.00 8.67  ? 67   PRO C N   1 
ATOM   406  C CA  . PRO C 1 7  ? -3.909  0.834   -18.744 1.00 8.67  ? 67   PRO C CA  1 
ATOM   407  C C   . PRO C 1 7  ? -4.562  0.979   -17.360 1.00 9.27  ? 67   PRO C C   1 
ATOM   408  O O   . PRO C 1 7  ? -5.164  2.011   -17.074 1.00 9.41  ? 67   PRO C O   1 
ATOM   409  C CB  . PRO C 1 7  ? -2.393  0.749   -18.674 1.00 10.04 ? 67   PRO C CB  1 
ATOM   410  C CG  . PRO C 1 7  ? -1.990  2.185   -18.663 1.00 10.11 ? 67   PRO C CG  1 
ATOM   411  C CD  . PRO C 1 7  ? -2.878  2.805   -19.713 1.00 7.91  ? 67   PRO C CD  1 
HETATM 412  N N   . HYP C 1 8  ? -4.481  -0.057  -16.502 1.00 7.27  ? 68   HYP C N   1 
HETATM 413  C CA  . HYP C 1 8  ? -5.097  0.076   -15.174 1.00 8.35  ? 68   HYP C CA  1 
HETATM 414  C C   . HYP C 1 8  ? -4.391  1.149   -14.345 1.00 9.20  ? 68   HYP C C   1 
HETATM 415  O O   . HYP C 1 8  ? -3.172  1.306   -14.435 1.00 9.00  ? 68   HYP C O   1 
HETATM 416  C CB  . HYP C 1 8  ? -4.898  -1.308  -14.542 1.00 6.76  ? 68   HYP C CB  1 
HETATM 417  C CG  . HYP C 1 8  ? -4.785  -2.223  -15.674 1.00 5.79  ? 68   HYP C CG  1 
HETATM 418  C CD  . HYP C 1 8  ? -4.003  -1.434  -16.716 1.00 7.73  ? 68   HYP C CD  1 
HETATM 419  O OD1 . HYP C 1 8  ? -6.093  -2.566  -16.163 1.00 5.76  ? 68   HYP C OD1 1 
ATOM   420  N N   . GLY C 1 9  ? -5.150  1.865   -13.524 1.00 10.34 ? 69   GLY C N   1 
ATOM   421  C CA  . GLY C 1 9  ? -4.551  2.891   -12.689 1.00 10.43 ? 69   GLY C CA  1 
ATOM   422  C C   . GLY C 1 9  ? -3.736  2.308   -11.547 1.00 11.07 ? 69   GLY C C   1 
ATOM   423  O O   . GLY C 1 9  ? -3.554  1.098   -11.482 1.00 9.22  ? 69   GLY C O   1 
ATOM   424  N N   . PRO C 1 10 ? -3.235  3.152   -10.624 1.00 12.32 ? 70   PRO C N   1 
ATOM   425  C CA  . PRO C 1 10 ? -2.431  2.720   -9.474  1.00 12.37 ? 70   PRO C CA  1 
ATOM   426  C C   . PRO C 1 10 ? -3.187  1.810   -8.499  1.00 12.98 ? 70   PRO C C   1 
ATOM   427  O O   . PRO C 1 10 ? -4.401  1.898   -8.380  1.00 13.43 ? 70   PRO C O   1 
ATOM   428  C CB  . PRO C 1 10 ? -2.023  4.041   -8.824  1.00 10.59 ? 70   PRO C CB  1 
ATOM   429  C CG  . PRO C 1 10 ? -1.987  4.995   -9.996  1.00 12.08 ? 70   PRO C CG  1 
ATOM   430  C CD  . PRO C 1 10 ? -3.255  4.622   -10.717 1.00 10.73 ? 70   PRO C CD  1 
HETATM 431  N N   . HYP C 1 11 ? -2.463  0.920   -7.804  1.00 14.26 ? 71   HYP C N   1 
HETATM 432  C CA  . HYP C 1 11 ? -3.030  -0.022  -6.830  1.00 16.24 ? 71   HYP C CA  1 
HETATM 433  C C   . HYP C 1 11 ? -2.696  0.380   -5.388  1.00 15.31 ? 71   HYP C C   1 
HETATM 434  O O   . HYP C 1 11 ? -1.839  -0.249  -4.757  1.00 15.35 ? 71   HYP C O   1 
HETATM 435  C CB  . HYP C 1 11 ? -2.335  -1.313  -7.198  1.00 18.31 ? 71   HYP C CB  1 
HETATM 436  C CG  . HYP C 1 11 ? -0.906  -0.806  -7.361  1.00 19.15 ? 71   HYP C CG  1 
HETATM 437  C CD  . HYP C 1 11 ? -1.110  0.473   -8.204  1.00 17.04 ? 71   HYP C CD  1 
HETATM 438  O OD1 . HYP C 1 11 ? -0.115  -1.757  -8.093  1.00 21.86 ? 71   HYP C OD1 1 
ATOM   439  N N   . GLY C 1 12 ? -3.347  1.415   -4.865  1.00 13.98 ? 72   GLY C N   1 
ATOM   440  C CA  . GLY C 1 12 ? -3.051  1.825   -3.501  1.00 13.37 ? 72   GLY C CA  1 
ATOM   441  C C   . GLY C 1 12 ? -3.517  0.803   -2.473  1.00 12.22 ? 72   GLY C C   1 
ATOM   442  O O   . GLY C 1 12 ? -4.585  0.220   -2.638  1.00 12.71 ? 72   GLY C O   1 
ATOM   443  N N   . PRO C 1 13 ? -2.738  0.540   -1.412  1.00 11.88 ? 73   PRO C N   1 
ATOM   444  C CA  . PRO C 1 13 ? -3.166  -0.435  -0.403  1.00 10.88 ? 73   PRO C CA  1 
ATOM   445  C C   . PRO C 1 13 ? -4.521  -0.125  0.230   1.00 10.34 ? 73   PRO C C   1 
ATOM   446  O O   . PRO C 1 13 ? -4.894  1.039   0.377   1.00 8.48  ? 73   PRO C O   1 
ATOM   447  C CB  . PRO C 1 13 ? -2.027  -0.396  0.603   1.00 11.71 ? 73   PRO C CB  1 
ATOM   448  C CG  . PRO C 1 13 ? -0.847  -0.249  -0.309  1.00 14.11 ? 73   PRO C CG  1 
ATOM   449  C CD  . PRO C 1 13 ? -1.314  0.866   -1.234  1.00 11.90 ? 73   PRO C CD  1 
ATOM   450  N N   . GLY C 1 14 ? -5.255  -1.178  0.595   1.00 8.34  ? 74   GLY C N   1 
ATOM   451  C CA  . GLY C 1 14 ? -6.558  -0.998  1.204   1.00 7.56  ? 74   GLY C CA  1 
ATOM   452  C C   . GLY C 1 14 ? -6.387  -0.479  2.618   1.00 7.78  ? 74   GLY C C   1 
ATOM   453  O O   . GLY C 1 14 ? -5.259  -0.257  3.053   1.00 8.51  ? 74   GLY C O   1 
ATOM   454  N N   . PRO C 1 15 ? -7.487  -0.273  3.359   1.00 7.85  ? 75   PRO C N   1 
ATOM   455  C CA  . PRO C 1 15 ? -7.503  0.223   4.743   1.00 7.78  ? 75   PRO C CA  1 
ATOM   456  C C   . PRO C 1 15 ? -6.951  -0.769  5.766   1.00 8.90  ? 75   PRO C C   1 
ATOM   457  O O   . PRO C 1 15 ? -7.012  -1.986  5.564   1.00 9.19  ? 75   PRO C O   1 
ATOM   458  C CB  . PRO C 1 15 ? -8.989  0.489   5.007   1.00 7.90  ? 75   PRO C CB  1 
ATOM   459  C CG  . PRO C 1 15 ? -9.564  0.719   3.635   1.00 8.82  ? 75   PRO C CG  1 
ATOM   460  C CD  . PRO C 1 15 ? -8.849  -0.304  2.795   1.00 7.95  ? 75   PRO C CD  1 
HETATM 461  N N   . HYP C 1 16 ? -6.379  -0.263  6.874   1.00 8.65  ? 76   HYP C N   1 
HETATM 462  C CA  . HYP C 1 16 ? -5.855  -1.173  7.892   1.00 7.03  ? 76   HYP C CA  1 
HETATM 463  C C   . HYP C 1 16 ? -6.976  -2.095  8.363   1.00 7.28  ? 76   HYP C C   1 
HETATM 464  O O   . HYP C 1 16 ? -8.145  -1.722  8.328   1.00 5.24  ? 76   HYP C O   1 
HETATM 465  C CB  . HYP C 1 16 ? -5.427  -0.227  9.007   1.00 6.96  ? 76   HYP C CB  1 
HETATM 466  C CG  . HYP C 1 16 ? -4.889  0.908   8.274   1.00 6.95  ? 76   HYP C CG  1 
HETATM 467  C CD  . HYP C 1 16 ? -5.842  1.096   7.074   1.00 8.29  ? 76   HYP C CD  1 
HETATM 468  O OD1 . HYP C 1 16 ? -3.586  0.588   7.835   1.00 6.96  ? 76   HYP C OD1 1 
ATOM   469  N N   . GLY C 1 17 ? -6.625  -3.293  8.815   1.00 5.45  ? 77   GLY C N   1 
ATOM   470  C CA  . GLY C 1 17 ? -7.656  -4.193  9.286   1.00 5.42  ? 77   GLY C CA  1 
ATOM   471  C C   . GLY C 1 17 ? -8.071  -3.801  10.690  1.00 6.15  ? 77   GLY C C   1 
ATOM   472  O O   . GLY C 1 17 ? -7.378  -3.015  11.333  1.00 5.66  ? 77   GLY C O   1 
ATOM   473  N N   . PRO C 1 18 ? -9.200  -4.328  11.192  1.00 8.36  ? 78   PRO C N   1 
ATOM   474  C CA  . PRO C 1 18 ? -9.716  -4.034  12.537  1.00 9.25  ? 78   PRO C CA  1 
ATOM   475  C C   . PRO C 1 18 ? -8.834  -4.521  13.679  1.00 10.63 ? 78   PRO C C   1 
ATOM   476  O O   . PRO C 1 18 ? -7.932  -5.328  13.478  1.00 12.12 ? 78   PRO C O   1 
ATOM   477  C CB  . PRO C 1 18 ? -11.087 -4.706  12.537  1.00 9.64  ? 78   PRO C CB  1 
ATOM   478  C CG  . PRO C 1 18 ? -10.912 -5.845  11.571  1.00 9.42  ? 78   PRO C CG  1 
ATOM   479  C CD  . PRO C 1 18 ? -10.132 -5.200  10.456  1.00 7.94  ? 78   PRO C CD  1 
HETATM 480  N N   . HYP C 1 19 ? -9.086  -4.030  14.907  1.00 11.85 ? 79   HYP C N   1 
HETATM 481  C CA  . HYP C 1 19 ? -8.286  -4.442  16.065  1.00 11.86 ? 79   HYP C CA  1 
HETATM 482  C C   . HYP C 1 19 ? -8.428  -5.943  16.326  1.00 9.51  ? 79   HYP C C   1 
HETATM 483  O O   . HYP C 1 19 ? -9.517  -6.502  16.195  1.00 7.20  ? 79   HYP C O   1 
HETATM 484  C CB  . HYP C 1 19 ? -8.873  -3.618  17.218  1.00 12.48 ? 79   HYP C CB  1 
HETATM 485  C CG  . HYP C 1 19 ? -9.580  -2.482  16.553  1.00 14.37 ? 79   HYP C CG  1 
HETATM 486  C CD  . HYP C 1 19 ? -10.154 -3.101  15.307  1.00 13.41 ? 79   HYP C CD  1 
HETATM 487  O OD1 . HYP C 1 19 ? -8.645  -1.442  16.209  1.00 21.09 ? 79   HYP C OD1 1 
ATOM   488  N N   . GLY C 1 20 ? -7.331  -6.585  16.707  1.00 9.81  ? 80   GLY C N   1 
ATOM   489  C CA  . GLY C 1 20 ? -7.381  -8.005  16.992  1.00 9.88  ? 80   GLY C CA  1 
ATOM   490  C C   . GLY C 1 20 ? -8.242  -8.331  18.197  1.00 11.40 ? 80   GLY C C   1 
ATOM   491  O O   . GLY C 1 20 ? -8.756  -7.428  18.864  1.00 10.34 ? 80   GLY C O   1 
ATOM   492  N N   . PRO C 1 21 ? -8.418  -9.625  18.509  1.00 12.23 ? 81   PRO C N   1 
ATOM   493  C CA  . PRO C 1 21 ? -9.232  -10.041 19.650  1.00 11.99 ? 81   PRO C CA  1 
ATOM   494  C C   . PRO C 1 21 ? -8.534  -9.833  20.989  1.00 12.57 ? 81   PRO C C   1 
ATOM   495  O O   . PRO C 1 21 ? -7.321  -9.592  21.044  1.00 10.98 ? 81   PRO C O   1 
ATOM   496  C CB  . PRO C 1 21 ? -9.485  -11.505 19.362  1.00 11.27 ? 81   PRO C CB  1 
ATOM   497  C CG  . PRO C 1 21 ? -8.204  -11.928 18.742  1.00 12.46 ? 81   PRO C CG  1 
ATOM   498  C CD  . PRO C 1 21 ? -7.946  -10.802 17.759  1.00 11.82 ? 81   PRO C CD  1 
HETATM 499  N N   . HYP C 1 22 ? -9.302  -9.911  22.087  1.00 12.34 ? 82   HYP C N   1 
HETATM 500  C CA  . HYP C 1 22 ? -8.751  -9.737  23.428  1.00 13.42 ? 82   HYP C CA  1 
HETATM 501  C C   . HYP C 1 22 ? -7.624  -10.739 23.652  1.00 13.30 ? 82   HYP C C   1 
HETATM 502  O O   . HYP C 1 22 ? -7.638  -11.823 23.076  1.00 12.57 ? 82   HYP C O   1 
HETATM 503  C CB  . HYP C 1 22 ? -9.956  -10.001 24.330  1.00 13.79 ? 82   HYP C CB  1 
HETATM 504  C CG  . HYP C 1 22 ? -11.095 -9.469  23.519  1.00 13.64 ? 82   HYP C CG  1 
HETATM 505  C CD  . HYP C 1 22 ? -10.773 -10.010 22.132  1.00 12.57 ? 82   HYP C CD  1 
HETATM 506  O OD1 . HYP C 1 22 ? -11.059 -8.040  23.502  1.00 12.44 ? 82   HYP C OD1 1 
ATOM   507  N N   . GLY C 1 23 ? -6.646  -10.357 24.468  1.00 12.06 ? 83   GLY C N   1 
ATOM   508  C CA  . GLY C 1 23 ? -5.527  -11.234 24.746  1.00 14.43 ? 83   GLY C CA  1 
ATOM   509  C C   . GLY C 1 23 ? -5.931  -12.401 25.626  1.00 15.36 ? 83   GLY C C   1 
ATOM   510  O O   . GLY C 1 23 ? -7.032  -12.411 26.176  1.00 14.03 ? 83   GLY C O   1 
ATOM   511  N N   . PRO C 1 24 ? -5.065  -13.414 25.773  1.00 16.82 ? 84   PRO C N   1 
ATOM   512  C CA  . PRO C 1 24 ? -5.414  -14.561 26.612  1.00 19.34 ? 84   PRO C CA  1 
ATOM   513  C C   . PRO C 1 24 ? -5.477  -14.188 28.089  1.00 21.37 ? 84   PRO C C   1 
ATOM   514  O O   . PRO C 1 24 ? -4.761  -13.298 28.539  1.00 21.82 ? 84   PRO C O   1 
ATOM   515  C CB  . PRO C 1 24 ? -4.308  -15.565 26.292  1.00 19.42 ? 84   PRO C CB  1 
ATOM   516  C CG  . PRO C 1 24 ? -3.143  -14.703 25.975  1.00 18.01 ? 84   PRO C CG  1 
ATOM   517  C CD  . PRO C 1 24 ? -3.752  -13.610 25.132  1.00 17.67 ? 84   PRO C CD  1 
HETATM 518  N N   . HYP C 1 25 ? -6.346  -14.864 28.863  1.00 23.61 ? 85   HYP C N   1 
HETATM 519  C CA  . HYP C 1 25 ? -6.503  -14.598 30.298  1.00 23.39 ? 85   HYP C CA  1 
HETATM 520  C C   . HYP C 1 25 ? -5.194  -14.485 31.081  1.00 22.62 ? 85   HYP C C   1 
HETATM 521  O O   . HYP C 1 25 ? -4.163  -15.022 30.678  1.00 20.26 ? 85   HYP C O   1 
HETATM 522  C CB  . HYP C 1 25 ? -7.359  -15.772 30.764  1.00 24.85 ? 85   HYP C CB  1 
HETATM 523  C CG  . HYP C 1 25 ? -8.262  -15.977 29.601  1.00 23.94 ? 85   HYP C CG  1 
HETATM 524  C CD  . HYP C 1 25 ? -7.297  -15.903 28.426  1.00 24.39 ? 85   HYP C CD  1 
HETATM 525  O OD1 . HYP C 1 25 ? -9.207  -14.903 29.524  1.00 23.70 ? 85   HYP C OD1 1 
ATOM   526  N N   . GLY C 1 26 ? -5.252  -13.770 32.202  1.00 22.70 ? 86   GLY C N   1 
ATOM   527  C CA  . GLY C 1 26 ? -4.078  -13.600 33.034  1.00 22.72 ? 86   GLY C CA  1 
ATOM   528  C C   . GLY C 1 26 ? -4.150  -14.490 34.261  1.00 22.15 ? 86   GLY C C   1 
ATOM   529  O O   . GLY C 1 26 ? -5.234  -14.928 34.649  1.00 22.39 ? 86   GLY C O   1 
ATOM   530  N N   . PRO D 1 1  ? 3.774   -12.537 41.758  1.00 19.13 ? 91   PRO D N   1 
ATOM   531  C CA  . PRO D 1 1  ? 3.487   -12.834 40.345  1.00 19.44 ? 91   PRO D CA  1 
ATOM   532  C C   . PRO D 1 1  ? 4.330   -11.970 39.411  1.00 19.93 ? 91   PRO D C   1 
ATOM   533  O O   . PRO D 1 1  ? 4.938   -10.986 39.841  1.00 19.15 ? 91   PRO D O   1 
ATOM   534  C CB  . PRO D 1 1  ? 1.997   -12.584 40.131  1.00 20.66 ? 91   PRO D CB  1 
ATOM   535  C CG  . PRO D 1 1  ? 1.651   -11.665 41.293  1.00 19.49 ? 91   PRO D CG  1 
ATOM   536  C CD  . PRO D 1 1  ? 2.532   -12.142 42.448  1.00 20.51 ? 91   PRO D CD  1 
HETATM 537  N N   . HYP D 1 2  ? 4.379   -12.334 38.117  1.00 20.26 ? 92   HYP D N   1 
HETATM 538  C CA  . HYP D 1 2  ? 5.134   -11.623 37.077  1.00 19.83 ? 92   HYP D CA  1 
HETATM 539  C C   . HYP D 1 2  ? 4.569   -10.224 36.797  1.00 18.88 ? 92   HYP D C   1 
HETATM 540  O O   . HYP D 1 2  ? 3.413   -9.938  37.102  1.00 18.86 ? 92   HYP D O   1 
HETATM 541  C CB  . HYP D 1 2  ? 4.999   -12.550 35.877  1.00 20.85 ? 92   HYP D CB  1 
HETATM 542  C CG  . HYP D 1 2  ? 3.614   -13.085 36.065  1.00 21.56 ? 92   HYP D CG  1 
HETATM 543  C CD  . HYP D 1 2  ? 3.642   -13.463 37.526  1.00 21.35 ? 92   HYP D CD  1 
HETATM 544  O OD1 . HYP D 1 2  ? 3.413   -14.256 35.273  1.00 25.47 ? 92   HYP D OD1 1 
ATOM   545  N N   . GLY D 1 3  ? 5.388   -9.367  36.193  1.00 18.49 ? 93   GLY D N   1 
ATOM   546  C CA  . GLY D 1 3  ? 4.963   -8.009  35.900  1.00 15.75 ? 93   GLY D CA  1 
ATOM   547  C C   . GLY D 1 3  ? 4.031   -7.844  34.715  1.00 14.37 ? 93   GLY D C   1 
ATOM   548  O O   . GLY D 1 3  ? 3.688   -8.818  34.049  1.00 13.79 ? 93   GLY D O   1 
ATOM   549  N N   . PRO D 1 4  ? 3.587   -6.607  34.437  1.00 14.78 ? 94   PRO D N   1 
ATOM   550  C CA  . PRO D 1 4  ? 2.689   -6.373  33.308  1.00 13.50 ? 94   PRO D CA  1 
ATOM   551  C C   . PRO D 1 4  ? 3.434   -6.623  32.009  1.00 12.47 ? 94   PRO D C   1 
ATOM   552  O O   . PRO D 1 4  ? 4.662   -6.637  31.996  1.00 11.61 ? 94   PRO D O   1 
ATOM   553  C CB  . PRO D 1 4  ? 2.303   -4.905  33.474  1.00 14.60 ? 94   PRO D CB  1 
ATOM   554  C CG  . PRO D 1 4  ? 2.388   -4.693  34.961  1.00 14.34 ? 94   PRO D CG  1 
ATOM   555  C CD  . PRO D 1 4  ? 3.672   -5.408  35.292  1.00 15.22 ? 94   PRO D CD  1 
HETATM 556  N N   . HYP D 1 5  ? 2.699   -6.865  30.911  1.00 11.62 ? 95   HYP D N   1 
HETATM 557  C CA  . HYP D 1 5  ? 3.332   -7.102  29.612  1.00 11.46 ? 95   HYP D CA  1 
HETATM 558  C C   . HYP D 1 5  ? 4.108   -5.841  29.268  1.00 11.39 ? 95   HYP D C   1 
HETATM 559  O O   . HYP D 1 5  ? 3.866   -4.800  29.868  1.00 14.75 ? 95   HYP D O   1 
HETATM 560  C CB  . HYP D 1 5  ? 2.139   -7.309  28.682  1.00 10.23 ? 95   HYP D CB  1 
HETATM 561  C CG  . HYP D 1 5  ? 1.132   -7.941  29.564  1.00 11.73 ? 95   HYP D CG  1 
HETATM 562  C CD  . HYP D 1 5  ? 1.252   -7.140  30.845  1.00 11.50 ? 95   HYP D CD  1 
HETATM 563  O OD1 . HYP D 1 5  ? 1.483   -9.310  29.809  1.00 14.10 ? 95   HYP D OD1 1 
ATOM   564  N N   . GLY D 1 6  ? 5.034   -5.915  28.321  1.00 10.48 ? 96   GLY D N   1 
ATOM   565  C CA  . GLY D 1 6  ? 5.794   -4.728  27.959  1.00 8.77  ? 96   GLY D CA  1 
ATOM   566  C C   . GLY D 1 6  ? 5.036   -3.842  26.978  1.00 8.00  ? 96   GLY D C   1 
ATOM   567  O O   . GLY D 1 6  ? 3.911   -4.168  26.604  1.00 6.17  ? 96   GLY D O   1 
ATOM   568  N N   . PRO D 1 7  ? 5.613   -2.706  26.546  1.00 7.92  ? 97   PRO D N   1 
ATOM   569  C CA  . PRO D 1 7  ? 4.926   -1.820  25.598  1.00 8.63  ? 97   PRO D CA  1 
ATOM   570  C C   . PRO D 1 7  ? 4.967   -2.415  24.198  1.00 9.39  ? 97   PRO D C   1 
ATOM   571  O O   . PRO D 1 7  ? 5.760   -3.327  23.947  1.00 7.44  ? 97   PRO D O   1 
ATOM   572  C CB  . PRO D 1 7  ? 5.740   -0.536  25.675  1.00 8.94  ? 97   PRO D CB  1 
ATOM   573  C CG  . PRO D 1 7  ? 7.120   -1.058  25.860  1.00 8.03  ? 97   PRO D CG  1 
ATOM   574  C CD  . PRO D 1 7  ? 6.921   -2.147  26.921  1.00 8.51  ? 97   PRO D CD  1 
HETATM 575  N N   . HYP D 1 8  ? 4.128   -1.900  23.274  1.00 7.94  ? 98   HYP D N   1 
HETATM 576  C CA  . HYP D 1 8  ? 4.093   -2.401  21.894  1.00 8.95  ? 98   HYP D CA  1 
HETATM 577  C C   . HYP D 1 8  ? 5.463   -2.203  21.252  1.00 8.54  ? 98   HYP D C   1 
HETATM 578  O O   . HYP D 1 8  ? 6.188   -1.271  21.613  1.00 10.89 ? 98   HYP D O   1 
HETATM 579  C CB  . HYP D 1 8  ? 3.032   -1.526  21.222  1.00 8.46  ? 98   HYP D CB  1 
HETATM 580  C CG  . HYP D 1 8  ? 2.185   -1.037  22.348  1.00 6.41  ? 98   HYP D CG  1 
HETATM 581  C CD  . HYP D 1 8  ? 3.187   -0.779  23.442  1.00 7.50  ? 98   HYP D CD  1 
HETATM 582  O OD1 . HYP D 1 8  ? 1.270   -2.053  22.755  1.00 8.57  ? 98   HYP D OD1 1 
ATOM   583  N N   . GLY D 1 9  ? 5.811   -3.062  20.300  1.00 6.33  ? 99   GLY D N   1 
ATOM   584  C CA  . GLY D 1 9  ? 7.098   -2.959  19.644  1.00 3.98  ? 99   GLY D CA  1 
ATOM   585  C C   . GLY D 1 9  ? 7.165   -1.786  18.683  1.00 4.35  ? 99   GLY D C   1 
ATOM   586  O O   . GLY D 1 9  ? 6.177   -1.085  18.513  1.00 2.00  ? 99   GLY D O   1 
ATOM   587  N N   . PRO D 1 10 ? 8.317   -1.559  18.030  1.00 5.77  ? 100  PRO D N   1 
ATOM   588  C CA  . PRO D 1 10 ? 8.521   -0.463  17.078  1.00 7.84  ? 100  PRO D CA  1 
ATOM   589  C C   . PRO D 1 10 ? 7.769   -0.656  15.769  1.00 9.46  ? 100  PRO D C   1 
ATOM   590  O O   . PRO D 1 10 ? 7.466   -1.778  15.385  1.00 11.19 ? 100  PRO D O   1 
ATOM   591  C CB  . PRO D 1 10 ? 10.022  -0.484  16.867  1.00 7.34  ? 100  PRO D CB  1 
ATOM   592  C CG  . PRO D 1 10 ? 10.312  -1.937  16.890  1.00 6.89  ? 100  PRO D CG  1 
ATOM   593  C CD  . PRO D 1 10 ? 9.525   -2.399  18.107  1.00 5.40  ? 100  PRO D CD  1 
HETATM 594  N N   . HYP D 1 11 ? 7.456   0.445   15.064  1.00 11.03 ? 101  HYP D N   1 
HETATM 595  C CA  . HYP D 1 11 ? 6.735   0.307   13.795  1.00 11.43 ? 101  HYP D CA  1 
HETATM 596  C C   . HYP D 1 11 ? 7.521   -0.652  12.895  1.00 12.14 ? 101  HYP D C   1 
HETATM 597  O O   . HYP D 1 11 ? 8.750   -0.636  12.892  1.00 10.49 ? 101  HYP D O   1 
HETATM 598  C CB  . HYP D 1 11 ? 6.713   1.734   13.247  1.00 10.93 ? 101  HYP D CB  1 
HETATM 599  C CG  . HYP D 1 11 ? 6.749   2.593   14.524  1.00 10.95 ? 101  HYP D CG  1 
HETATM 600  C CD  . HYP D 1 11 ? 7.758   1.857   15.368  1.00 12.08 ? 101  HYP D CD  1 
HETATM 601  O OD1 . HYP D 1 11 ? 5.488   2.565   15.172  1.00 7.86  ? 101  HYP D OD1 1 
ATOM   602  N N   . GLY D 1 12 ? 6.807   -1.490  12.149  1.00 14.49 ? 102  GLY D N   1 
ATOM   603  C CA  . GLY D 1 12 ? 7.466   -2.448  11.276  1.00 17.52 ? 102  GLY D CA  1 
ATOM   604  C C   . GLY D 1 12 ? 8.363   -1.820  10.229  1.00 19.35 ? 102  GLY D C   1 
ATOM   605  O O   . GLY D 1 12 ? 8.625   -0.623  10.274  1.00 21.27 ? 102  GLY D O   1 
ATOM   606  N N   . PRO D 1 13 ? 8.866   -2.607  9.270   1.00 20.74 ? 103  PRO D N   1 
ATOM   607  C CA  . PRO D 1 13 ? 9.736   -2.037  8.239   1.00 21.23 ? 103  PRO D CA  1 
ATOM   608  C C   . PRO D 1 13 ? 8.925   -1.246  7.223   1.00 22.25 ? 103  PRO D C   1 
ATOM   609  O O   . PRO D 1 13 ? 7.776   -1.579  6.943   1.00 23.77 ? 103  PRO D O   1 
ATOM   610  C CB  . PRO D 1 13 ? 10.394  -3.266  7.632   1.00 21.41 ? 103  PRO D CB  1 
ATOM   611  C CG  . PRO D 1 13 ? 9.317   -4.286  7.736   1.00 20.14 ? 103  PRO D CG  1 
ATOM   612  C CD  . PRO D 1 13 ? 8.760   -4.067  9.123   1.00 20.08 ? 103  PRO D CD  1 
ATOM   613  N N   . GLY D 1 14 ? 9.520   -0.188  6.685   1.00 21.91 ? 104  GLY D N   1 
ATOM   614  C CA  . GLY D 1 14 ? 8.820   0.619   5.708   1.00 22.26 ? 104  GLY D CA  1 
ATOM   615  C C   . GLY D 1 14 ? 9.396   0.450   4.317   1.00 22.13 ? 104  GLY D C   1 
ATOM   616  O O   . GLY D 1 14 ? 10.243  1.236   3.907   1.00 23.77 ? 104  GLY D O   1 
ATOM   617  N N   . PRO D 1 15 ? 8.974   -0.581  3.570   1.00 21.69 ? 105  PRO D N   1 
ATOM   618  C CA  . PRO D 1 15 ? 9.499   -0.783  2.215   1.00 21.05 ? 105  PRO D CA  1 
ATOM   619  C C   . PRO D 1 15 ? 8.879   0.201   1.221   1.00 18.69 ? 105  PRO D C   1 
ATOM   620  O O   . PRO D 1 15 ? 7.678   0.473   1.272   1.00 18.18 ? 105  PRO D O   1 
ATOM   621  C CB  . PRO D 1 15 ? 9.110   -2.226  1.910   1.00 20.24 ? 105  PRO D CB  1 
ATOM   622  C CG  . PRO D 1 15 ? 7.802   -2.354  2.627   1.00 22.15 ? 105  PRO D CG  1 
ATOM   623  C CD  . PRO D 1 15 ? 8.097   -1.700  3.964   1.00 21.24 ? 105  PRO D CD  1 
HETATM 624  N N   . HYP D 1 16 ? 9.699   0.760   0.315   1.00 17.98 ? 106  HYP D N   1 
HETATM 625  C CA  . HYP D 1 16 ? 9.218   1.711   -0.687  1.00 16.65 ? 106  HYP D CA  1 
HETATM 626  C C   . HYP D 1 16 ? 8.098   1.106   -1.517  1.00 16.48 ? 106  HYP D C   1 
HETATM 627  O O   . HYP D 1 16 ? 8.128   -0.080  -1.843  1.00 17.24 ? 106  HYP D O   1 
HETATM 628  C CB  . HYP D 1 16 ? 10.462  1.983   -1.517  1.00 18.91 ? 106  HYP D CB  1 
HETATM 629  C CG  . HYP D 1 16 ? 11.535  1.918   -0.505  1.00 17.75 ? 106  HYP D CG  1 
HETATM 630  C CD  . HYP D 1 16 ? 11.166  0.666   0.267   1.00 17.93 ? 106  HYP D CD  1 
HETATM 631  O OD1 . HYP D 1 16 ? 11.461  3.059   0.353   1.00 19.36 ? 106  HYP D OD1 1 
ATOM   632  N N   . GLY D 1 17 ? 7.114   1.928   -1.860  1.00 14.22 ? 107  GLY D N   1 
ATOM   633  C CA  . GLY D 1 17 ? 5.992   1.447   -2.638  1.00 13.68 ? 107  GLY D CA  1 
ATOM   634  C C   . GLY D 1 17 ? 6.383   1.013   -4.035  1.00 12.55 ? 107  GLY D C   1 
ATOM   635  O O   . GLY D 1 17 ? 7.546   1.101   -4.430  1.00 12.29 ? 107  GLY D O   1 
ATOM   636  N N   . PRO D 1 18 ? 5.420   0.504   -4.807  1.00 12.06 ? 108  PRO D N   1 
ATOM   637  C CA  . PRO D 1 18 ? 5.739   0.073   -6.166  1.00 11.64 ? 108  PRO D CA  1 
ATOM   638  C C   . PRO D 1 18 ? 5.884   1.287   -7.092  1.00 11.13 ? 108  PRO D C   1 
ATOM   639  O O   . PRO D 1 18 ? 5.482   2.398   -6.742  1.00 10.82 ? 108  PRO D O   1 
ATOM   640  C CB  . PRO D 1 18 ? 4.550   -0.812  -6.526  1.00 11.77 ? 108  PRO D CB  1 
ATOM   641  C CG  . PRO D 1 18 ? 3.414   -0.169  -5.775  1.00 13.09 ? 108  PRO D CG  1 
ATOM   642  C CD  . PRO D 1 18 ? 4.038   0.147   -4.437  1.00 11.63 ? 108  PRO D CD  1 
HETATM 643  N N   . HYP D 1 19 ? 6.476   1.088   -8.281  1.00 9.20  ? 109  HYP D N   1 
HETATM 644  C CA  . HYP D 1 19 ? 6.663   2.178   -9.246  1.00 9.14  ? 109  HYP D CA  1 
HETATM 645  C C   . HYP D 1 19 ? 5.322   2.782   -9.654  1.00 8.41  ? 109  HYP D C   1 
HETATM 646  O O   . HYP D 1 19 ? 4.271   2.146   -9.531  1.00 7.18  ? 109  HYP D O   1 
HETATM 647  C CB  . HYP D 1 19 ? 7.359   1.479   -10.415 1.00 9.52  ? 109  HYP D CB  1 
HETATM 648  C CG  . HYP D 1 19 ? 8.149   0.397   -9.725  1.00 8.86  ? 109  HYP D CG  1 
HETATM 649  C CD  . HYP D 1 19 ? 7.125   -0.145  -8.761  1.00 10.43 ? 109  HYP D CD  1 
HETATM 650  O OD1 . HYP D 1 19 ? 9.243   0.973   -8.996  1.00 10.55 ? 109  HYP D OD1 1 
ATOM   651  N N   . GLY D 1 20 ? 5.357   4.019   -10.141 1.00 7.84  ? 110  GLY D N   1 
ATOM   652  C CA  . GLY D 1 20 ? 4.131   4.664   -10.553 1.00 7.24  ? 110  GLY D CA  1 
ATOM   653  C C   . GLY D 1 20 ? 3.696   4.119   -11.896 1.00 5.30  ? 110  GLY D C   1 
ATOM   654  O O   . GLY D 1 20 ? 4.430   3.363   -12.516 1.00 6.64  ? 110  GLY D O   1 
ATOM   655  N N   . PRO D 1 21 ? 2.495   4.460   -12.361 1.00 5.76  ? 111  PRO D N   1 
ATOM   656  C CA  . PRO D 1 21 ? 2.081   3.936   -13.661 1.00 6.22  ? 111  PRO D CA  1 
ATOM   657  C C   . PRO D 1 21 ? 2.912   4.572   -14.786 1.00 6.24  ? 111  PRO D C   1 
ATOM   658  O O   . PRO D 1 21 ? 3.715   5.482   -14.545 1.00 6.66  ? 111  PRO D O   1 
ATOM   659  C CB  . PRO D 1 21 ? 0.597   4.301   -13.717 1.00 5.41  ? 111  PRO D CB  1 
ATOM   660  C CG  . PRO D 1 21 ? 0.529   5.562   -12.896 1.00 4.35  ? 111  PRO D CG  1 
ATOM   661  C CD  . PRO D 1 21 ? 1.409   5.220   -11.721 1.00 7.00  ? 111  PRO D CD  1 
HETATM 662  N N   . HYP D 1 22 ? 2.747   4.085   -16.023 1.00 5.29  ? 112  HYP D N   1 
HETATM 663  C CA  . HYP D 1 22 ? 3.490   4.613   -17.172 1.00 4.69  ? 112  HYP D CA  1 
HETATM 664  C C   . HYP D 1 22 ? 3.165   6.084   -17.470 1.00 4.60  ? 112  HYP D C   1 
HETATM 665  O O   . HYP D 1 22 ? 2.057   6.555   -17.207 1.00 4.30  ? 112  HYP D O   1 
HETATM 666  C CB  . HYP D 1 22 ? 3.053   3.692   -18.321 1.00 5.51  ? 112  HYP D CB  1 
HETATM 667  C CG  . HYP D 1 22 ? 2.618   2.411   -17.610 1.00 6.96  ? 112  HYP D CG  1 
HETATM 668  C CD  . HYP D 1 22 ? 1.889   2.955   -16.420 1.00 5.88  ? 112  HYP D CD  1 
HETATM 669  O OD1 . HYP D 1 22 ? 3.766   1.674   -17.169 1.00 9.34  ? 112  HYP D OD1 1 
ATOM   670  N N   . GLY D 1 23 ? 4.126   6.792   -18.049 1.00 2.90  ? 113  GLY D N   1 
ATOM   671  C CA  . GLY D 1 23 ? 3.916   8.190   -18.375 1.00 7.84  ? 113  GLY D CA  1 
ATOM   672  C C   . GLY D 1 23 ? 2.906   8.380   -19.486 1.00 8.73  ? 113  GLY D C   1 
ATOM   673  O O   . GLY D 1 23 ? 2.350   7.408   -19.988 1.00 9.52  ? 113  GLY D O   1 
ATOM   674  N N   . PRO D 1 24 ? 2.617   9.625   -19.877 1.00 10.91 ? 114  PRO D N   1 
ATOM   675  C CA  . PRO D 1 24 ? 1.639   9.746   -20.956 1.00 12.00 ? 114  PRO D CA  1 
ATOM   676  C C   . PRO D 1 24 ? 2.301   9.560   -22.315 1.00 10.59 ? 114  PRO D C   1 
ATOM   677  O O   . PRO D 1 24 ? 3.530   9.548   -22.418 1.00 12.47 ? 114  PRO D O   1 
ATOM   678  C CB  . PRO D 1 24 ? 1.076   11.151  -20.755 1.00 11.03 ? 114  PRO D CB  1 
ATOM   679  C CG  . PRO D 1 24 ? 2.228   11.886  -20.212 1.00 12.39 ? 114  PRO D CG  1 
ATOM   680  C CD  . PRO D 1 24 ? 2.814   10.919  -19.203 1.00 11.16 ? 114  PRO D CD  1 
HETATM 681  N N   . HYP D 1 25 ? 1.494   9.367   -23.371 1.00 10.90 ? 115  HYP D N   1 
HETATM 682  C CA  . HYP D 1 25 ? 2.039   9.185   -24.721 1.00 11.05 ? 115  HYP D CA  1 
HETATM 683  C C   . HYP D 1 25 ? 2.875   10.401  -25.121 1.00 12.62 ? 115  HYP D C   1 
HETATM 684  O O   . HYP D 1 25 ? 2.618   11.516  -24.665 1.00 13.89 ? 115  HYP D O   1 
HETATM 685  C CB  . HYP D 1 25 ? 0.785   9.032   -25.576 1.00 9.37  ? 115  HYP D CB  1 
HETATM 686  C CG  . HYP D 1 25 ? -0.191  8.385   -24.634 1.00 9.42  ? 115  HYP D CG  1 
HETATM 687  C CD  . HYP D 1 25 ? 0.038   9.148   -23.356 1.00 9.63  ? 115  HYP D CD  1 
HETATM 688  O OD1 . HYP D 1 25 ? 0.142   7.003   -24.438 1.00 7.96  ? 115  HYP D OD1 1 
ATOM   689  N N   . GLY D 1 26 ? 3.874   10.187  -25.969 1.00 12.52 ? 116  GLY D N   1 
ATOM   690  C CA  . GLY D 1 26 ? 4.721   11.281  -26.394 1.00 14.23 ? 116  GLY D CA  1 
ATOM   691  C C   . GLY D 1 26 ? 3.970   12.298  -27.229 1.00 15.74 ? 116  GLY D C   1 
ATOM   692  O O   . GLY D 1 26 ? 2.808   12.087  -27.575 1.00 14.18 ? 116  GLY D O   1 
ATOM   693  N N   . PRO D 1 27 ? 4.607   13.428  -27.558 1.00 16.48 ? 117  PRO D N   1 
ATOM   694  C CA  . PRO D 1 27 ? 3.932   14.445  -28.364 1.00 17.33 ? 117  PRO D CA  1 
ATOM   695  C C   . PRO D 1 27 ? 3.770   13.924  -29.788 1.00 18.21 ? 117  PRO D C   1 
ATOM   696  O O   . PRO D 1 27 ? 4.491   13.015  -30.200 1.00 17.84 ? 117  PRO D O   1 
ATOM   697  C CB  . PRO D 1 27 ? 4.886   15.633  -28.272 1.00 18.44 ? 117  PRO D CB  1 
ATOM   698  C CG  . PRO D 1 27 ? 6.226   14.965  -28.225 1.00 17.69 ? 117  PRO D CG  1 
ATOM   699  C CD  . PRO D 1 27 ? 5.994   13.824  -27.256 1.00 17.26 ? 117  PRO D CD  1 
HETATM 700  N N   . HYP D 1 28 ? 2.805   14.467  -30.549 1.00 18.25 ? 118  HYP D N   1 
HETATM 701  C CA  . HYP D 1 28 ? 2.616   14.000  -31.926 1.00 19.47 ? 118  HYP D CA  1 
HETATM 702  C C   . HYP D 1 28 ? 3.932   14.098  -32.686 1.00 19.14 ? 118  HYP D C   1 
HETATM 703  O O   . HYP D 1 28 ? 4.824   14.843  -32.290 1.00 19.16 ? 118  HYP D O   1 
HETATM 704  C CB  . HYP D 1 28 ? 1.575   14.965  -32.483 1.00 20.42 ? 118  HYP D CB  1 
HETATM 705  C CG  . HYP D 1 28 ? 0.753   15.311  -31.293 1.00 19.94 ? 118  HYP D CG  1 
HETATM 706  C CD  . HYP D 1 28 ? 1.782   15.462  -30.179 1.00 19.51 ? 118  HYP D CD  1 
HETATM 707  O OD1 . HYP D 1 28 ? -0.154  14.247  -30.993 1.00 21.22 ? 118  HYP D OD1 1 
ATOM   708  N N   . GLY D 1 29 ? 4.053   13.348  -33.773 1.00 19.73 ? 119  GLY D N   1 
ATOM   709  C CA  . GLY D 1 29 ? 5.276   13.387  -34.552 1.00 19.69 ? 119  GLY D CA  1 
ATOM   710  C C   . GLY D 1 29 ? 5.264   14.530  -35.551 1.00 22.13 ? 119  GLY D C   1 
ATOM   711  O O   . GLY D 1 29 ? 4.246   15.250  -35.617 1.00 21.52 ? 119  GLY D O   1 
ATOM   712  O OXT . GLY D 1 29 ? 6.266   14.705  -36.273 1.00 22.96 ? 119  GLY D OXT 1 
ATOM   713  N N   . PRO E 1 1  ? 10.404  -11.255 38.718  1.00 25.88 ? 121  PRO E N   1 
ATOM   714  C CA  . PRO E 1 1  ? 10.430  -11.651 37.292  1.00 25.19 ? 121  PRO E CA  1 
ATOM   715  C C   . PRO E 1 1  ? 9.663   -10.682 36.395  1.00 24.24 ? 121  PRO E C   1 
ATOM   716  O O   . PRO E 1 1  ? 8.456   -10.488 36.561  1.00 23.77 ? 121  PRO E O   1 
ATOM   717  C CB  . PRO E 1 1  ? 9.825   -13.044 37.209  1.00 25.88 ? 121  PRO E CB  1 
ATOM   718  C CG  . PRO E 1 1  ? 8.953   -13.075 38.479  1.00 26.35 ? 121  PRO E CG  1 
ATOM   719  C CD  . PRO E 1 1  ? 9.802   -12.335 39.518  1.00 26.04 ? 121  PRO E CD  1 
HETATM 720  N N   . HYP E 1 2  ? 10.363  -10.055 35.430  1.00 23.45 ? 122  HYP E N   1 
HETATM 721  C CA  . HYP E 1 2  ? 9.730   -9.109  34.508  1.00 21.12 ? 122  HYP E CA  1 
HETATM 722  C C   . HYP E 1 2  ? 8.546   -9.774  33.806  1.00 19.20 ? 122  HYP E C   1 
HETATM 723  O O   . HYP E 1 2  ? 8.454   -11.006 33.766  1.00 19.22 ? 122  HYP E O   1 
HETATM 724  C CB  . HYP E 1 2  ? 10.868  -8.763  33.552  1.00 22.45 ? 122  HYP E CB  1 
HETATM 725  C CG  . HYP E 1 2  ? 12.060  -8.821  34.452  1.00 23.27 ? 122  HYP E CG  1 
HETATM 726  C CD  . HYP E 1 2  ? 11.817  -10.109 35.198  1.00 22.89 ? 122  HYP E CD  1 
HETATM 727  O OD1 . HYP E 1 2  ? 12.027  -7.729  35.377  1.00 24.74 ? 122  HYP E OD1 1 
ATOM   728  N N   . GLY E 1 3  ? 7.640   -8.962  33.272  1.00 14.57 ? 123  GLY E N   1 
ATOM   729  C CA  . GLY E 1 3  ? 6.476   -9.499  32.594  1.00 11.75 ? 123  GLY E CA  1 
ATOM   730  C C   . GLY E 1 3  ? 6.787   -9.933  31.175  1.00 10.22 ? 123  GLY E C   1 
ATOM   731  O O   . GLY E 1 3  ? 7.930   -9.837  30.731  1.00 8.57  ? 123  GLY E O   1 
ATOM   732  N N   . PRO E 1 4  ? 5.785   -10.432 30.439  1.00 10.46 ? 124  PRO E N   1 
ATOM   733  C CA  . PRO E 1 4  ? 5.964   -10.882 29.052  1.00 9.09  ? 124  PRO E CA  1 
ATOM   734  C C   . PRO E 1 4  ? 6.267   -9.726  28.102  1.00 11.03 ? 124  PRO E C   1 
ATOM   735  O O   . PRO E 1 4  ? 5.835   -8.593  28.335  1.00 10.57 ? 124  PRO E O   1 
ATOM   736  C CB  . PRO E 1 4  ? 4.622   -11.532 28.714  1.00 7.64  ? 124  PRO E CB  1 
ATOM   737  C CG  . PRO E 1 4  ? 4.047   -11.918 30.071  1.00 10.54 ? 124  PRO E CG  1 
ATOM   738  C CD  . PRO E 1 4  ? 4.439   -10.761 30.940  1.00 9.17  ? 124  PRO E CD  1 
HETATM 739  N N   . HYP E 1 5  ? 6.998   -10.000 27.005  1.00 11.18 ? 125  HYP E N   1 
HETATM 740  C CA  . HYP E 1 5  ? 7.322   -8.944  26.041  1.00 11.58 ? 125  HYP E CA  1 
HETATM 741  C C   . HYP E 1 5  ? 6.015   -8.271  25.617  1.00 11.49 ? 125  HYP E C   1 
HETATM 742  O O   . HYP E 1 5  ? 4.934   -8.812  25.834  1.00 8.87  ? 125  HYP E O   1 
HETATM 743  C CB  . HYP E 1 5  ? 7.963   -9.716  24.878  1.00 12.93 ? 125  HYP E CB  1 
HETATM 744  C CG  . HYP E 1 5  ? 8.572   -10.910 25.540  1.00 11.40 ? 125  HYP E CG  1 
HETATM 745  C CD  . HYP E 1 5  ? 7.533   -11.303 26.566  1.00 13.47 ? 125  HYP E CD  1 
HETATM 746  O OD1 . HYP E 1 5  ? 9.786   -10.540 26.192  1.00 14.07 ? 125  HYP E OD1 1 
ATOM   747  N N   . GLY E 1 6  ? 6.103   -7.096  25.007  1.00 12.30 ? 126  GLY E N   1 
ATOM   748  C CA  . GLY E 1 6  ? 4.884   -6.437  24.580  1.00 11.22 ? 126  GLY E CA  1 
ATOM   749  C C   . GLY E 1 6  ? 4.437   -6.992  23.243  1.00 9.53  ? 126  GLY E C   1 
ATOM   750  O O   . GLY E 1 6  ? 5.196   -7.712  22.606  1.00 10.53 ? 126  GLY E O   1 
ATOM   751  N N   . PRO E 1 7  ? 3.207   -6.705  22.797  1.00 8.32  ? 127  PRO E N   1 
ATOM   752  C CA  . PRO E 1 7  ? 2.772   -7.231  21.500  1.00 8.16  ? 127  PRO E CA  1 
ATOM   753  C C   . PRO E 1 7  ? 3.589   -6.557  20.392  1.00 7.89  ? 127  PRO E C   1 
ATOM   754  O O   . PRO E 1 7  ? 4.351   -5.627  20.663  1.00 7.08  ? 127  PRO E O   1 
ATOM   755  C CB  . PRO E 1 7  ? 1.300   -6.844  21.451  1.00 7.80  ? 127  PRO E CB  1 
ATOM   756  C CG  . PRO E 1 7  ? 1.263   -5.556  22.237  1.00 7.64  ? 127  PRO E CG  1 
ATOM   757  C CD  . PRO E 1 7  ? 2.135   -5.917  23.428  1.00 8.10  ? 127  PRO E CD  1 
HETATM 758  N N   . HYP E 1 8  ? 3.453   -7.030  19.140  1.00 7.36  ? 128  HYP E N   1 
HETATM 759  C CA  . HYP E 1 8  ? 4.165   -6.490  17.974  1.00 7.15  ? 128  HYP E CA  1 
HETATM 760  C C   . HYP E 1 8  ? 3.826   -5.023  17.719  1.00 6.83  ? 128  HYP E C   1 
HETATM 761  O O   . HYP E 1 8  ? 2.778   -4.543  18.137  1.00 7.98  ? 128  HYP E O   1 
HETATM 762  C CB  . HYP E 1 8  ? 3.670   -7.363  16.817  1.00 6.82  ? 128  HYP E CB  1 
HETATM 763  C CG  . HYP E 1 8  ? 3.235   -8.616  17.465  1.00 7.21  ? 128  HYP E CG  1 
HETATM 764  C CD  . HYP E 1 8  ? 2.594   -8.160  18.748  1.00 7.26  ? 128  HYP E CD  1 
HETATM 765  O OD1 . HYP E 1 8  ? 4.364   -9.436  17.749  1.00 8.11  ? 128  HYP E OD1 1 
ATOM   766  N N   . GLY E 1 9  ? 4.694   -4.337  16.982  1.00 7.28  ? 129  GLY E N   1 
ATOM   767  C CA  . GLY E 1 9  ? 4.474   -2.936  16.673  1.00 10.81 ? 129  GLY E CA  1 
ATOM   768  C C   . GLY E 1 9  ? 3.452   -2.664  15.584  1.00 12.01 ? 129  GLY E C   1 
ATOM   769  O O   . GLY E 1 9  ? 2.809   -3.582  15.085  1.00 14.46 ? 129  GLY E O   1 
ATOM   770  N N   . PRO E 1 10 ? 3.261   -1.392  15.208  1.00 13.75 ? 130  PRO E N   1 
ATOM   771  C CA  . PRO E 1 10 ? 2.290   -1.064  14.158  1.00 14.00 ? 130  PRO E CA  1 
ATOM   772  C C   . PRO E 1 10 ? 2.886   -1.420  12.800  1.00 13.61 ? 130  PRO E C   1 
ATOM   773  O O   . PRO E 1 10 ? 4.094   -1.635  12.694  1.00 13.36 ? 130  PRO E O   1 
ATOM   774  C CB  . PRO E 1 10 ? 2.109   0.446   14.304  1.00 13.49 ? 130  PRO E CB  1 
ATOM   775  C CG  . PRO E 1 10 ? 2.501   0.725   15.753  1.00 14.58 ? 130  PRO E CG  1 
ATOM   776  C CD  . PRO E 1 10 ? 3.693   -0.179  15.927  1.00 14.12 ? 130  PRO E CD  1 
HETATM 777  N N   . HYP E 1 11 ? 2.046   -1.509  11.755  1.00 13.53 ? 131  HYP E N   1 
HETATM 778  C CA  . HYP E 1 11 ? 2.544   -1.834  10.417  1.00 15.67 ? 131  HYP E CA  1 
HETATM 779  C C   . HYP E 1 11 ? 3.539   -0.757  10.014  1.00 16.51 ? 131  HYP E C   1 
HETATM 780  O O   . HYP E 1 11 ? 3.446   0.373   10.476  1.00 19.34 ? 131  HYP E O   1 
HETATM 781  C CB  . HYP E 1 11 ? 1.285   -1.796  9.563   1.00 13.84 ? 131  HYP E CB  1 
HETATM 782  C CG  . HYP E 1 11 ? 0.245   -2.275  10.501  1.00 14.65 ? 131  HYP E CG  1 
HETATM 783  C CD  . HYP E 1 11 ? 0.574   -1.537  11.782  1.00 14.32 ? 131  HYP E CD  1 
HETATM 784  O OD1 . HYP E 1 11 ? 0.382   -3.683  10.703  1.00 12.66 ? 131  HYP E OD1 1 
ATOM   785  N N   . GLY E 1 12 ? 4.478   -1.098  9.143   1.00 17.74 ? 132  GLY E N   1 
ATOM   786  C CA  . GLY E 1 12 ? 5.478   -0.135  8.728   1.00 18.41 ? 132  GLY E CA  1 
ATOM   787  C C   . GLY E 1 12 ? 4.971   1.063   7.947   1.00 20.07 ? 132  GLY E C   1 
ATOM   788  O O   . GLY E 1 12 ? 3.937   0.997   7.282   1.00 19.85 ? 132  GLY E O   1 
ATOM   789  N N   . PRO E 1 13 ? 5.682   2.196   8.034   1.00 20.61 ? 133  PRO E N   1 
ATOM   790  C CA  . PRO E 1 13 ? 5.283   3.404   7.311   1.00 21.04 ? 133  PRO E CA  1 
ATOM   791  C C   . PRO E 1 13 ? 6.120   3.509   6.042   1.00 20.26 ? 133  PRO E C   1 
ATOM   792  O O   . PRO E 1 13 ? 7.054   4.305   5.974   1.00 21.43 ? 133  PRO E O   1 
ATOM   793  C CB  . PRO E 1 13 ? 5.596   4.508   8.311   1.00 21.34 ? 133  PRO E CB  1 
ATOM   794  C CG  . PRO E 1 13 ? 6.884   4.022   8.905   1.00 22.85 ? 133  PRO E CG  1 
ATOM   795  C CD  . PRO E 1 13 ? 6.670   2.518   9.082   1.00 21.25 ? 133  PRO E CD  1 
ATOM   796  N N   . GLY E 1 14 ? 5.781   2.689   5.048   1.00 20.37 ? 134  GLY E N   1 
ATOM   797  C CA  . GLY E 1 14 ? 6.509   2.681   3.785   1.00 18.77 ? 134  GLY E CA  1 
ATOM   798  C C   . GLY E 1 14 ? 6.419   3.961   2.967   1.00 17.81 ? 134  GLY E C   1 
ATOM   799  O O   . GLY E 1 14 ? 5.354   4.576   2.908   1.00 18.02 ? 134  GLY E O   1 
ATOM   800  N N   . PRO E 1 15 ? 7.528   4.390   2.330   1.00 15.92 ? 135  PRO E N   1 
ATOM   801  C CA  . PRO E 1 15 ? 7.649   5.592   1.492   1.00 15.52 ? 135  PRO E CA  1 
ATOM   802  C C   . PRO E 1 15 ? 7.102   5.373   0.082   1.00 15.62 ? 135  PRO E C   1 
ATOM   803  O O   . PRO E 1 15 ? 6.835   4.235   -0.324  1.00 15.91 ? 135  PRO E O   1 
ATOM   804  C CB  . PRO E 1 15 ? 9.158   5.848   1.460   1.00 16.01 ? 135  PRO E CB  1 
ATOM   805  C CG  . PRO E 1 15 ? 9.688   5.097   2.651   1.00 15.42 ? 135  PRO E CG  1 
ATOM   806  C CD  . PRO E 1 15 ? 8.864   3.848   2.622   1.00 16.26 ? 135  PRO E CD  1 
HETATM 807  N N   . HYP E 1 16 ? 6.924   6.462   -0.685  1.00 12.92 ? 136  HYP E N   1 
HETATM 808  C CA  . HYP E 1 16 ? 6.409   6.324   -2.046  1.00 11.38 ? 136  HYP E CA  1 
HETATM 809  C C   . HYP E 1 16 ? 7.440   5.646   -2.912  1.00 10.32 ? 136  HYP E C   1 
HETATM 810  O O   . HYP E 1 16 ? 8.636   5.751   -2.648  1.00 10.13 ? 136  HYP E O   1 
HETATM 811  C CB  . HYP E 1 16 ? 6.187   7.771   -2.478  1.00 13.15 ? 136  HYP E CB  1 
HETATM 812  C CG  . HYP E 1 16 ? 5.885   8.446   -1.201  1.00 11.19 ? 136  HYP E CG  1 
HETATM 813  C CD  . HYP E 1 16 ? 6.945   7.881   -0.299  1.00 13.46 ? 136  HYP E CD  1 
HETATM 814  O OD1 . HYP E 1 16 ? 4.610   8.031   -0.747  1.00 10.23 ? 136  HYP E OD1 1 
ATOM   815  N N   . GLY E 1 17 ? 6.974   4.962   -3.951  1.00 9.06  ? 137  GLY E N   1 
ATOM   816  C CA  . GLY E 1 17 ? 7.890   4.293   -4.851  1.00 10.67 ? 137  GLY E CA  1 
ATOM   817  C C   . GLY E 1 17 ? 8.435   5.258   -5.886  1.00 10.41 ? 137  GLY E C   1 
ATOM   818  O O   . GLY E 1 17 ? 8.175   6.459   -5.817  1.00 12.78 ? 137  GLY E O   1 
ATOM   819  N N   . PRO E 1 18 ? 9.199   4.757   -6.866  1.00 10.14 ? 138  PRO E N   1 
ATOM   820  C CA  . PRO E 1 18 ? 9.793   5.568   -7.933  1.00 9.50  ? 138  PRO E CA  1 
ATOM   821  C C   . PRO E 1 18 ? 8.808   5.985   -9.018  1.00 8.71  ? 138  PRO E C   1 
ATOM   822  O O   . PRO E 1 18 ? 7.677   5.509   -9.062  1.00 7.36  ? 138  PRO E O   1 
ATOM   823  C CB  . PRO E 1 18 ? 10.869  4.648   -8.502  1.00 8.21  ? 138  PRO E CB  1 
ATOM   824  C CG  . PRO E 1 18 ? 11.206  3.761   -7.363  1.00 6.23  ? 138  PRO E CG  1 
ATOM   825  C CD  . PRO E 1 18 ? 9.853   3.440   -6.816  1.00 10.36 ? 138  PRO E CD  1 
HETATM 826  N N   . HYP E 1 19 ? 9.230   6.904   -9.902  1.00 8.21  ? 139  HYP E N   1 
HETATM 827  C CA  . HYP E 1 19 ? 8.357   7.352   -10.988 1.00 9.39  ? 139  HYP E CA  1 
HETATM 828  C C   . HYP E 1 19 ? 8.227   6.147   -11.923 1.00 8.93  ? 139  HYP E C   1 
HETATM 829  O O   . HYP E 1 19 ? 9.175   5.368   -12.055 1.00 9.30  ? 139  HYP E O   1 
HETATM 830  C CB  . HYP E 1 19 ? 9.156   8.492   -11.633 1.00 8.71  ? 139  HYP E CB  1 
HETATM 831  C CG  . HYP E 1 19 ? 10.024  8.993   -10.525 1.00 9.70  ? 139  HYP E CG  1 
HETATM 832  C CD  . HYP E 1 19 ? 10.468  7.694   -9.870  1.00 8.71  ? 139  HYP E CD  1 
HETATM 833  O OD1 . HYP E 1 19 ? 9.250   9.771   -9.585  1.00 10.14 ? 139  HYP E OD1 1 
ATOM   834  N N   . GLY E 1 20 ? 7.069   5.997   -12.558 1.00 8.08  ? 140  GLY E N   1 
ATOM   835  C CA  . GLY E 1 20 ? 6.843   4.874   -13.456 1.00 7.90  ? 140  GLY E CA  1 
ATOM   836  C C   . GLY E 1 20 ? 7.585   4.923   -14.785 1.00 8.30  ? 140  GLY E C   1 
ATOM   837  O O   . GLY E 1 20 ? 8.350   5.855   -15.042 1.00 8.79  ? 140  GLY E O   1 
ATOM   838  N N   . PRO E 1 21 ? 7.384   3.914   -15.651 1.00 7.90  ? 141  PRO E N   1 
ATOM   839  C CA  . PRO E 1 21 ? 8.032   3.826   -16.968 1.00 7.69  ? 141  PRO E CA  1 
ATOM   840  C C   . PRO E 1 21 ? 7.675   4.964   -17.920 1.00 9.61  ? 141  PRO E C   1 
ATOM   841  O O   . PRO E 1 21 ? 6.646   5.623   -17.763 1.00 6.26  ? 141  PRO E O   1 
ATOM   842  C CB  . PRO E 1 21 ? 7.543   2.482   -17.507 1.00 8.64  ? 141  PRO E CB  1 
ATOM   843  C CG  . PRO E 1 21 ? 7.341   1.661   -16.249 1.00 6.50  ? 141  PRO E CG  1 
ATOM   844  C CD  . PRO E 1 21 ? 6.655   2.667   -15.343 1.00 7.33  ? 141  PRO E CD  1 
HETATM 845  N N   . HYP E 1 22 ? 8.531   5.205   -18.924 1.00 10.59 ? 142  HYP E N   1 
HETATM 846  C CA  . HYP E 1 22 ? 8.268   6.270   -19.895 1.00 11.49 ? 142  HYP E CA  1 
HETATM 847  C C   . HYP E 1 22 ? 6.946   5.937   -20.582 1.00 11.90 ? 142  HYP E C   1 
HETATM 848  O O   . HYP E 1 22 ? 6.576   4.763   -20.670 1.00 12.56 ? 142  HYP E O   1 
HETATM 849  C CB  . HYP E 1 22 ? 9.450   6.169   -20.850 1.00 11.51 ? 142  HYP E CB  1 
HETATM 850  C CG  . HYP E 1 22 ? 10.552  5.596   -19.996 1.00 14.79 ? 142  HYP E CG  1 
HETATM 851  C CD  . HYP E 1 22 ? 9.841   4.574   -19.151 1.00 11.13 ? 142  HYP E CD  1 
HETATM 852  O OD1 . HYP E 1 22 ? 11.114  6.608   -19.154 1.00 18.29 ? 142  HYP E OD1 1 
ATOM   853  N N   . GLY E 1 23 ? 6.228   6.949   -21.059 1.00 8.24  ? 143  GLY E N   1 
ATOM   854  C CA  . GLY E 1 23 ? 4.956   6.679   -21.717 1.00 8.90  ? 143  GLY E CA  1 
ATOM   855  C C   . GLY E 1 23 ? 5.140   6.115   -23.118 1.00 8.45  ? 143  GLY E C   1 
ATOM   856  O O   . GLY E 1 23 ? 6.268   6.035   -23.597 1.00 6.81  ? 143  GLY E O   1 
ATOM   857  N N   . PRO E 1 24 ? 4.053   5.687   -23.786 1.00 8.84  ? 144  PRO E N   1 
ATOM   858  C CA  . PRO E 1 24 ? 4.085   5.127   -25.144 1.00 11.31 ? 144  PRO E CA  1 
ATOM   859  C C   . PRO E 1 24 ? 4.499   6.202   -26.147 1.00 13.17 ? 144  PRO E C   1 
ATOM   860  O O   . PRO E 1 24 ? 4.515   7.389   -25.819 1.00 13.57 ? 144  PRO E O   1 
ATOM   861  C CB  . PRO E 1 24 ? 2.642   4.690   -25.384 1.00 10.58 ? 144  PRO E CB  1 
ATOM   862  C CG  . PRO E 1 24 ? 2.087   4.483   -24.010 1.00 8.22  ? 144  PRO E CG  1 
ATOM   863  C CD  . PRO E 1 24 ? 2.695   5.612   -23.224 1.00 8.82  ? 144  PRO E CD  1 
HETATM 864  N N   . HYP E 1 25 ? 4.832   5.801   -27.386 1.00 15.39 ? 145  HYP E N   1 
HETATM 865  C CA  . HYP E 1 25 ? 5.233   6.780   -28.400 1.00 15.99 ? 145  HYP E CA  1 
HETATM 866  C C   . HYP E 1 25 ? 4.059   7.660   -28.804 1.00 16.38 ? 145  HYP E C   1 
HETATM 867  O O   . HYP E 1 25 ? 2.902   7.252   -28.703 1.00 15.56 ? 145  HYP E O   1 
HETATM 868  C CB  . HYP E 1 25 ? 5.717   5.904   -29.555 1.00 16.82 ? 145  HYP E CB  1 
HETATM 869  C CG  . HYP E 1 25 ? 6.205   4.660   -28.864 1.00 16.94 ? 145  HYP E CG  1 
HETATM 870  C CD  . HYP E 1 25 ? 5.121   4.430   -27.842 1.00 16.55 ? 145  HYP E CD  1 
HETATM 871  O OD1 . HYP E 1 25 ? 7.453   4.914   -28.200 1.00 17.37 ? 145  HYP E OD1 1 
ATOM   872  N N   . GLY E 1 26 ? 4.362   8.876   -29.250 1.00 18.40 ? 146  GLY E N   1 
ATOM   873  C CA  . GLY E 1 26 ? 3.309   9.776   -29.675 1.00 18.83 ? 146  GLY E CA  1 
ATOM   874  C C   . GLY E 1 26 ? 2.827   9.315   -31.037 1.00 19.60 ? 146  GLY E C   1 
ATOM   875  O O   . GLY E 1 26 ? 3.542   8.583   -31.727 1.00 19.83 ? 146  GLY E O   1 
ATOM   876  N N   . PRO E 1 27 ? 1.624   9.715   -31.460 1.00 19.40 ? 147  PRO E N   1 
ATOM   877  C CA  . PRO E 1 27 ? 1.144   9.278   -32.770 1.00 19.43 ? 147  PRO E CA  1 
ATOM   878  C C   . PRO E 1 27 ? 2.047   9.830   -33.877 1.00 18.91 ? 147  PRO E C   1 
ATOM   879  O O   . PRO E 1 27 ? 2.891   10.689  -33.622 1.00 19.32 ? 147  PRO E O   1 
ATOM   880  C CB  . PRO E 1 27 ? -0.266  9.849   -32.816 1.00 20.05 ? 147  PRO E CB  1 
ATOM   881  C CG  . PRO E 1 27 ? -0.115  11.138  -32.054 1.00 20.76 ? 147  PRO E CG  1 
ATOM   882  C CD  . PRO E 1 27 ? 0.714   10.707  -30.865 1.00 19.85 ? 147  PRO E CD  1 
HETATM 883  N N   . HYP E 1 28 ? 1.897   9.323   -35.111 1.00 18.44 ? 148  HYP E N   1 
HETATM 884  C CA  . HYP E 1 28 ? 2.711   9.787   -36.241 1.00 19.67 ? 148  HYP E CA  1 
HETATM 885  C C   . HYP E 1 28 ? 2.453   11.250  -36.609 1.00 20.58 ? 148  HYP E C   1 
HETATM 886  O O   . HYP E 1 28 ? 3.376   11.990  -36.959 1.00 21.67 ? 148  HYP E O   1 
HETATM 887  C CB  . HYP E 1 28 ? 2.298   8.849   -37.381 1.00 19.71 ? 148  HYP E CB  1 
HETATM 888  C CG  . HYP E 1 28 ? 1.883   7.593   -36.680 1.00 19.45 ? 148  HYP E CG  1 
HETATM 889  C CD  . HYP E 1 28 ? 1.127   8.120   -35.474 1.00 19.66 ? 148  HYP E CD  1 
HETATM 890  O OD1 . HYP E 1 28 ? 3.040   6.868   -36.260 1.00 19.18 ? 148  HYP E OD1 1 
ATOM   891  N N   . GLY E 1 29 ? 1.191   11.662  -36.541 1.00 21.43 ? 149  GLY E N   1 
ATOM   892  C CA  . GLY E 1 29 ? 0.852   13.027  -36.904 1.00 23.02 ? 149  GLY E CA  1 
ATOM   893  C C   . GLY E 1 29 ? 1.061   13.236  -38.395 1.00 23.61 ? 149  GLY E C   1 
ATOM   894  O O   . GLY E 1 29 ? 1.964   14.012  -38.776 1.00 24.14 ? 149  GLY E O   1 
ATOM   895  O OXT . GLY E 1 29 ? 0.333   12.607  -39.193 1.00 25.11 ? 149  GLY E OXT 1 
ATOM   896  N N   . PRO F 1 1  ? 7.516   -5.792  37.570  1.00 17.07 ? 151  PRO F N   1 
ATOM   897  C CA  . PRO F 1 1  ? 8.303   -5.063  36.543  1.00 17.23 ? 151  PRO F CA  1 
ATOM   898  C C   . PRO F 1 1  ? 7.789   -5.367  35.135  1.00 16.36 ? 151  PRO F C   1 
ATOM   899  O O   . PRO F 1 1  ? 7.714   -6.527  34.731  1.00 18.09 ? 151  PRO F O   1 
ATOM   900  C CB  . PRO F 1 1  ? 9.744   -5.522  36.694  1.00 16.56 ? 151  PRO F CB  1 
ATOM   901  C CG  . PRO F 1 1  ? 9.536   -6.939  37.223  1.00 15.81 ? 151  PRO F CG  1 
ATOM   902  C CD  . PRO F 1 1  ? 8.362   -6.812  38.213  1.00 18.35 ? 151  PRO F CD  1 
HETATM 903  N N   . HYP F 1 2  ? 7.445   -4.327  34.364  1.00 15.70 ? 152  HYP F N   1 
HETATM 904  C CA  . HYP F 1 2  ? 6.942   -4.525  32.999  1.00 13.19 ? 152  HYP F CA  1 
HETATM 905  C C   . HYP F 1 2  ? 7.941   -5.327  32.169  1.00 11.19 ? 152  HYP F C   1 
HETATM 906  O O   . HYP F 1 2  ? 9.110   -5.429  32.525  1.00 8.81  ? 152  HYP F O   1 
HETATM 907  C CB  . HYP F 1 2  ? 6.792   -3.092  32.477  1.00 16.27 ? 152  HYP F CB  1 
HETATM 908  C CG  . HYP F 1 2  ? 6.625   -2.278  33.725  1.00 16.44 ? 152  HYP F CG  1 
HETATM 909  C CD  . HYP F 1 2  ? 7.636   -2.894  34.641  1.00 16.81 ? 152  HYP F CD  1 
HETATM 910  O OD1 . HYP F 1 2  ? 5.318   -2.473  34.262  1.00 20.18 ? 152  HYP F OD1 1 
ATOM   911  N N   . GLY F 1 3  ? 7.488   -5.882  31.053  1.00 9.94  ? 153  GLY F N   1 
ATOM   912  C CA  . GLY F 1 3  ? 8.397   -6.653  30.221  1.00 9.67  ? 153  GLY F CA  1 
ATOM   913  C C   . GLY F 1 3  ? 9.052   -5.791  29.160  1.00 9.85  ? 153  GLY F C   1 
ATOM   914  O O   . GLY F 1 3  ? 8.784   -4.594  29.091  1.00 9.49  ? 153  GLY F O   1 
ATOM   915  N N   . PRO F 1 4  ? 9.919   -6.361  28.313  1.00 10.41 ? 154  PRO F N   1 
ATOM   916  C CA  . PRO F 1 4  ? 10.556  -5.538  27.280  1.00 9.40  ? 154  PRO F CA  1 
ATOM   917  C C   . PRO F 1 4  ? 9.573   -5.211  26.152  1.00 8.51  ? 154  PRO F C   1 
ATOM   918  O O   . PRO F 1 4  ? 8.452   -5.708  26.136  1.00 7.42  ? 154  PRO F O   1 
ATOM   919  C CB  . PRO F 1 4  ? 11.711  -6.418  26.818  1.00 10.88 ? 154  PRO F CB  1 
ATOM   920  C CG  . PRO F 1 4  ? 11.141  -7.784  26.924  1.00 10.02 ? 154  PRO F CG  1 
ATOM   921  C CD  . PRO F 1 4  ? 10.409  -7.751  28.255  1.00 10.14 ? 154  PRO F CD  1 
HETATM 922  N N   . HYP F 1 5  ? 9.978   -4.343  25.207  1.00 8.34  ? 155  HYP F N   1 
HETATM 923  C CA  . HYP F 1 5  ? 9.109   -3.973  24.086  1.00 8.39  ? 155  HYP F CA  1 
HETATM 924  C C   . HYP F 1 5  ? 8.911   -5.186  23.171  1.00 8.35  ? 155  HYP F C   1 
HETATM 925  O O   . HYP F 1 5  ? 9.803   -6.019  23.046  1.00 6.98  ? 155  HYP F O   1 
HETATM 926  C CB  . HYP F 1 5  ? 9.897   -2.860  23.378  1.00 8.47  ? 155  HYP F CB  1 
HETATM 927  C CG  . HYP F 1 5  ? 10.824  -2.335  24.421  1.00 8.20  ? 155  HYP F CG  1 
HETATM 928  C CD  . HYP F 1 5  ? 11.229  -3.567  25.185  1.00 8.85  ? 155  HYP F CD  1 
HETATM 929  O OD1 . HYP F 1 5  ? 10.132  -1.430  25.281  1.00 7.97  ? 155  HYP F OD1 1 
ATOM   930  N N   . GLY F 1 6  ? 7.754   -5.275  22.532  1.00 8.46  ? 156  GLY F N   1 
ATOM   931  C CA  . GLY F 1 6  ? 7.490   -6.392  21.634  1.00 9.02  ? 156  GLY F CA  1 
ATOM   932  C C   . GLY F 1 6  ? 8.295   -6.357  20.343  1.00 8.06  ? 156  GLY F C   1 
ATOM   933  O O   . GLY F 1 6  ? 9.142   -5.483  20.168  1.00 6.96  ? 156  GLY F O   1 
ATOM   934  N N   . PRO F 1 7  ? 8.052   -7.303  19.416  1.00 8.61  ? 157  PRO F N   1 
ATOM   935  C CA  . PRO F 1 7  ? 8.753   -7.394  18.124  1.00 9.54  ? 157  PRO F CA  1 
ATOM   936  C C   . PRO F 1 7  ? 8.388   -6.262  17.169  1.00 10.02 ? 157  PRO F C   1 
ATOM   937  O O   . PRO F 1 7  ? 7.386   -5.579  17.363  1.00 9.19  ? 157  PRO F O   1 
ATOM   938  C CB  . PRO F 1 7  ? 8.291   -8.743  17.562  1.00 9.58  ? 157  PRO F CB  1 
ATOM   939  C CG  . PRO F 1 7  ? 7.832   -9.511  18.769  1.00 9.82  ? 157  PRO F CG  1 
ATOM   940  C CD  . PRO F 1 7  ? 7.144   -8.448  19.590  1.00 9.56  ? 157  PRO F CD  1 
HETATM 941  N N   . HYP F 1 8  ? 9.194   -6.067  16.113  1.00 11.17 ? 158  HYP F N   1 
HETATM 942  C CA  . HYP F 1 8  ? 8.920   -5.014  15.140  1.00 11.07 ? 158  HYP F CA  1 
HETATM 943  C C   . HYP F 1 8  ? 7.574   -5.314  14.503  1.00 11.59 ? 158  HYP F C   1 
HETATM 944  O O   . HYP F 1 8  ? 7.170   -6.477  14.427  1.00 10.77 ? 158  HYP F O   1 
HETATM 945  C CB  . HYP F 1 8  ? 10.070  -5.148  14.150  1.00 11.80 ? 158  HYP F CB  1 
HETATM 946  C CG  . HYP F 1 8  ? 11.186  -5.680  14.991  1.00 13.90 ? 158  HYP F CG  1 
HETATM 947  C CD  . HYP F 1 8  ? 10.483  -6.720  15.827  1.00 11.75 ? 158  HYP F CD  1 
HETATM 948  O OD1 . HYP F 1 8  ? 11.717  -4.646  15.842  1.00 18.21 ? 158  HYP F OD1 1 
ATOM   949  N N   . GLY F 1 9  ? 6.881   -4.272  14.057  1.00 9.51  ? 159  GLY F N   1 
ATOM   950  C CA  . GLY F 1 9  ? 5.578   -4.471  13.452  1.00 9.69  ? 159  GLY F CA  1 
ATOM   951  C C   . GLY F 1 9  ? 5.683   -5.073  12.065  1.00 10.41 ? 159  GLY F C   1 
ATOM   952  O O   . GLY F 1 9  ? 6.792   -5.263  11.558  1.00 8.85  ? 159  GLY F O   1 
ATOM   953  N N   . PRO F 1 10 ? 4.547   -5.411  11.437  1.00 10.20 ? 160  PRO F N   1 
ATOM   954  C CA  . PRO F 1 10 ? 4.586   -5.994  10.092  1.00 12.63 ? 160  PRO F CA  1 
ATOM   955  C C   . PRO F 1 10 ? 4.890   -4.951  9.029   1.00 14.68 ? 160  PRO F C   1 
ATOM   956  O O   . PRO F 1 10 ? 4.665   -3.756  9.236   1.00 13.59 ? 160  PRO F O   1 
ATOM   957  C CB  . PRO F 1 10 ? 3.198   -6.602  9.931   1.00 11.88 ? 160  PRO F CB  1 
ATOM   958  C CG  . PRO F 1 10 ? 2.334   -5.726  10.792  1.00 12.35 ? 160  PRO F CG  1 
ATOM   959  C CD  . PRO F 1 10 ? 3.190   -5.475  12.010  1.00 9.59  ? 160  PRO F CD  1 
HETATM 960  N N   . HYP F 1 11 ? 5.413   -5.395  7.872   1.00 16.51 ? 161  HYP F N   1 
HETATM 961  C CA  . HYP F 1 11 ? 5.740   -4.478  6.778   1.00 17.95 ? 161  HYP F CA  1 
HETATM 962  C C   . HYP F 1 11 ? 4.546   -3.580  6.449   1.00 19.57 ? 161  HYP F C   1 
HETATM 963  O O   . HYP F 1 11 ? 3.389   -3.947  6.669   1.00 18.54 ? 161  HYP F O   1 
HETATM 964  C CB  . HYP F 1 11 ? 6.081   -5.413  5.616   1.00 18.64 ? 161  HYP F CB  1 
HETATM 965  C CG  . HYP F 1 11 ? 6.531   -6.676  6.277   1.00 18.11 ? 161  HYP F CG  1 
HETATM 966  C CD  . HYP F 1 11 ? 5.658   -6.799  7.497   1.00 19.28 ? 161  HYP F CD  1 
HETATM 967  O OD1 . HYP F 1 11 ? 7.907   -6.587  6.667   1.00 20.04 ? 161  HYP F OD1 1 
ATOM   968  N N   . GLY F 1 12 ? 4.837   -2.399  5.922   1.00 20.23 ? 162  GLY F N   1 
ATOM   969  C CA  . GLY F 1 12 ? 3.785   -1.477  5.559   1.00 21.25 ? 162  GLY F CA  1 
ATOM   970  C C   . GLY F 1 12 ? 4.162   -0.817  4.248   1.00 21.08 ? 162  GLY F C   1 
ATOM   971  O O   . GLY F 1 12 ? 4.541   0.354   4.240   1.00 24.49 ? 162  GLY F O   1 
ATOM   972  N N   . PRO F 1 13 ? 4.079   -1.549  3.123   1.00 20.30 ? 163  PRO F N   1 
ATOM   973  C CA  . PRO F 1 13 ? 4.411   -1.051  1.783   1.00 19.17 ? 163  PRO F CA  1 
ATOM   974  C C   . PRO F 1 13 ? 3.961   0.390   1.568   1.00 18.14 ? 163  PRO F C   1 
ATOM   975  O O   . PRO F 1 13 ? 2.846   0.758   1.934   1.00 17.53 ? 163  PRO F O   1 
ATOM   976  C CB  . PRO F 1 13 ? 3.669   -2.021  0.869   1.00 19.35 ? 163  PRO F CB  1 
ATOM   977  C CG  . PRO F 1 13 ? 3.792   -3.307  1.606   1.00 20.81 ? 163  PRO F CG  1 
ATOM   978  C CD  . PRO F 1 13 ? 3.492   -2.900  3.044   1.00 20.36 ? 163  PRO F CD  1 
ATOM   979  N N   . GLY F 1 14 ? 4.828   1.195   0.965   1.00 17.44 ? 164  GLY F N   1 
ATOM   980  C CA  . GLY F 1 14 ? 4.489   2.588   0.725   1.00 16.91 ? 164  GLY F CA  1 
ATOM   981  C C   . GLY F 1 14 ? 3.592   2.825   -0.480  1.00 16.04 ? 164  GLY F C   1 
ATOM   982  O O   . GLY F 1 14 ? 3.357   1.917   -1.274  1.00 15.98 ? 164  GLY F O   1 
ATOM   983  N N   . PRO F 1 15 ? 3.078   4.056   -0.641  1.00 16.34 ? 165  PRO F N   1 
ATOM   984  C CA  . PRO F 1 15 ? 2.200   4.443   -1.749  1.00 15.55 ? 165  PRO F CA  1 
ATOM   985  C C   . PRO F 1 15 ? 2.893   4.337   -3.111  1.00 13.54 ? 165  PRO F C   1 
ATOM   986  O O   . PRO F 1 15 ? 4.113   4.470   -3.202  1.00 13.03 ? 165  PRO F O   1 
ATOM   987  C CB  . PRO F 1 15 ? 1.849   5.897   -1.421  1.00 17.12 ? 165  PRO F CB  1 
ATOM   988  C CG  . PRO F 1 15 ? 1.947   5.954   0.064   1.00 17.66 ? 165  PRO F CG  1 
ATOM   989  C CD  . PRO F 1 15 ? 3.200   5.158   0.330   1.00 17.26 ? 165  PRO F CD  1 
HETATM 990  N N   . HYP F 1 16 ? 2.115   4.094   -4.186  1.00 12.22 ? 166  HYP F N   1 
HETATM 991  C CA  . HYP F 1 16 ? 2.676   3.984   -5.539  1.00 11.38 ? 166  HYP F CA  1 
HETATM 992  C C   . HYP F 1 16 ? 3.445   5.267   -5.865  1.00 11.98 ? 166  HYP F C   1 
HETATM 993  O O   . HYP F 1 16 ? 3.245   6.290   -5.208  1.00 14.29 ? 166  HYP F O   1 
HETATM 994  C CB  . HYP F 1 16 ? 1.435   3.820   -6.418  1.00 9.66  ? 166  HYP F CB  1 
HETATM 995  C CG  . HYP F 1 16 ? 0.459   3.152   -5.515  1.00 10.84 ? 166  HYP F CG  1 
HETATM 996  C CD  . HYP F 1 16 ? 0.662   3.862   -4.198  1.00 10.14 ? 166  HYP F CD  1 
HETATM 997  O OD1 . HYP F 1 16 ? 0.776   1.756   -5.375  1.00 11.48 ? 166  HYP F OD1 1 
ATOM   998  N N   . GLY F 1 17 ? 4.331   5.218   -6.856  1.00 10.01 ? 167  GLY F N   1 
ATOM   999  C CA  . GLY F 1 17 ? 5.088   6.403   -7.223  1.00 9.07  ? 167  GLY F CA  1 
ATOM   1000 C C   . GLY F 1 17 ? 4.314   7.292   -8.187  1.00 8.17  ? 167  GLY F C   1 
ATOM   1001 O O   . GLY F 1 17 ? 3.226   6.915   -8.626  1.00 6.81  ? 167  GLY F O   1 
ATOM   1002 N N   . PRO F 1 18 ? 4.839   8.482   -8.538  1.00 8.97  ? 168  PRO F N   1 
ATOM   1003 C CA  . PRO F 1 18 ? 4.130   9.372   -9.466  1.00 8.59  ? 168  PRO F CA  1 
ATOM   1004 C C   . PRO F 1 18 ? 4.225   8.830   -10.882 1.00 8.87  ? 168  PRO F C   1 
ATOM   1005 O O   . PRO F 1 18 ? 4.988   7.900   -11.141 1.00 9.09  ? 168  PRO F O   1 
ATOM   1006 C CB  . PRO F 1 18 ? 4.866   10.693  -9.300  1.00 8.94  ? 168  PRO F CB  1 
ATOM   1007 C CG  . PRO F 1 18 ? 6.261   10.257  -9.076  1.00 7.31  ? 168  PRO F CG  1 
ATOM   1008 C CD  . PRO F 1 18 ? 6.106   9.095   -8.099  1.00 9.48  ? 168  PRO F CD  1 
HETATM 1009 N N   . HYP F 1 19 ? 3.452   9.403   -11.818 1.00 8.96  ? 169  HYP F N   1 
HETATM 1010 C CA  . HYP F 1 19 ? 3.489   8.932   -13.207 1.00 9.72  ? 169  HYP F CA  1 
HETATM 1011 C C   . HYP F 1 19 ? 4.902   9.023   -13.776 1.00 8.63  ? 169  HYP F C   1 
HETATM 1012 O O   . HYP F 1 19 ? 5.751   9.708   -13.217 1.00 11.86 ? 169  HYP F O   1 
HETATM 1013 C CB  . HYP F 1 19 ? 2.506   9.866   -13.907 1.00 9.20  ? 169  HYP F CB  1 
HETATM 1014 C CG  . HYP F 1 19 ? 1.511   10.179  -12.790 1.00 7.71  ? 169  HYP F CG  1 
HETATM 1015 C CD  . HYP F 1 19 ? 2.440   10.464  -11.650 1.00 7.57  ? 169  HYP F CD  1 
HETATM 1016 O OD1 . HYP F 1 19 ? 0.721   9.023   -12.485 1.00 9.26  ? 169  HYP F OD1 1 
ATOM   1017 N N   . GLY F 1 20 ? 5.157   8.323   -14.873 1.00 8.04  ? 170  GLY F N   1 
ATOM   1018 C CA  . GLY F 1 20 ? 6.477   8.356   -15.478 1.00 6.65  ? 170  GLY F CA  1 
ATOM   1019 C C   . GLY F 1 20 ? 6.572   9.523   -16.442 1.00 6.78  ? 170  GLY F C   1 
ATOM   1020 O O   . GLY F 1 20 ? 5.595   10.234  -16.608 1.00 4.42  ? 170  GLY F O   1 
ATOM   1021 N N   . PRO F 1 21 ? 7.720   9.741   -17.101 1.00 7.94  ? 171  PRO F N   1 
ATOM   1022 C CA  . PRO F 1 21 ? 7.848   10.854  -18.037 1.00 9.28  ? 171  PRO F CA  1 
ATOM   1023 C C   . PRO F 1 21 ? 7.123   10.589  -19.344 1.00 11.51 ? 171  PRO F C   1 
ATOM   1024 O O   . PRO F 1 21 ? 6.905   9.442   -19.717 1.00 12.82 ? 171  PRO F O   1 
ATOM   1025 C CB  . PRO F 1 21 ? 9.347   10.946  -18.240 1.00 9.92  ? 171  PRO F CB  1 
ATOM   1026 C CG  . PRO F 1 21 ? 9.738   9.507   -18.225 1.00 10.32 ? 171  PRO F CG  1 
ATOM   1027 C CD  . PRO F 1 21 ? 8.986   8.999   -17.012 1.00 7.62  ? 171  PRO F CD  1 
HETATM 1028 N N   . HYP F 1 22 ? 6.746   11.657  -20.066 1.00 12.71 ? 172  HYP F N   1 
HETATM 1029 C CA  . HYP F 1 22 ? 6.048   11.497  -21.343 1.00 12.83 ? 172  HYP F CA  1 
HETATM 1030 C C   . HYP F 1 22 ? 6.860   10.587  -22.261 1.00 13.33 ? 172  HYP F C   1 
HETATM 1031 O O   . HYP F 1 22 ? 8.089   10.569  -22.184 1.00 11.88 ? 172  HYP F O   1 
HETATM 1032 C CB  . HYP F 1 22 ? 5.975   12.925  -21.874 1.00 13.45 ? 172  HYP F CB  1 
HETATM 1033 C CG  . HYP F 1 22 ? 5.864   13.728  -20.617 1.00 12.28 ? 172  HYP F CG  1 
HETATM 1034 C CD  . HYP F 1 22 ? 6.912   13.080  -19.734 1.00 12.76 ? 172  HYP F CD  1 
HETATM 1035 O OD1 . HYP F 1 22 ? 4.579   13.547  -20.043 1.00 10.58 ? 172  HYP F OD1 1 
ATOM   1036 N N   . GLY F 1 23 ? 6.165   9.839   -23.115 1.00 14.23 ? 173  GLY F N   1 
ATOM   1037 C CA  . GLY F 1 23 ? 6.836   8.941   -24.038 1.00 16.80 ? 173  GLY F CA  1 
ATOM   1038 C C   . GLY F 1 23 ? 7.608   9.707   -25.093 1.00 18.65 ? 173  GLY F C   1 
ATOM   1039 O O   . GLY F 1 23 ? 7.522   10.932  -25.145 1.00 19.28 ? 173  GLY F O   1 
ATOM   1040 N N   . PRO F 1 24 ? 8.367   9.015   -25.958 1.00 19.66 ? 174  PRO F N   1 
ATOM   1041 C CA  . PRO F 1 24 ? 9.158   9.651   -27.012 1.00 21.10 ? 174  PRO F CA  1 
ATOM   1042 C C   . PRO F 1 24 ? 8.281   10.238  -28.114 1.00 22.84 ? 174  PRO F C   1 
ATOM   1043 O O   . PRO F 1 24 ? 7.200   9.722   -28.403 1.00 23.31 ? 174  PRO F O   1 
ATOM   1044 C CB  . PRO F 1 24 ? 10.031  8.510   -27.513 1.00 20.27 ? 174  PRO F CB  1 
ATOM   1045 C CG  . PRO F 1 24 ? 9.110   7.345   -27.418 1.00 19.94 ? 174  PRO F CG  1 
ATOM   1046 C CD  . PRO F 1 24 ? 8.453   7.546   -26.058 1.00 20.96 ? 174  PRO F CD  1 
HETATM 1047 N N   . HYP F 1 25 ? 8.744   11.327  -28.748 1.00 23.87 ? 175  HYP F N   1 
HETATM 1048 C CA  . HYP F 1 25 ? 7.984   11.975  -29.823 1.00 24.55 ? 175  HYP F CA  1 
HETATM 1049 C C   . HYP F 1 25 ? 7.648   10.960  -30.913 1.00 25.62 ? 175  HYP F C   1 
HETATM 1050 O O   . HYP F 1 25 ? 8.492   10.148  -31.282 1.00 24.85 ? 175  HYP F O   1 
HETATM 1051 C CB  . HYP F 1 25 ? 8.938   13.060  -30.324 1.00 24.53 ? 175  HYP F CB  1 
HETATM 1052 C CG  . HYP F 1 25 ? 9.839   13.326  -29.137 1.00 24.18 ? 175  HYP F CG  1 
HETATM 1053 C CD  . HYP F 1 25 ? 10.066  11.951  -28.578 1.00 23.80 ? 175  HYP F CD  1 
HETATM 1054 O OD1 . HYP F 1 25 ? 9.171   14.140  -28.161 1.00 26.04 ? 175  HYP F OD1 1 
ATOM   1055 N N   . GLY F 1 26 ? 6.420   11.013  -31.418 1.00 25.82 ? 176  GLY F N   1 
ATOM   1056 C CA  . GLY F 1 26 ? 5.995   10.084  -32.453 1.00 27.23 ? 176  GLY F CA  1 
ATOM   1057 C C   . GLY F 1 26 ? 6.774   10.155  -33.755 1.00 28.89 ? 176  GLY F C   1 
ATOM   1058 O O   . GLY F 1 26 ? 7.526   11.108  -33.989 1.00 27.96 ? 176  GLY F O   1 
ATOM   1059 N N   . PRO F 1 27 ? 6.614   9.146   -34.629 1.00 29.93 ? 177  PRO F N   1 
ATOM   1060 C CA  . PRO F 1 27 ? 7.301   9.082   -35.925 1.00 31.08 ? 177  PRO F CA  1 
ATOM   1061 C C   . PRO F 1 27 ? 6.823   10.172  -36.881 1.00 31.98 ? 177  PRO F C   1 
ATOM   1062 O O   . PRO F 1 27 ? 5.647   10.531  -36.894 1.00 31.82 ? 177  PRO F O   1 
ATOM   1063 C CB  . PRO F 1 27 ? 6.940   7.690   -36.443 1.00 31.30 ? 177  PRO F CB  1 
ATOM   1064 C CG  . PRO F 1 27 ? 6.656   6.910   -35.189 1.00 31.26 ? 177  PRO F CG  1 
ATOM   1065 C CD  . PRO F 1 27 ? 5.873   7.899   -34.377 1.00 30.52 ? 177  PRO F CD  1 
HETATM 1066 N N   . HYP F 1 28 ? 7.734   10.709  -37.702 1.00 33.23 ? 178  HYP F N   1 
HETATM 1067 C CA  . HYP F 1 28 ? 7.368   11.758  -38.658 1.00 34.68 ? 178  HYP F CA  1 
HETATM 1068 C C   . HYP F 1 28 ? 6.417   11.227  -39.734 1.00 35.37 ? 178  HYP F C   1 
HETATM 1069 O O   . HYP F 1 28 ? 6.302   10.014  -39.920 1.00 34.98 ? 178  HYP F O   1 
HETATM 1070 C CB  . HYP F 1 28 ? 8.717   12.190  -39.223 1.00 34.37 ? 178  HYP F CB  1 
HETATM 1071 C CG  . HYP F 1 28 ? 9.525   10.925  -39.166 1.00 34.72 ? 178  HYP F CG  1 
HETATM 1072 C CD  . HYP F 1 28 ? 9.161   10.361  -37.814 1.00 34.46 ? 178  HYP F CD  1 
HETATM 1073 O OD1 . HYP F 1 28 ? 10.923  11.234  -39.194 1.00 35.54 ? 178  HYP F OD1 1 
ATOM   1074 N N   . GLY F 1 29 ? 5.730   12.130  -40.431 1.00 36.54 ? 179  GLY F N   1 
ATOM   1075 C CA  . GLY F 1 29 ? 4.813   11.705  -41.478 1.00 38.12 ? 179  GLY F CA  1 
ATOM   1076 C C   . GLY F 1 29 ? 3.342   11.795  -41.110 1.00 39.06 ? 179  GLY F C   1 
ATOM   1077 O O   . GLY F 1 29 ? 2.569   12.392  -41.891 1.00 39.38 ? 179  GLY F O   1 
ATOM   1078 O OXT . GLY F 1 29 ? 2.950   11.261  -40.047 1.00 39.26 ? 179  GLY F OXT 1 
HETATM 1079 O O   . HOH G 2 .  ? -7.078  -2.605  19.431  1.00 21.13 ? 1009 HOH A O   1 
HETATM 1080 O O   . HOH G 2 .  ? -3.433  -5.241  -6.707  1.00 21.83 ? 1011 HOH A O   1 
HETATM 1081 O O   . HOH G 2 .  ? -2.855  -1.453  11.471  1.00 5.31  ? 1023 HOH A O   1 
HETATM 1082 O O   . HOH G 2 .  ? -3.459  -7.106  -9.636  1.00 20.86 ? 1032 HOH A O   1 
HETATM 1083 O O   . HOH G 2 .  ? -9.840  11.784  -20.710 1.00 19.21 ? 1036 HOH A O   1 
HETATM 1084 O O   . HOH G 2 .  ? -2.713  -2.730  25.177  1.00 9.33  ? 1039 HOH A O   1 
HETATM 1085 O O   . HOH G 2 .  ? -8.621  -3.901  -5.450  1.00 13.21 ? 1045 HOH A O   1 
HETATM 1086 O O   . HOH G 2 .  ? -0.528  9.635   -38.813 1.00 32.15 ? 1074 HOH A O   1 
HETATM 1087 O O   . HOH G 2 .  ? -8.804  12.872  -25.183 1.00 26.77 ? 1078 HOH A O   1 
HETATM 1088 O O   . HOH G 2 .  ? -0.704  -8.558  5.562   1.00 24.81 ? 1080 HOH A O   1 
HETATM 1089 O O   . HOH G 2 .  ? -1.759  -11.507 6.975   1.00 23.58 ? 1105 HOH A O   1 
HETATM 1090 O O   . HOH G 2 .  ? -9.644  -8.894  1.246   1.00 27.29 ? 1134 HOH A O   1 
HETATM 1091 O O   . HOH G 2 .  ? -13.647 3.185   -9.962  1.00 26.06 ? 1135 HOH A O   1 
HETATM 1092 O O   . HOH G 2 .  ? -2.290  11.297  -25.438 1.00 13.39 ? 1143 HOH A O   1 
HETATM 1093 O O   . HOH G 2 .  ? -7.267  -2.077  23.670  1.00 19.53 ? 1145 HOH A O   1 
HETATM 1094 O O   . HOH G 2 .  ? -7.239  11.097  -16.786 1.00 19.05 ? 1162 HOH A O   1 
HETATM 1095 O O   . HOH G 2 .  ? -0.505  -4.710  13.076  1.00 15.80 ? 1164 HOH A O   1 
HETATM 1096 O O   . HOH G 2 .  ? 0.466   -10.149 1.369   1.00 39.80 ? 1174 HOH A O   1 
HETATM 1097 O O   . HOH G 2 .  ? -2.799  -4.051  22.664  1.00 25.86 ? 1185 HOH A O   1 
HETATM 1098 O O   . HOH G 2 .  ? -6.274  -7.126  -4.358  1.00 11.87 ? 1190 HOH A O   1 
HETATM 1099 O O   . HOH G 2 .  ? -1.201  -10.522 9.375   1.00 12.80 ? 1208 HOH A O   1 
HETATM 1100 O O   . HOH G 2 .  ? -7.237  -3.193  -11.588 1.00 21.51 ? 1222 HOH A O   1 
HETATM 1101 O O   . HOH G 2 .  ? -8.541  11.067  -23.006 1.00 27.23 ? 1241 HOH A O   1 
HETATM 1102 O O   . HOH G 2 .  ? -0.542  -3.484  1.557   1.00 33.56 ? 1250 HOH A O   1 
HETATM 1103 O O   . HOH G 2 .  ? -10.005 -6.964  37.645  1.00 56.34 ? 1269 HOH A O   1 
HETATM 1104 O O   . HOH G 2 .  ? -7.431  -6.228  31.404  1.00 24.46 ? 1286 HOH A O   1 
HETATM 1105 O O   . HOH G 2 .  ? -11.293 2.036   -19.375 1.00 15.90 ? 1308 HOH A O   1 
HETATM 1106 O O   . HOH G 2 .  ? -9.236  11.761  -40.244 1.00 36.73 ? 1310 HOH A O   1 
HETATM 1107 O O   . HOH G 2 .  ? -1.313  9.250   -41.957 1.00 22.90 ? 1311 HOH A O   1 
HETATM 1108 O O   . HOH G 2 .  ? -12.832 5.925   -9.758  1.00 28.38 ? 1315 HOH A O   1 
HETATM 1109 O O   . HOH G 2 .  ? -1.989  -6.937  3.814   1.00 30.32 ? 1318 HOH A O   1 
HETATM 1110 O O   . HOH G 2 .  ? 0.391   -6.442  -0.238  1.00 38.76 ? 1324 HOH A O   1 
HETATM 1111 O O   . HOH G 2 .  ? -2.395  11.381  -41.187 1.00 37.06 ? 1326 HOH A O   1 
HETATM 1112 O O   . HOH G 2 .  ? -8.827  13.228  -16.504 1.00 10.17 ? 1334 HOH A O   1 
HETATM 1113 O O   . HOH G 2 .  ? 0.019   -3.037  4.087   1.00 16.83 ? 1360 HOH A O   1 
HETATM 1114 O O   . HOH G 2 .  ? -0.918  -5.052  -6.660  1.00 27.93 ? 1369 HOH A O   1 
HETATM 1115 O O   . HOH G 2 .  ? -11.183 10.049  -26.215 1.00 22.28 ? 1390 HOH A O   1 
HETATM 1116 O O   . HOH G 2 .  ? -3.860  12.211  -31.821 1.00 48.76 ? 1391 HOH A O   1 
HETATM 1117 O O   . HOH G 2 .  ? -11.342 12.684  -18.750 1.00 23.56 ? 1394 HOH A O   1 
HETATM 1118 O O   . HOH H 2 .  ? -2.604  -6.410  31.075  1.00 15.29 ? 1006 HOH B O   1 
HETATM 1119 O O   . HOH H 2 .  ? -4.935  -15.716 16.874  1.00 12.11 ? 1015 HOH B O   1 
HETATM 1120 O O   . HOH H 2 .  ? -1.279  -17.277 26.432  1.00 11.00 ? 1016 HOH B O   1 
HETATM 1121 O O   . HOH H 2 .  ? -9.524  9.239   -14.186 1.00 26.70 ? 1025 HOH B O   1 
HETATM 1122 O O   . HOH H 2 .  ? -9.239  2.679   0.611   1.00 10.17 ? 1028 HOH B O   1 
HETATM 1123 O O   . HOH H 2 .  ? -2.726  -10.432 12.045  1.00 10.65 ? 1030 HOH B O   1 
HETATM 1124 O O   . HOH H 2 .  ? -11.808 -8.952  13.351  1.00 4.34  ? 1042 HOH B O   1 
HETATM 1125 O O   . HOH H 2 .  ? -7.699  -8.779  4.111   1.00 7.45  ? 1047 HOH B O   1 
HETATM 1126 O O   . HOH H 2 .  ? -2.457  -0.378  -27.896 1.00 24.31 ? 1048 HOH B O   1 
HETATM 1127 O O   . HOH H 2 .  ? -2.931  3.960   -31.263 1.00 14.91 ? 1052 HOH B O   1 
HETATM 1128 O O   . HOH H 2 .  ? 1.423   -11.382 18.631  1.00 14.95 ? 1054 HOH B O   1 
HETATM 1129 O O   . HOH H 2 .  ? -4.096  -11.995 9.738   1.00 51.68 ? 1059 HOH B O   1 
HETATM 1130 O O   . HOH H 2 .  ? -3.534  9.477   -23.671 1.00 4.26  ? 1082 HOH B O   1 
HETATM 1131 O O   . HOH H 2 .  ? -12.364 -6.038  7.634   1.00 17.32 ? 1092 HOH B O   1 
HETATM 1132 O O   . HOH H 2 .  ? -3.641  7.382   -12.691 1.00 13.26 ? 1097 HOH B O   1 
HETATM 1133 O O   . HOH H 2 .  ? -0.699  -13.752 44.054  1.00 31.59 ? 1099 HOH B O   1 
HETATM 1134 O O   . HOH H 2 .  ? 0.610   1.571   -24.532 1.00 9.79  ? 1114 HOH B O   1 
HETATM 1135 O O   . HOH H 2 .  ? 0.319   3.007   -28.966 1.00 15.69 ? 1119 HOH B O   1 
HETATM 1136 O O   . HOH H 2 .  ? -0.495  -8.849  11.940  1.00 20.82 ? 1120 HOH B O   1 
HETATM 1137 O O   . HOH H 2 .  ? -11.762 -2.593  -2.717  1.00 10.25 ? 1138 HOH B O   1 
HETATM 1138 O O   . HOH H 2 .  ? -6.042  -12.459 14.057  1.00 19.96 ? 1155 HOH B O   1 
HETATM 1139 O O   . HOH H 2 .  ? -12.290 -7.249  4.273   1.00 26.97 ? 1189 HOH B O   1 
HETATM 1140 O O   . HOH H 2 .  ? -0.229  -10.994 20.430  1.00 16.11 ? 1195 HOH B O   1 
HETATM 1141 O O   . HOH H 2 .  ? -11.562 -0.093  6.914   1.00 10.87 ? 1202 HOH B O   1 
HETATM 1142 O O   . HOH H 2 .  ? -11.549 0.465   -37.503 1.00 18.24 ? 1204 HOH B O   1 
HETATM 1143 O O   . HOH H 2 .  ? -1.960  0.506   -25.441 1.00 19.35 ? 1206 HOH B O   1 
HETATM 1144 O O   . HOH H 2 .  ? -10.750 0.349   -6.610  1.00 27.85 ? 1229 HOH B O   1 
HETATM 1145 O O   . HOH H 2 .  ? -9.993  1.914   -34.097 1.00 21.05 ? 1243 HOH B O   1 
HETATM 1146 O O   . HOH H 2 .  ? -1.032  0.366   -29.922 1.00 21.98 ? 1254 HOH B O   1 
HETATM 1147 O O   . HOH H 2 .  ? -8.135  -13.778 15.110  1.00 21.72 ? 1258 HOH B O   1 
HETATM 1148 O O   . HOH H 2 .  ? -9.957  -7.296  8.590   1.00 18.43 ? 1267 HOH B O   1 
HETATM 1149 O O   . HOH H 2 .  ? -2.493  -15.899 17.024  1.00 20.02 ? 1290 HOH B O   1 
HETATM 1150 O O   . HOH H 2 .  ? -11.350 0.904   -3.903  1.00 21.96 ? 1294 HOH B O   1 
HETATM 1151 O O   . HOH H 2 .  ? -1.138  2.315   -22.894 1.00 50.02 ? 1297 HOH B O   1 
HETATM 1152 O O   . HOH H 2 .  ? -6.821  4.277   -39.264 1.00 19.39 ? 1299 HOH B O   1 
HETATM 1153 O O   . HOH H 2 .  ? -2.472  -13.176 41.508  1.00 17.66 ? 1314 HOH B O   1 
HETATM 1154 O O   . HOH H 2 .  ? -3.287  8.070   -10.067 1.00 2.00  ? 1361 HOH B O   1 
HETATM 1155 O O   . HOH H 2 .  ? -12.804 0.288   -1.768  1.00 24.37 ? 1379 HOH B O   1 
HETATM 1156 O O   . HOH H 2 .  ? -13.264 0.990   -7.451  1.00 40.92 ? 1385 HOH B O   1 
HETATM 1157 O O   . HOH H 2 .  ? -1.758  -5.239  36.165  1.00 24.25 ? 1406 HOH B O   1 
HETATM 1158 O O   . HOH I 2 .  ? -6.661  -1.118  -21.147 1.00 9.41  ? 1001 HOH C O   1 
HETATM 1159 O O   . HOH I 2 .  ? -3.195  3.206   6.566   1.00 12.15 ? 1020 HOH C O   1 
HETATM 1160 O O   . HOH I 2 .  ? -4.016  1.049   14.852  1.00 16.68 ? 1026 HOH C O   1 
HETATM 1161 O O   . HOH I 2 .  ? -5.432  -4.805  -18.133 1.00 11.45 ? 1033 HOH C O   1 
HETATM 1162 O O   . HOH I 2 .  ? -3.176  0.735   -23.148 1.00 2.14  ? 1040 HOH C O   1 
HETATM 1163 O O   . HOH I 2 .  ? -13.730 -6.990  13.703  1.00 14.34 ? 1051 HOH C O   1 
HETATM 1164 O O   . HOH I 2 .  ? -14.185 4.319   -21.603 1.00 31.34 ? 1062 HOH C O   1 
HETATM 1165 O O   . HOH I 2 .  ? -9.231  0.660   14.509  1.00 26.38 ? 1063 HOH C O   1 
HETATM 1166 O O   . HOH I 2 .  ? -12.424 -5.513  15.255  1.00 15.28 ? 1064 HOH C O   1 
HETATM 1167 O O   . HOH I 2 .  ? -9.170  2.665   7.337   1.00 34.08 ? 1065 HOH C O   1 
HETATM 1168 O O   . HOH I 2 .  ? -10.187 -11.744 15.127  1.00 13.61 ? 1067 HOH C O   1 
HETATM 1169 O O   . HOH I 2 .  ? -10.393 -3.332  27.223  1.00 24.05 ? 1070 HOH C O   1 
HETATM 1170 O O   . HOH I 2 .  ? -7.874  2.812   9.737   1.00 24.88 ? 1076 HOH C O   1 
HETATM 1171 O O   . HOH I 2 .  ? -3.719  1.984   3.850   1.00 4.91  ? 1085 HOH C O   1 
HETATM 1172 O O   . HOH I 2 .  ? -9.586  -15.566 25.232  1.00 20.67 ? 1090 HOH C O   1 
HETATM 1173 O O   . HOH I 2 .  ? -8.195  2.723   -30.897 1.00 15.44 ? 1102 HOH C O   1 
HETATM 1174 O O   . HOH I 2 .  ? -13.442 5.283   -27.696 1.00 21.52 ? 1103 HOH C O   1 
HETATM 1175 O O   . HOH I 2 .  ? -11.811 -14.844 32.626  1.00 20.60 ? 1107 HOH C O   1 
HETATM 1176 O O   . HOH I 2 .  ? -11.429 -5.888  19.615  1.00 12.85 ? 1122 HOH C O   1 
HETATM 1177 O O   . HOH I 2 .  ? -13.804 7.313   -25.864 1.00 22.75 ? 1125 HOH C O   1 
HETATM 1178 O O   . HOH I 2 .  ? -1.774  0.325   9.839   1.00 20.68 ? 1136 HOH C O   1 
HETATM 1179 O O   . HOH I 2 .  ? -7.681  -0.256  12.141  1.00 6.68  ? 1139 HOH C O   1 
HETATM 1180 O O   . HOH I 2 .  ? -12.146 11.534  -34.489 1.00 31.25 ? 1154 HOH C O   1 
HETATM 1181 O O   . HOH I 2 .  ? -11.476 -1.259  9.120   1.00 43.83 ? 1163 HOH C O   1 
HETATM 1182 O O   . HOH I 2 .  ? -13.170 -3.272  9.835   1.00 14.76 ? 1182 HOH C O   1 
HETATM 1183 O O   . HOH I 2 .  ? -6.828  -14.012 23.352  1.00 8.82  ? 1196 HOH C O   1 
HETATM 1184 O O   . HOH I 2 .  ? -5.169  0.334   12.506  1.00 8.09  ? 1201 HOH C O   1 
HETATM 1185 O O   . HOH I 2 .  ? -12.475 -7.649  25.623  1.00 15.16 ? 1207 HOH C O   1 
HETATM 1186 O O   . HOH I 2 .  ? -9.731  -4.231  -14.413 1.00 12.44 ? 1214 HOH C O   1 
HETATM 1187 O O   . HOH I 2 .  ? -9.918  13.139  -38.151 1.00 26.87 ? 1216 HOH C O   1 
HETATM 1188 O O   . HOH I 2 .  ? -14.359 8.919   -32.534 1.00 49.80 ? 1223 HOH C O   1 
HETATM 1189 O O   . HOH I 2 .  ? -15.186 6.666   -23.535 1.00 26.13 ? 1239 HOH C O   1 
HETATM 1190 O O   . HOH I 2 .  ? -11.295 -3.652  20.826  1.00 23.34 ? 1271 HOH C O   1 
HETATM 1191 O O   . HOH I 2 .  ? -12.677 1.948   -21.858 1.00 8.05  ? 1272 HOH C O   1 
HETATM 1192 O O   . HOH I 2 .  ? -3.257  -18.855 25.583  1.00 23.68 ? 1274 HOH C O   1 
HETATM 1193 O O   . HOH I 2 .  ? -3.015  -4.723  -18.174 1.00 6.45  ? 1275 HOH C O   1 
HETATM 1194 O O   . HOH I 2 .  ? -14.396 -4.951  12.378  1.00 31.52 ? 1280 HOH C O   1 
HETATM 1195 O O   . HOH I 2 .  ? -10.313 -8.857  16.088  1.00 20.15 ? 1283 HOH C O   1 
HETATM 1196 O O   . HOH I 2 .  ? -11.632 3.095   -26.412 1.00 41.91 ? 1289 HOH C O   1 
HETATM 1197 O O   . HOH I 2 .  ? -17.502 7.775   -22.909 1.00 22.05 ? 1296 HOH C O   1 
HETATM 1198 O O   . HOH I 2 .  ? -15.926 -6.351  14.658  1.00 18.60 ? 1298 HOH C O   1 
HETATM 1199 O O   . HOH I 2 .  ? -12.056 8.453   -37.610 1.00 21.10 ? 1307 HOH C O   1 
HETATM 1200 O O   . HOH I 2 .  ? -12.315 12.302  -38.872 1.00 28.53 ? 1323 HOH C O   1 
HETATM 1201 O O   . HOH I 2 .  ? -12.313 -4.891  25.730  1.00 29.71 ? 1352 HOH C O   1 
HETATM 1202 O O   . HOH I 2 .  ? -12.068 4.119   -31.963 1.00 22.70 ? 1395 HOH C O   1 
HETATM 1203 O O   . HOH J 2 .  ? 0.502   8.884   -17.181 1.00 3.37  ? 1004 HOH D O   1 
HETATM 1204 O O   . HOH J 2 .  ? -1.195  10.080  -19.074 1.00 18.15 ? 1007 HOH D O   1 
HETATM 1205 O O   . HOH J 2 .  ? 1.616   2.187   -9.830  1.00 19.50 ? 1013 HOH D O   1 
HETATM 1206 O O   . HOH J 2 .  ? 10.920  -1.443  -12.160 1.00 6.25  ? 1019 HOH D O   1 
HETATM 1207 O O   . HOH J 2 .  ? 12.114  1.729   -4.265  1.00 31.43 ? 1024 HOH D O   1 
HETATM 1208 O O   . HOH J 2 .  ? -2.342  10.986  -21.150 1.00 9.27  ? 1035 HOH D O   1 
HETATM 1209 O O   . HOH J 2 .  ? 3.789   5.020   17.260  1.00 4.96  ? 1038 HOH D O   1 
HETATM 1210 O O   . HOH J 2 .  ? 2.549   -8.373  41.795  1.00 30.68 ? 1041 HOH D O   1 
HETATM 1211 O O   . HOH J 2 .  ? 12.450  5.291   -0.870  1.00 10.04 ? 1068 HOH D O   1 
HETATM 1212 O O   . HOH J 2 .  ? 5.415   1.711   17.916  1.00 16.62 ? 1075 HOH D O   1 
HETATM 1213 O O   . HOH J 2 .  ? 13.847  2.706   2.399   1.00 10.49 ? 1083 HOH D O   1 
HETATM 1214 O O   . HOH J 2 .  ? 0.249   -1.698  25.198  1.00 20.91 ? 1084 HOH D O   1 
HETATM 1215 O O   . HOH J 2 .  ? -0.778  5.519   -22.219 1.00 12.06 ? 1086 HOH D O   1 
HETATM 1216 O O   . HOH J 2 .  ? 2.774   1.544   19.092  1.00 50.69 ? 1100 HOH D O   1 
HETATM 1217 O O   . HOH J 2 .  ? 11.025  9.049   2.016   1.00 27.91 ? 1101 HOH D O   1 
HETATM 1218 O O   . HOH J 2 .  ? -0.458  11.190  -15.878 1.00 25.04 ? 1106 HOH D O   1 
HETATM 1219 O O   . HOH J 2 .  ? 3.539   13.849  -24.611 1.00 27.47 ? 1110 HOH D O   1 
HETATM 1220 O O   . HOH J 2 .  ? 3.729   -2.970  -8.467  1.00 26.11 ? 1115 HOH D O   1 
HETATM 1221 O O   . HOH J 2 .  ? 0.659   5.363   -20.037 1.00 12.01 ? 1117 HOH D O   1 
HETATM 1222 O O   . HOH J 2 .  ? 10.318  3.381   7.640   1.00 18.75 ? 1124 HOH D O   1 
HETATM 1223 O O   . HOH J 2 .  ? 3.497   2.567   25.692  1.00 28.47 ? 1131 HOH D O   1 
HETATM 1224 O O   . HOH J 2 .  ? 0.642   -6.636  37.560  1.00 20.71 ? 1141 HOH D O   1 
HETATM 1225 O O   . HOH J 2 .  ? 3.448   0.598   -13.510 1.00 23.38 ? 1147 HOH D O   1 
HETATM 1226 O O   . HOH J 2 .  ? 3.362   4.000   13.988  1.00 10.19 ? 1149 HOH D O   1 
HETATM 1227 O O   . HOH J 2 .  ? 3.428   -2.603  29.059  1.00 51.44 ? 1152 HOH D O   1 
HETATM 1228 O O   . HOH J 2 .  ? 0.323   -10.163 32.093  1.00 26.70 ? 1157 HOH D O   1 
HETATM 1229 O O   . HOH J 2 .  ? 3.799   -0.647  -10.404 1.00 11.41 ? 1158 HOH D O   1 
HETATM 1230 O O   . HOH J 2 .  ? 13.725  0.223   3.682   1.00 49.28 ? 1160 HOH D O   1 
HETATM 1231 O O   . HOH J 2 .  ? 9.643   1.640   9.300   1.00 11.56 ? 1167 HOH D O   1 
HETATM 1232 O O   . HOH J 2 .  ? 10.677  -2.152  -1.688  1.00 35.88 ? 1186 HOH D O   1 
HETATM 1233 O O   . HOH J 2 .  ? -4.352  12.446  -20.478 1.00 16.42 ? 1197 HOH D O   1 
HETATM 1234 O O   . HOH J 2 .  ? -1.621  12.510  -17.896 1.00 16.52 ? 1217 HOH D O   1 
HETATM 1235 O O   . HOH J 2 .  ? 7.485   -11.670 40.772  1.00 26.32 ? 1231 HOH D O   1 
HETATM 1236 O O   . HOH J 2 .  ? 11.754  -0.758  5.324   1.00 20.88 ? 1237 HOH D O   1 
HETATM 1237 O O   . HOH J 2 .  ? 10.202  2.106   12.768  1.00 16.84 ? 1247 HOH D O   1 
HETATM 1238 O O   . HOH J 2 .  ? -5.656  11.729  -22.713 1.00 22.61 ? 1260 HOH D O   1 
HETATM 1239 O O   . HOH J 2 .  ? 3.852   -17.085 34.385  1.00 27.05 ? 1266 HOH D O   1 
HETATM 1240 O O   . HOH J 2 .  ? 11.026  1.207   -11.287 1.00 32.73 ? 1276 HOH D O   1 
HETATM 1241 O O   . HOH J 2 .  ? 1.570   -9.967  34.280  1.00 17.31 ? 1277 HOH D O   1 
HETATM 1242 O O   . HOH J 2 .  ? 3.298   -0.548  -15.786 1.00 13.79 ? 1281 HOH D O   1 
HETATM 1243 O O   . HOH J 2 .  ? 4.011   -13.750 32.895  1.00 21.91 ? 1292 HOH D O   1 
HETATM 1244 O O   . HOH J 2 .  ? 1.334   -2.957  27.280  1.00 9.59  ? 1301 HOH D O   1 
HETATM 1245 O O   . HOH J 2 .  ? 14.449  2.413   -3.117  1.00 25.33 ? 1304 HOH D O   1 
HETATM 1246 O O   . HOH J 2 .  ? 8.438   -14.225 41.836  1.00 29.05 ? 1322 HOH D O   1 
HETATM 1247 O O   . HOH J 2 .  ? 7.156   17.011  -35.432 1.00 33.14 ? 1333 HOH D O   1 
HETATM 1248 O O   . HOH J 2 .  ? 9.042   15.205  -33.637 1.00 29.82 ? 1338 HOH D O   1 
HETATM 1249 O O   . HOH J 2 .  ? 0.550   -5.138  26.815  1.00 18.84 ? 1343 HOH D O   1 
HETATM 1250 O O   . HOH J 2 .  ? 10.022  -0.206  -3.701  1.00 41.44 ? 1349 HOH D O   1 
HETATM 1251 O O   . HOH J 2 .  ? 4.990   -10.304 43.308  1.00 33.27 ? 1365 HOH D O   1 
HETATM 1252 O O   . HOH J 2 .  ? 13.319  3.945   -5.125  1.00 46.41 ? 1378 HOH D O   1 
HETATM 1253 O O   . HOH J 2 .  ? 9.097   4.374   12.484  1.00 40.51 ? 1382 HOH D O   1 
HETATM 1254 O O   . HOH J 2 .  ? 2.724   7.244   18.348  1.00 37.91 ? 1407 HOH D O   1 
HETATM 1255 O O   . HOH K 2 .  ? 10.342  10.392  -7.033  1.00 5.50  ? 1003 HOH E O   1 
HETATM 1256 O O   . HOH K 2 .  ? 8.733   -0.222  -13.827 1.00 15.39 ? 1008 HOH E O   1 
HETATM 1257 O O   . HOH K 2 .  ? 1.176   -2.470  18.013  1.00 6.19  ? 1010 HOH E O   1 
HETATM 1258 O O   . HOH K 2 .  ? 9.439   2.553   -12.866 1.00 4.70  ? 1014 HOH E O   1 
HETATM 1259 O O   . HOH K 2 .  ? 9.789   -0.606  -16.332 1.00 9.36  ? 1017 HOH E O   1 
HETATM 1260 O O   . HOH K 2 .  ? 10.483  5.330   -24.480 1.00 17.05 ? 1022 HOH E O   1 
HETATM 1261 O O   . HOH K 2 .  ? 4.020   -11.450 19.239  1.00 5.10  ? 1029 HOH E O   1 
HETATM 1262 O O   . HOH K 2 .  ? 5.786   4.026   -33.219 1.00 22.18 ? 1034 HOH E O   1 
HETATM 1263 O O   . HOH K 2 .  ? 3.216   10.019  -2.399  1.00 24.85 ? 1046 HOH E O   1 
HETATM 1264 O O   . HOH K 2 .  ? 4.592   9.317   1.676   1.00 36.29 ? 1057 HOH E O   1 
HETATM 1265 O O   . HOH K 2 .  ? 3.065   6.880   7.219   1.00 19.85 ? 1069 HOH E O   1 
HETATM 1266 O O   . HOH K 2 .  ? -0.602  -1.481  16.111  1.00 21.60 ? 1071 HOH E O   1 
HETATM 1267 O O   . HOH K 2 .  ? 13.159  -5.737  34.074  1.00 35.06 ? 1089 HOH E O   1 
HETATM 1268 O O   . HOH K 2 .  ? 11.535  8.541   -20.864 1.00 30.78 ? 1127 HOH E O   1 
HETATM 1269 O O   . HOH K 2 .  ? 5.821   1.343   -27.015 1.00 10.85 ? 1140 HOH E O   1 
HETATM 1270 O O   . HOH K 2 .  ? 7.862   9.859   -4.508  1.00 17.49 ? 1144 HOH E O   1 
HETATM 1271 O O   . HOH K 2 .  ? 5.539   -13.502 26.456  1.00 25.11 ? 1148 HOH E O   1 
HETATM 1272 O O   . HOH K 2 .  ? 7.949   -13.961 29.649  1.00 12.41 ? 1169 HOH E O   1 
HETATM 1273 O O   . HOH K 2 .  ? 5.904   -9.968  15.645  1.00 7.64  ? 1181 HOH E O   1 
HETATM 1274 O O   . HOH K 2 .  ? -1.851  -0.649  13.988  1.00 13.21 ? 1183 HOH E O   1 
HETATM 1275 O O   . HOH K 2 .  ? 6.315   -0.801  -14.294 1.00 18.16 ? 1200 HOH E O   1 
HETATM 1276 O O   . HOH K 2 .  ? 11.798  -12.869 34.021  1.00 38.95 ? 1270 HOH E O   1 
HETATM 1277 O O   . HOH K 2 .  ? 4.468   -11.718 24.883  1.00 12.44 ? 1284 HOH E O   1 
HETATM 1278 O O   . HOH K 2 .  ? 3.822   5.967   4.928   1.00 25.53 ? 1306 HOH E O   1 
HETATM 1279 O O   . HOH K 2 .  ? 3.352   1.932   -27.202 1.00 24.52 ? 1328 HOH E O   1 
HETATM 1280 O O   . HOH K 2 .  ? 2.810   5.419   -31.765 1.00 38.70 ? 1329 HOH E O   1 
HETATM 1281 O O   . HOH K 2 .  ? 6.807   3.050   -24.260 1.00 33.32 ? 1331 HOH E O   1 
HETATM 1282 O O   . HOH K 2 .  ? 2.656   4.446   -34.673 1.00 31.44 ? 1355 HOH E O   1 
HETATM 1283 O O   . HOH K 2 .  ? 4.100   2.666   11.293  1.00 24.59 ? 1371 HOH E O   1 
HETATM 1284 O O   . HOH K 2 .  ? 10.817  5.995   -4.594  1.00 39.65 ? 1372 HOH E O   1 
HETATM 1285 O O   . HOH L 2 .  ? 10.953  -0.912  27.871  1.00 13.17 ? 1002 HOH F O   1 
HETATM 1286 O O   . HOH L 2 .  ? 13.759  -8.319  24.680  1.00 10.74 ? 1012 HOH F O   1 
HETATM 1287 O O   . HOH L 2 .  ? 8.495   7.707   -31.861 1.00 11.22 ? 1018 HOH F O   1 
HETATM 1288 O O   . HOH L 2 .  ? 3.106   16.151  -17.890 1.00 8.05  ? 1021 HOH F O   1 
HETATM 1289 O O   . HOH L 2 .  ? 9.340   -11.193 21.331  1.00 12.71 ? 1027 HOH F O   1 
HETATM 1290 O O   . HOH L 2 .  ? 8.620   0.394   35.298  1.00 24.01 ? 1031 HOH F O   1 
HETATM 1291 O O   . HOH L 2 .  ? 11.890  -4.811  20.247  1.00 17.98 ? 1044 HOH F O   1 
HETATM 1292 O O   . HOH L 2 .  ? 2.458   13.370  -13.173 1.00 4.43  ? 1049 HOH F O   1 
HETATM 1293 O O   . HOH L 2 .  ? -1.155  3.770   0.713   1.00 26.54 ? 1055 HOH F O   1 
HETATM 1294 O O   . HOH L 2 .  ? 8.889   12.828  -25.294 1.00 22.84 ? 1058 HOH F O   1 
HETATM 1295 O O   . HOH L 2 .  ? -1.451  5.835   -2.201  1.00 25.32 ? 1072 HOH F O   1 
HETATM 1296 O O   . HOH L 2 .  ? 6.163   -3.874  -0.752  1.00 15.33 ? 1077 HOH F O   1 
HETATM 1297 O O   . HOH L 2 .  ? 11.538  -5.370  31.201  1.00 21.14 ? 1095 HOH F O   1 
HETATM 1298 O O   . HOH L 2 .  ? 3.925   -2.147  -2.642  1.00 22.93 ? 1096 HOH F O   1 
HETATM 1299 O O   . HOH L 2 .  ? 9.089   -1.871  29.657  1.00 17.06 ? 1104 HOH F O   1 
HETATM 1300 O O   . HOH L 2 .  ? 7.756   12.037  -13.658 1.00 24.21 ? 1112 HOH F O   1 
HETATM 1301 O O   . HOH L 2 .  ? 7.582   5.574   -39.284 1.00 41.45 ? 1116 HOH F O   1 
HETATM 1302 O O   . HOH L 2 .  ? 5.437   -7.862  13.046  1.00 26.14 ? 1128 HOH F O   1 
HETATM 1303 O O   . HOH L 2 .  ? 1.777   12.748  -8.904  1.00 20.77 ? 1133 HOH F O   1 
HETATM 1304 O O   . HOH L 2 .  ? -0.373  9.438   -9.962  1.00 19.40 ? 1166 HOH F O   1 
HETATM 1305 O O   . HOH L 2 .  ? 2.220   12.694  -16.001 1.00 37.48 ? 1168 HOH F O   1 
HETATM 1306 O O   . HOH L 2 .  ? 9.017   -2.808  39.614  1.00 24.83 ? 1172 HOH F O   1 
HETATM 1307 O O   . HOH L 2 .  ? 7.002   2.458   25.593  1.00 18.53 ? 1177 HOH F O   1 
HETATM 1308 O O   . HOH L 2 .  ? 12.748  -5.992  23.752  1.00 23.30 ? 1188 HOH F O   1 
HETATM 1309 O O   . HOH L 2 .  ? 7.991   -7.485  11.139  1.00 42.35 ? 1192 HOH F O   1 
HETATM 1310 O O   . HOH L 2 .  ? 12.317  -2.622  14.268  1.00 35.98 ? 1199 HOH F O   1 
HETATM 1311 O O   . HOH L 2 .  ? 8.413   3.820   -36.330 1.00 25.32 ? 1209 HOH F O   1 
HETATM 1312 O O   . HOH L 2 .  ? 3.324   -1.215  32.793  1.00 28.34 ? 1226 HOH F O   1 
HETATM 1313 O O   . HOH L 2 .  ? 6.832   16.796  -18.510 1.00 23.46 ? 1228 HOH F O   1 
HETATM 1314 O O   . HOH L 2 .  ? 9.606   11.109  -42.633 1.00 17.19 ? 1232 HOH F O   1 
HETATM 1315 O O   . HOH L 2 .  ? 5.076   13.264  -16.817 1.00 25.81 ? 1233 HOH F O   1 
HETATM 1316 O O   . HOH L 2 .  ? 10.989  5.792   -38.408 1.00 25.23 ? 1234 HOH F O   1 
HETATM 1317 O O   . HOH L 2 .  ? 8.379   -1.416  37.598  1.00 18.57 ? 1278 HOH F O   1 
HETATM 1318 O O   . HOH L 2 .  ? 1.398   -0.628  4.061   1.00 30.20 ? 1288 HOH F O   1 
HETATM 1319 O O   . HOH L 2 .  ? 10.417  9.232   -23.121 1.00 30.46 ? 1293 HOH F O   1 
HETATM 1320 O O   . HOH L 2 .  ? -1.099  1.389   4.175   1.00 15.60 ? 1302 HOH F O   1 
HETATM 1321 O O   . HOH L 2 .  ? 1.194   7.954   -7.601  1.00 19.31 ? 1319 HOH F O   1 
HETATM 1322 O O   . HOH L 2 .  ? 0.190   12.792  -43.703 1.00 23.54 ? 1321 HOH F O   1 
HETATM 1323 O O   . HOH L 2 .  ? 10.254  -8.667  22.280  1.00 2.00  ? 1351 HOH F O   1 
HETATM 1324 O O   . HOH L 2 .  ? 8.702   2.630   -39.296 1.00 20.26 ? 1356 HOH F O   1 
HETATM 1325 O O   . HOH L 2 .  ? 2.042   -0.274  -1.152  1.00 34.14 ? 1374 HOH F O   1 
HETATM 1326 O O   . HOH L 2 .  ? 0.459   1.822   2.101   1.00 35.17 ? 1388 HOH F O   1 
HETATM 1327 O O   . HOH L 2 .  ? 3.096   9.190   -4.831  1.00 36.36 ? 1389 HOH F O   1 
# 
